data_7N99
#
_entry.id   7N99
#
_entity_poly.entity_id   1
_entity_poly.type   'polypeptide(L)'
_entity_poly.pdbx_seq_one_letter_code
;GPLGSIDKETIDLLAFTSVAELELLGLEKLKCELMALGLKCGGTLQERAARLFSVRGLAKEQIDPALFAKPLKGKKK
;
_entity_poly.pdbx_strand_id   A
#
# COMPACT_ATOMS: atom_id res chain seq x y z
N GLY A 1 -14.95 -5.64 -9.44
CA GLY A 1 -14.52 -6.35 -8.24
C GLY A 1 -14.19 -7.76 -8.59
N PRO A 2 -14.27 -8.71 -7.64
CA PRO A 2 -13.96 -10.11 -7.91
C PRO A 2 -15.09 -10.78 -8.71
N LEU A 3 -16.29 -10.78 -8.15
CA LEU A 3 -17.41 -11.41 -8.76
C LEU A 3 -18.67 -10.75 -8.22
N GLY A 4 -19.73 -10.76 -9.00
CA GLY A 4 -20.98 -10.23 -8.58
C GLY A 4 -21.00 -8.73 -8.62
N SER A 5 -21.72 -8.19 -7.71
CA SER A 5 -21.88 -6.76 -7.59
C SER A 5 -20.93 -6.24 -6.51
N ILE A 6 -20.00 -7.08 -6.10
CA ILE A 6 -18.99 -6.75 -5.12
C ILE A 6 -17.89 -5.97 -5.81
N ASP A 7 -17.77 -4.71 -5.46
CA ASP A 7 -16.79 -3.83 -6.07
C ASP A 7 -16.54 -2.69 -5.09
N LYS A 8 -15.54 -1.88 -5.34
CA LYS A 8 -15.28 -0.73 -4.48
C LYS A 8 -16.35 0.33 -4.73
N GLU A 9 -16.79 0.41 -6.00
CA GLU A 9 -17.85 1.34 -6.47
C GLU A 9 -17.57 2.79 -6.04
N THR A 10 -16.30 3.13 -6.03
CA THR A 10 -15.87 4.42 -5.58
C THR A 10 -15.20 5.20 -6.71
N ILE A 11 -15.69 6.37 -6.97
CA ILE A 11 -15.10 7.26 -7.94
C ILE A 11 -14.10 8.15 -7.20
N ASP A 12 -12.84 7.82 -7.37
CA ASP A 12 -11.69 8.47 -6.74
C ASP A 12 -11.63 8.15 -5.25
N LEU A 13 -10.67 7.36 -4.89
CA LEU A 13 -10.47 6.95 -3.53
C LEU A 13 -9.86 8.08 -2.74
N LEU A 14 -10.73 8.81 -2.11
CA LEU A 14 -10.37 9.91 -1.22
C LEU A 14 -9.41 9.47 -0.12
N ALA A 15 -9.58 8.24 0.30
CA ALA A 15 -8.68 7.63 1.25
C ALA A 15 -7.53 7.04 0.47
N PHE A 16 -6.34 7.48 0.76
CA PHE A 16 -5.18 7.02 0.05
C PHE A 16 -4.61 5.78 0.71
N THR A 17 -3.70 5.16 0.04
CA THR A 17 -3.07 3.97 0.47
C THR A 17 -1.69 4.37 0.96
N SER A 18 -1.69 5.25 1.92
CA SER A 18 -0.49 5.78 2.54
C SER A 18 0.37 4.74 3.24
N VAL A 19 1.16 4.06 2.46
CA VAL A 19 2.11 3.04 2.90
C VAL A 19 3.17 3.56 3.85
N ALA A 20 3.26 4.88 4.03
CA ALA A 20 4.23 5.46 4.96
C ALA A 20 3.93 4.94 6.36
N GLU A 21 2.64 4.75 6.60
CA GLU A 21 2.16 4.24 7.84
C GLU A 21 2.67 2.83 8.07
N LEU A 22 2.64 1.99 7.02
CA LEU A 22 3.11 0.61 7.11
C LEU A 22 4.61 0.57 7.26
N GLU A 23 5.25 1.51 6.61
CA GLU A 23 6.69 1.64 6.57
C GLU A 23 7.22 1.92 7.97
N LEU A 24 6.39 2.52 8.84
CA LEU A 24 6.83 2.81 10.19
C LEU A 24 6.82 1.52 11.03
N LEU A 25 6.05 0.52 10.56
CA LEU A 25 5.85 -0.72 11.29
C LEU A 25 7.06 -1.61 11.19
N GLY A 26 7.61 -1.69 10.00
CA GLY A 26 8.72 -2.54 9.73
C GLY A 26 9.02 -2.51 8.26
N LEU A 27 9.69 -3.52 7.77
CA LEU A 27 10.03 -3.58 6.35
C LEU A 27 9.68 -4.95 5.75
N GLU A 28 9.48 -5.95 6.60
CA GLU A 28 9.18 -7.31 6.12
C GLU A 28 7.84 -7.34 5.38
N LYS A 29 6.85 -6.66 5.93
CA LYS A 29 5.54 -6.53 5.32
C LYS A 29 5.64 -5.90 3.93
N LEU A 30 6.52 -4.91 3.81
CA LEU A 30 6.74 -4.18 2.61
C LEU A 30 7.33 -5.11 1.55
N LYS A 31 8.32 -5.89 1.96
CA LYS A 31 8.97 -6.83 1.06
C LYS A 31 8.00 -7.87 0.55
N CYS A 32 7.24 -8.45 1.45
CA CYS A 32 6.29 -9.47 1.09
C CYS A 32 5.22 -8.92 0.15
N GLU A 33 4.73 -7.71 0.44
CA GLU A 33 3.72 -7.08 -0.38
C GLU A 33 4.25 -6.81 -1.80
N LEU A 34 5.53 -6.47 -1.93
CA LEU A 34 6.14 -6.27 -3.24
C LEU A 34 6.22 -7.59 -3.97
N MET A 35 6.51 -8.64 -3.23
CA MET A 35 6.57 -9.97 -3.81
C MET A 35 5.19 -10.39 -4.28
N ALA A 36 4.16 -10.08 -3.49
CA ALA A 36 2.76 -10.32 -3.86
C ALA A 36 2.34 -9.52 -5.10
N LEU A 37 2.98 -8.38 -5.33
CA LEU A 37 2.74 -7.62 -6.57
C LEU A 37 3.33 -8.38 -7.73
N GLY A 38 4.43 -9.02 -7.45
CA GLY A 38 5.13 -9.75 -8.45
C GLY A 38 6.52 -9.22 -8.64
N LEU A 39 7.04 -8.55 -7.63
CA LEU A 39 8.38 -8.01 -7.69
C LEU A 39 9.31 -8.84 -6.82
N LYS A 40 10.61 -8.60 -6.93
CA LYS A 40 11.62 -9.33 -6.17
C LYS A 40 11.93 -8.60 -4.85
N CYS A 41 10.97 -7.78 -4.43
CA CYS A 41 11.03 -6.92 -3.22
C CYS A 41 12.27 -6.02 -3.14
N GLY A 42 12.87 -5.77 -4.29
CA GLY A 42 14.06 -4.98 -4.34
C GLY A 42 13.75 -3.54 -4.58
N GLY A 43 14.73 -2.82 -5.05
CA GLY A 43 14.59 -1.42 -5.29
C GLY A 43 14.97 -0.65 -4.05
N THR A 44 14.78 0.63 -4.11
CA THR A 44 15.10 1.48 -3.00
C THR A 44 13.93 1.51 -2.03
N LEU A 45 14.15 2.06 -0.84
CA LEU A 45 13.11 2.23 0.17
C LEU A 45 11.97 3.06 -0.48
N GLN A 46 12.40 4.10 -1.20
CA GLN A 46 11.49 4.97 -1.92
C GLN A 46 10.67 4.17 -2.95
N GLU A 47 11.34 3.36 -3.77
CA GLU A 47 10.69 2.50 -4.76
C GLU A 47 9.65 1.58 -4.13
N ARG A 48 9.99 0.99 -2.99
CA ARG A 48 9.11 0.05 -2.36
C ARG A 48 7.84 0.72 -1.90
N ALA A 49 8.00 1.88 -1.28
CA ALA A 49 6.88 2.63 -0.78
C ALA A 49 6.01 3.13 -1.92
N ALA A 50 6.63 3.53 -3.00
CA ALA A 50 5.90 4.15 -4.09
C ALA A 50 5.02 3.15 -4.81
N ARG A 51 5.55 1.97 -5.05
CA ARG A 51 4.80 0.94 -5.73
C ARG A 51 3.60 0.47 -4.91
N LEU A 52 3.79 0.30 -3.61
CA LEU A 52 2.73 -0.11 -2.75
C LEU A 52 1.68 0.99 -2.59
N PHE A 53 2.15 2.20 -2.53
CA PHE A 53 1.29 3.36 -2.39
C PHE A 53 0.40 3.50 -3.61
N SER A 54 0.99 3.36 -4.75
CA SER A 54 0.30 3.46 -6.02
C SER A 54 -0.62 2.28 -6.36
N VAL A 55 -0.68 1.24 -5.52
CA VAL A 55 -1.58 0.13 -5.77
C VAL A 55 -3.02 0.51 -5.28
N ARG A 56 -3.19 1.78 -4.98
CA ARG A 56 -4.43 2.42 -4.55
C ARG A 56 -5.63 2.01 -5.42
N GLY A 57 -6.51 1.20 -4.85
CA GLY A 57 -7.72 0.80 -5.54
C GLY A 57 -7.53 -0.40 -6.44
N LEU A 58 -6.30 -0.79 -6.67
CA LEU A 58 -6.01 -1.88 -7.54
C LEU A 58 -6.04 -3.18 -6.78
N ALA A 59 -6.74 -4.13 -7.31
CA ALA A 59 -6.82 -5.44 -6.72
C ALA A 59 -5.68 -6.28 -7.24
N LYS A 60 -5.54 -7.48 -6.74
CA LYS A 60 -4.45 -8.35 -7.12
C LYS A 60 -4.51 -8.70 -8.59
N GLU A 61 -5.70 -8.93 -9.09
CA GLU A 61 -5.87 -9.25 -10.51
C GLU A 61 -5.72 -8.02 -11.42
N GLN A 62 -5.56 -6.84 -10.82
CA GLN A 62 -5.43 -5.61 -11.59
C GLN A 62 -3.96 -5.20 -11.69
N ILE A 63 -3.09 -6.09 -11.27
CA ILE A 63 -1.68 -5.85 -11.36
C ILE A 63 -1.22 -6.25 -12.75
N ASP A 64 -0.45 -5.39 -13.38
CA ASP A 64 0.03 -5.56 -14.76
C ASP A 64 0.78 -6.89 -14.95
N PRO A 65 0.53 -7.61 -16.06
CA PRO A 65 1.18 -8.90 -16.35
C PRO A 65 2.69 -8.78 -16.54
N ALA A 66 3.15 -7.62 -16.98
CA ALA A 66 4.58 -7.43 -17.26
C ALA A 66 5.31 -6.90 -16.05
N LEU A 67 4.54 -6.57 -15.03
CA LEU A 67 5.07 -6.08 -13.78
C LEU A 67 5.63 -7.26 -12.98
N PHE A 68 5.13 -8.45 -13.29
CA PHE A 68 5.55 -9.65 -12.63
C PHE A 68 6.96 -10.03 -13.07
N ALA A 69 7.91 -9.82 -12.18
CA ALA A 69 9.30 -10.12 -12.43
C ALA A 69 9.82 -11.06 -11.35
N LYS A 70 8.95 -11.46 -10.47
CA LYS A 70 9.29 -12.32 -9.36
C LYS A 70 9.55 -13.74 -9.87
N PRO A 71 10.69 -14.33 -9.49
CA PRO A 71 11.02 -15.67 -9.88
C PRO A 71 10.11 -16.69 -9.19
N LEU A 72 9.18 -17.21 -9.93
CA LEU A 72 8.24 -18.14 -9.38
C LEU A 72 7.93 -19.23 -10.39
N LYS A 73 8.12 -20.47 -9.96
CA LYS A 73 7.79 -21.68 -10.72
C LYS A 73 8.46 -21.76 -12.09
N GLY A 74 7.78 -21.26 -13.11
CA GLY A 74 8.31 -21.33 -14.44
C GLY A 74 8.17 -20.02 -15.15
N LYS A 75 8.31 -18.95 -14.41
CA LYS A 75 8.27 -17.63 -14.96
C LYS A 75 9.19 -16.74 -14.17
N LYS A 76 10.11 -16.07 -14.87
CA LYS A 76 11.06 -15.11 -14.28
C LYS A 76 12.02 -15.74 -13.29
N LYS A 77 12.07 -17.06 -13.30
CA LYS A 77 12.88 -17.80 -12.38
C LYS A 77 13.98 -18.53 -13.13
N GLY A 1 -15.67 1.38 4.48
CA GLY A 1 -16.36 2.20 3.50
C GLY A 1 -15.65 2.12 2.18
N PRO A 2 -15.58 3.22 1.43
CA PRO A 2 -14.87 3.23 0.15
C PRO A 2 -13.36 3.11 0.33
N LEU A 3 -12.83 3.81 1.32
CA LEU A 3 -11.41 3.83 1.58
C LEU A 3 -11.00 2.49 2.18
N GLY A 4 -10.33 1.72 1.39
CA GLY A 4 -9.94 0.40 1.76
C GLY A 4 -10.15 -0.51 0.58
N SER A 5 -11.26 -0.32 -0.06
CA SER A 5 -11.59 -1.06 -1.23
C SER A 5 -11.11 -0.30 -2.45
N ILE A 6 -11.24 0.99 -2.39
CA ILE A 6 -10.76 1.89 -3.41
C ILE A 6 -10.04 3.04 -2.71
N ASP A 7 -9.50 3.94 -3.47
CA ASP A 7 -8.84 5.11 -2.94
C ASP A 7 -9.23 6.31 -3.76
N LYS A 8 -10.26 6.96 -3.33
CA LYS A 8 -10.77 8.13 -3.97
C LYS A 8 -11.10 9.14 -2.90
N GLU A 9 -11.22 10.40 -3.30
CA GLU A 9 -11.55 11.52 -2.40
C GLU A 9 -10.41 11.83 -1.44
N THR A 10 -9.25 11.35 -1.78
CA THR A 10 -8.06 11.59 -1.03
C THR A 10 -7.35 12.80 -1.61
N ILE A 11 -7.35 13.89 -0.90
CA ILE A 11 -6.79 15.13 -1.40
C ILE A 11 -5.45 15.43 -0.76
N ASP A 12 -5.48 15.67 0.53
CA ASP A 12 -4.30 16.07 1.27
C ASP A 12 -3.36 14.88 1.46
N LEU A 13 -2.07 15.11 1.33
CA LEU A 13 -1.09 14.06 1.40
C LEU A 13 -0.84 13.62 2.85
N LEU A 14 -0.96 14.55 3.78
CA LEU A 14 -0.71 14.28 5.19
C LEU A 14 -1.86 13.49 5.80
N ALA A 15 -3.03 13.61 5.18
CA ALA A 15 -4.25 12.91 5.61
C ALA A 15 -4.21 11.40 5.30
N PHE A 16 -3.14 10.76 5.76
CA PHE A 16 -2.89 9.32 5.64
C PHE A 16 -2.81 8.83 4.20
N THR A 17 -2.68 9.74 3.28
CA THR A 17 -2.58 9.42 1.90
C THR A 17 -1.15 8.95 1.59
N SER A 18 -0.22 9.45 2.36
CA SER A 18 1.16 9.10 2.21
C SER A 18 1.47 7.73 2.85
N VAL A 19 1.74 6.79 1.98
CA VAL A 19 2.07 5.40 2.19
C VAL A 19 3.22 5.10 3.21
N ALA A 20 3.77 6.14 3.75
CA ALA A 20 4.81 6.09 4.75
C ALA A 20 4.27 5.40 6.01
N GLU A 21 2.95 5.48 6.17
CA GLU A 21 2.28 4.86 7.27
C GLU A 21 2.42 3.34 7.27
N LEU A 22 2.28 2.71 6.12
CA LEU A 22 2.49 1.26 6.01
C LEU A 22 3.96 0.96 6.17
N GLU A 23 4.77 1.87 5.68
CA GLU A 23 6.21 1.73 5.67
C GLU A 23 6.78 1.68 7.09
N LEU A 24 6.06 2.22 8.07
CA LEU A 24 6.58 2.27 9.44
C LEU A 24 6.48 0.91 10.15
N LEU A 25 5.95 -0.10 9.47
CA LEU A 25 5.73 -1.41 10.07
C LEU A 25 7.04 -2.16 10.24
N GLY A 26 7.96 -1.95 9.34
CA GLY A 26 9.21 -2.65 9.37
C GLY A 26 9.83 -2.63 8.01
N LEU A 27 10.49 -3.70 7.64
CA LEU A 27 11.11 -3.77 6.33
C LEU A 27 10.68 -5.05 5.60
N GLU A 28 10.74 -6.14 6.33
CA GLU A 28 10.50 -7.48 5.79
C GLU A 28 9.07 -7.64 5.27
N LYS A 29 8.10 -7.13 6.02
CA LYS A 29 6.69 -7.16 5.64
C LYS A 29 6.48 -6.52 4.26
N LEU A 30 7.11 -5.38 4.05
CA LEU A 30 7.05 -4.64 2.83
C LEU A 30 7.71 -5.43 1.68
N LYS A 31 8.69 -6.25 2.02
CA LYS A 31 9.26 -7.14 1.03
C LYS A 31 8.24 -8.13 0.50
N CYS A 32 7.48 -8.75 1.41
CA CYS A 32 6.44 -9.69 1.02
C CYS A 32 5.40 -8.96 0.21
N GLU A 33 5.08 -7.75 0.65
CA GLU A 33 4.20 -6.84 -0.06
C GLU A 33 4.57 -6.66 -1.54
N LEU A 34 5.86 -6.44 -1.82
CA LEU A 34 6.30 -6.34 -3.17
C LEU A 34 6.23 -7.67 -3.89
N MET A 35 6.48 -8.75 -3.18
CA MET A 35 6.46 -10.08 -3.76
C MET A 35 5.07 -10.46 -4.20
N ALA A 36 4.09 -10.23 -3.33
CA ALA A 36 2.68 -10.49 -3.64
C ALA A 36 2.22 -9.71 -4.88
N LEU A 37 2.78 -8.52 -5.06
CA LEU A 37 2.44 -7.70 -6.22
C LEU A 37 3.04 -8.27 -7.52
N GLY A 38 4.01 -9.16 -7.37
CA GLY A 38 4.64 -9.77 -8.51
C GLY A 38 6.06 -9.31 -8.71
N LEU A 39 6.54 -8.52 -7.78
CA LEU A 39 7.88 -7.96 -7.88
C LEU A 39 8.85 -8.83 -7.07
N LYS A 40 10.14 -8.58 -7.22
CA LYS A 40 11.15 -9.42 -6.53
C LYS A 40 11.70 -8.79 -5.27
N CYS A 41 10.98 -7.79 -4.80
CA CYS A 41 11.22 -7.05 -3.54
C CYS A 41 12.69 -6.59 -3.37
N GLY A 42 13.35 -6.29 -4.46
CA GLY A 42 14.73 -5.87 -4.40
C GLY A 42 14.83 -4.37 -4.18
N GLY A 43 13.72 -3.68 -4.35
CA GLY A 43 13.69 -2.25 -4.21
C GLY A 43 13.82 -1.80 -2.79
N THR A 44 14.37 -0.63 -2.62
CA THR A 44 14.59 -0.04 -1.34
C THR A 44 13.27 0.49 -0.76
N LEU A 45 13.35 1.02 0.45
CA LEU A 45 12.23 1.53 1.18
C LEU A 45 11.37 2.50 0.38
N GLN A 46 12.01 3.41 -0.34
CA GLN A 46 11.29 4.37 -1.14
C GLN A 46 10.43 3.67 -2.18
N GLU A 47 11.03 2.75 -2.93
CA GLU A 47 10.34 1.99 -3.96
C GLU A 47 9.20 1.17 -3.39
N ARG A 48 9.41 0.56 -2.22
CA ARG A 48 8.41 -0.30 -1.62
C ARG A 48 7.19 0.51 -1.27
N ALA A 49 7.43 1.66 -0.67
CA ALA A 49 6.36 2.57 -0.35
C ALA A 49 5.70 3.13 -1.60
N ALA A 50 6.49 3.43 -2.62
CA ALA A 50 5.95 4.05 -3.82
C ALA A 50 5.01 3.12 -4.55
N ARG A 51 5.40 1.85 -4.65
CA ARG A 51 4.57 0.86 -5.27
C ARG A 51 3.28 0.61 -4.48
N LEU A 52 3.39 0.56 -3.16
CA LEU A 52 2.24 0.38 -2.32
C LEU A 52 1.32 1.59 -2.36
N PHE A 53 1.91 2.75 -2.47
CA PHE A 53 1.19 3.99 -2.54
C PHE A 53 0.31 4.03 -3.77
N SER A 54 0.91 3.64 -4.86
CA SER A 54 0.24 3.58 -6.15
C SER A 54 -0.76 2.40 -6.27
N VAL A 55 -0.65 1.41 -5.40
CA VAL A 55 -1.46 0.25 -5.49
C VAL A 55 -2.67 0.36 -4.56
N ARG A 56 -2.70 1.41 -3.76
CA ARG A 56 -3.78 1.58 -2.83
C ARG A 56 -5.04 1.94 -3.58
N GLY A 57 -6.09 1.26 -3.25
CA GLY A 57 -7.33 1.47 -3.91
C GLY A 57 -7.58 0.41 -4.93
N LEU A 58 -6.57 -0.37 -5.20
CA LEU A 58 -6.67 -1.40 -6.16
C LEU A 58 -7.04 -2.69 -5.50
N ALA A 59 -8.01 -3.33 -6.05
CA ALA A 59 -8.41 -4.62 -5.61
C ALA A 59 -7.54 -5.63 -6.34
N LYS A 60 -7.67 -6.89 -6.02
CA LYS A 60 -6.83 -7.93 -6.62
C LYS A 60 -7.04 -7.98 -8.13
N GLU A 61 -8.28 -7.79 -8.56
CA GLU A 61 -8.63 -7.78 -9.99
C GLU A 61 -8.15 -6.49 -10.68
N GLN A 62 -7.63 -5.57 -9.90
CA GLN A 62 -7.11 -4.33 -10.43
C GLN A 62 -5.59 -4.35 -10.39
N ILE A 63 -5.04 -5.40 -9.83
CA ILE A 63 -3.60 -5.59 -9.79
C ILE A 63 -3.25 -6.43 -11.00
N ASP A 64 -2.99 -5.77 -12.10
CA ASP A 64 -2.73 -6.42 -13.36
C ASP A 64 -1.36 -7.05 -13.40
N PRO A 65 -1.27 -8.33 -13.78
CA PRO A 65 -0.01 -9.08 -13.84
C PRO A 65 1.00 -8.45 -14.81
N ALA A 66 0.51 -7.83 -15.87
CA ALA A 66 1.42 -7.29 -16.87
C ALA A 66 1.88 -5.90 -16.47
N LEU A 67 1.12 -5.28 -15.59
CA LEU A 67 1.41 -3.95 -15.08
C LEU A 67 2.63 -4.04 -14.14
N PHE A 68 2.84 -5.22 -13.57
CA PHE A 68 3.95 -5.47 -12.70
C PHE A 68 4.99 -6.34 -13.39
N ALA A 69 4.83 -6.48 -14.68
CA ALA A 69 5.76 -7.24 -15.47
C ALA A 69 6.72 -6.29 -16.14
N LYS A 70 7.88 -6.17 -15.57
CA LYS A 70 8.87 -5.24 -16.05
C LYS A 70 10.24 -5.88 -15.83
N PRO A 71 11.21 -5.72 -16.78
CA PRO A 71 12.57 -6.35 -16.69
C PRO A 71 13.50 -5.77 -15.60
N LEU A 72 12.88 -5.22 -14.62
CA LEU A 72 13.50 -4.65 -13.46
C LEU A 72 12.42 -4.43 -12.45
N LYS A 73 12.78 -4.47 -11.18
CA LYS A 73 11.85 -4.39 -10.02
C LYS A 73 11.08 -5.71 -9.84
N GLY A 74 10.58 -6.24 -10.92
CA GLY A 74 9.88 -7.49 -10.91
C GLY A 74 10.37 -8.37 -12.01
N LYS A 75 11.68 -8.44 -12.16
CA LYS A 75 12.27 -9.25 -13.19
C LYS A 75 12.20 -10.71 -12.79
N LYS A 76 11.46 -11.48 -13.54
CA LYS A 76 11.25 -12.88 -13.26
C LYS A 76 12.50 -13.67 -13.57
N LYS A 77 12.98 -14.37 -12.59
CA LYS A 77 14.15 -15.17 -12.69
C LYS A 77 13.85 -16.52 -12.10
N GLY A 1 7.92 0.97 21.25
CA GLY A 1 9.22 1.60 21.40
C GLY A 1 10.29 0.64 20.98
N PRO A 2 11.45 1.14 20.47
CA PRO A 2 12.56 0.27 20.05
C PRO A 2 13.22 -0.44 21.24
N LEU A 3 12.97 0.10 22.42
CA LEU A 3 13.46 -0.43 23.65
C LEU A 3 12.41 -0.21 24.72
N GLY A 4 12.51 -0.92 25.81
CA GLY A 4 11.56 -0.80 26.88
C GLY A 4 10.30 -1.58 26.59
N SER A 5 9.37 -0.97 25.93
CA SER A 5 8.15 -1.62 25.56
C SER A 5 8.17 -1.84 24.06
N ILE A 6 8.61 -3.00 23.68
CA ILE A 6 8.67 -3.35 22.29
C ILE A 6 7.36 -4.01 21.91
N ASP A 7 6.46 -3.22 21.41
CA ASP A 7 5.14 -3.70 21.08
C ASP A 7 5.07 -3.98 19.61
N LYS A 8 5.10 -5.23 19.28
CA LYS A 8 5.08 -5.66 17.91
C LYS A 8 3.65 -5.74 17.42
N GLU A 9 3.08 -4.59 17.16
CA GLU A 9 1.73 -4.50 16.70
C GLU A 9 1.72 -4.48 15.19
N THR A 10 0.64 -4.91 14.61
CA THR A 10 0.47 -4.92 13.19
C THR A 10 -1.00 -4.72 12.84
N ILE A 11 -1.38 -3.48 12.72
CA ILE A 11 -2.73 -3.11 12.38
C ILE A 11 -2.82 -2.86 10.90
N ASP A 12 -3.59 -3.64 10.22
CA ASP A 12 -3.75 -3.48 8.80
C ASP A 12 -5.18 -3.08 8.51
N LEU A 13 -5.43 -1.80 8.56
CA LEU A 13 -6.73 -1.25 8.35
C LEU A 13 -6.58 0.20 7.99
N LEU A 14 -6.99 0.53 6.77
CA LEU A 14 -6.94 1.85 6.19
C LEU A 14 -5.52 2.42 6.17
N ALA A 15 -4.53 1.56 6.26
CA ALA A 15 -3.14 1.96 6.32
C ALA A 15 -2.53 1.95 4.92
N PHE A 16 -3.29 1.41 3.97
CA PHE A 16 -2.85 1.31 2.61
C PHE A 16 -2.97 2.64 1.89
N THR A 17 -3.66 3.53 2.52
CA THR A 17 -3.98 4.83 2.02
C THR A 17 -2.70 5.69 1.92
N SER A 18 -1.85 5.54 2.89
CA SER A 18 -0.58 6.18 2.89
C SER A 18 0.46 5.20 3.41
N VAL A 19 1.20 4.62 2.49
CA VAL A 19 2.19 3.57 2.75
C VAL A 19 3.29 3.92 3.75
N ALA A 20 3.38 5.17 4.13
CA ALA A 20 4.31 5.59 5.16
C ALA A 20 3.90 4.92 6.48
N GLU A 21 2.60 4.68 6.61
CA GLU A 21 2.06 4.00 7.73
C GLU A 21 2.62 2.59 7.79
N LEU A 22 2.68 1.91 6.64
CA LEU A 22 3.18 0.54 6.57
C LEU A 22 4.67 0.55 6.86
N GLU A 23 5.32 1.61 6.39
CA GLU A 23 6.73 1.80 6.55
C GLU A 23 7.12 1.88 8.01
N LEU A 24 6.21 2.33 8.88
CA LEU A 24 6.55 2.47 10.29
C LEU A 24 6.57 1.10 11.00
N LEU A 25 6.07 0.06 10.32
CA LEU A 25 5.99 -1.27 10.88
C LEU A 25 7.37 -1.88 10.91
N GLY A 26 7.99 -1.88 9.74
CA GLY A 26 9.26 -2.48 9.53
C GLY A 26 9.48 -2.54 8.06
N LEU A 27 10.07 -3.60 7.57
CA LEU A 27 10.28 -3.75 6.14
C LEU A 27 9.88 -5.13 5.61
N GLU A 28 9.67 -6.09 6.51
CA GLU A 28 9.29 -7.45 6.08
C GLU A 28 7.92 -7.43 5.39
N LYS A 29 6.98 -6.69 5.96
CA LYS A 29 5.67 -6.49 5.35
C LYS A 29 5.78 -5.87 3.97
N LEU A 30 6.68 -4.91 3.85
CA LEU A 30 6.90 -4.21 2.65
C LEU A 30 7.44 -5.17 1.59
N LYS A 31 8.43 -5.97 2.00
CA LYS A 31 9.02 -6.94 1.10
C LYS A 31 8.01 -7.97 0.65
N CYS A 32 7.26 -8.52 1.60
CA CYS A 32 6.27 -9.53 1.32
C CYS A 32 5.17 -8.99 0.41
N GLU A 33 4.71 -7.77 0.70
CA GLU A 33 3.71 -7.08 -0.11
C GLU A 33 4.21 -6.97 -1.57
N LEU A 34 5.48 -6.62 -1.75
CA LEU A 34 6.07 -6.52 -3.08
C LEU A 34 6.17 -7.87 -3.74
N MET A 35 6.49 -8.89 -2.95
CA MET A 35 6.58 -10.25 -3.46
C MET A 35 5.21 -10.76 -3.89
N ALA A 36 4.17 -10.40 -3.13
CA ALA A 36 2.77 -10.68 -3.50
C ALA A 36 2.36 -9.93 -4.79
N LEU A 37 3.06 -8.84 -5.10
CA LEU A 37 2.88 -8.13 -6.38
C LEU A 37 3.64 -8.85 -7.49
N GLY A 38 4.39 -9.86 -7.11
CA GLY A 38 5.17 -10.62 -8.04
C GLY A 38 6.58 -10.11 -8.16
N LEU A 39 6.88 -9.05 -7.43
CA LEU A 39 8.16 -8.37 -7.53
C LEU A 39 9.24 -9.09 -6.72
N LYS A 40 10.46 -8.63 -6.85
CA LYS A 40 11.60 -9.25 -6.20
C LYS A 40 11.96 -8.47 -4.92
N CYS A 41 10.99 -7.68 -4.50
CA CYS A 41 11.02 -6.84 -3.28
C CYS A 41 12.27 -5.92 -3.21
N GLY A 42 12.80 -5.60 -4.36
CA GLY A 42 13.96 -4.77 -4.44
C GLY A 42 13.61 -3.32 -4.53
N GLY A 43 14.43 -2.57 -5.21
CA GLY A 43 14.26 -1.15 -5.31
C GLY A 43 14.72 -0.48 -4.06
N THR A 44 14.67 0.81 -4.04
CA THR A 44 15.03 1.56 -2.89
C THR A 44 13.85 1.58 -1.92
N LEU A 45 14.09 2.04 -0.70
CA LEU A 45 13.05 2.21 0.26
C LEU A 45 11.95 3.10 -0.34
N GLN A 46 12.39 4.13 -1.05
CA GLN A 46 11.51 5.07 -1.74
C GLN A 46 10.64 4.33 -2.77
N GLU A 47 11.29 3.51 -3.64
CA GLU A 47 10.59 2.74 -4.67
C GLU A 47 9.54 1.82 -4.09
N ARG A 48 9.89 1.17 -2.98
CA ARG A 48 9.01 0.20 -2.37
C ARG A 48 7.74 0.87 -1.89
N ALA A 49 7.91 2.02 -1.25
CA ALA A 49 6.80 2.80 -0.79
C ALA A 49 5.96 3.30 -1.96
N ALA A 50 6.62 3.69 -3.04
CA ALA A 50 5.91 4.30 -4.15
C ALA A 50 5.05 3.28 -4.88
N ARG A 51 5.60 2.10 -5.12
CA ARG A 51 4.86 1.05 -5.80
C ARG A 51 3.62 0.64 -5.00
N LEU A 52 3.77 0.53 -3.69
CA LEU A 52 2.67 0.19 -2.84
C LEU A 52 1.64 1.31 -2.75
N PHE A 53 2.11 2.52 -2.74
CA PHE A 53 1.24 3.68 -2.69
C PHE A 53 0.38 3.74 -3.93
N SER A 54 0.98 3.50 -5.04
CA SER A 54 0.28 3.47 -6.32
C SER A 54 -0.82 2.35 -6.44
N VAL A 55 -0.79 1.30 -5.59
CA VAL A 55 -1.69 0.20 -5.74
C VAL A 55 -3.04 0.42 -4.97
N ARG A 56 -3.27 1.63 -4.50
CA ARG A 56 -4.49 1.97 -3.80
C ARG A 56 -5.65 2.02 -4.79
N GLY A 57 -6.70 1.27 -4.51
CA GLY A 57 -7.91 1.32 -5.31
C GLY A 57 -7.82 0.48 -6.56
N LEU A 58 -6.85 0.78 -7.39
CA LEU A 58 -6.64 0.07 -8.62
C LEU A 58 -6.10 -1.31 -8.33
N ALA A 59 -6.73 -2.29 -8.92
CA ALA A 59 -6.33 -3.66 -8.76
C ALA A 59 -5.06 -3.90 -9.54
N LYS A 60 -4.37 -4.98 -9.25
CA LYS A 60 -3.09 -5.28 -9.87
C LYS A 60 -3.21 -5.33 -11.41
N GLU A 61 -4.30 -5.89 -11.91
CA GLU A 61 -4.56 -5.97 -13.34
C GLU A 61 -5.01 -4.62 -13.94
N GLN A 62 -5.37 -3.67 -13.09
CA GLN A 62 -5.87 -2.36 -13.55
C GLN A 62 -4.74 -1.36 -13.63
N ILE A 63 -3.59 -1.76 -13.16
CA ILE A 63 -2.40 -0.96 -13.24
C ILE A 63 -1.60 -1.48 -14.43
N ASP A 64 -0.80 -0.64 -15.06
CA ASP A 64 -0.06 -1.04 -16.26
C ASP A 64 0.94 -2.16 -15.94
N PRO A 65 0.96 -3.23 -16.75
CA PRO A 65 1.83 -4.39 -16.55
C PRO A 65 3.31 -4.05 -16.64
N ALA A 66 3.65 -3.00 -17.39
CA ALA A 66 5.06 -2.68 -17.60
C ALA A 66 5.68 -2.07 -16.37
N LEU A 67 4.84 -1.57 -15.48
CA LEU A 67 5.25 -1.00 -14.28
C LEU A 67 5.64 -2.10 -13.29
N PHE A 68 5.29 -3.32 -13.59
CA PHE A 68 5.60 -4.42 -12.77
C PHE A 68 6.57 -5.36 -13.45
N ALA A 69 7.81 -5.27 -13.05
CA ALA A 69 8.81 -6.18 -13.52
C ALA A 69 8.84 -7.33 -12.55
N LYS A 70 8.07 -8.34 -12.83
CA LYS A 70 7.89 -9.41 -11.90
C LYS A 70 8.54 -10.73 -12.36
N PRO A 71 9.49 -11.28 -11.56
CA PRO A 71 10.10 -12.60 -11.81
C PRO A 71 9.21 -13.74 -11.31
N LEU A 72 8.00 -13.40 -11.09
CA LEU A 72 6.94 -14.29 -10.68
C LEU A 72 5.77 -14.09 -11.61
N LYS A 73 6.10 -13.79 -12.86
CA LYS A 73 5.13 -13.48 -13.90
C LYS A 73 4.25 -14.67 -14.26
N GLY A 74 4.69 -15.86 -13.93
CA GLY A 74 3.89 -17.03 -14.19
C GLY A 74 3.31 -17.65 -12.92
N LYS A 75 3.62 -17.04 -11.80
CA LYS A 75 3.18 -17.59 -10.53
C LYS A 75 2.28 -16.62 -9.80
N LYS A 76 1.04 -17.00 -9.65
CA LYS A 76 0.06 -16.21 -8.96
C LYS A 76 -0.85 -17.13 -8.19
N LYS A 77 -0.63 -17.20 -6.90
CA LYS A 77 -1.41 -18.03 -6.03
C LYS A 77 -1.24 -17.45 -4.63
N GLY A 1 1.66 -14.96 18.65
CA GLY A 1 3.10 -15.09 18.83
C GLY A 1 3.46 -16.47 19.31
N PRO A 2 4.71 -16.72 19.71
CA PRO A 2 5.13 -18.02 20.22
C PRO A 2 4.40 -18.37 21.52
N LEU A 3 4.66 -17.61 22.56
CA LEU A 3 4.03 -17.84 23.83
C LEU A 3 3.60 -16.50 24.44
N GLY A 4 4.56 -15.65 24.65
CA GLY A 4 4.29 -14.35 25.21
C GLY A 4 4.85 -13.26 24.33
N SER A 5 3.96 -12.57 23.65
CA SER A 5 4.31 -11.46 22.79
C SER A 5 3.09 -10.56 22.64
N ILE A 6 3.27 -9.40 22.08
CA ILE A 6 2.18 -8.48 21.86
C ILE A 6 1.76 -8.60 20.40
N ASP A 7 0.71 -9.32 20.18
CA ASP A 7 0.20 -9.51 18.85
C ASP A 7 -0.78 -8.42 18.52
N LYS A 8 -0.57 -7.75 17.44
CA LYS A 8 -1.45 -6.71 16.99
C LYS A 8 -1.96 -7.05 15.61
N GLU A 9 -2.82 -8.02 15.56
CA GLU A 9 -3.36 -8.50 14.32
C GLU A 9 -4.78 -8.02 14.20
N THR A 10 -4.95 -6.94 13.51
CA THR A 10 -6.24 -6.36 13.32
C THR A 10 -6.58 -6.40 11.83
N ILE A 11 -7.37 -7.38 11.43
CA ILE A 11 -7.73 -7.53 10.05
C ILE A 11 -8.79 -6.51 9.65
N ASP A 12 -8.30 -5.35 9.33
CA ASP A 12 -9.08 -4.18 8.90
C ASP A 12 -8.09 -3.13 8.54
N LEU A 13 -7.08 -3.09 9.35
CA LEU A 13 -5.97 -2.22 9.18
C LEU A 13 -4.79 -3.02 8.67
N LEU A 14 -4.86 -3.43 7.43
CA LEU A 14 -3.78 -4.17 6.84
C LEU A 14 -2.89 -3.21 6.07
N ALA A 15 -3.48 -2.09 5.77
CA ALA A 15 -2.84 -0.99 5.13
C ALA A 15 -3.52 0.25 5.66
N PHE A 16 -2.90 1.38 5.51
CA PHE A 16 -3.46 2.60 6.01
C PHE A 16 -3.71 3.58 4.86
N THR A 17 -3.93 4.82 5.18
CA THR A 17 -4.22 5.84 4.21
C THR A 17 -2.97 6.17 3.38
N SER A 18 -1.87 6.39 4.05
CA SER A 18 -0.63 6.72 3.38
C SER A 18 0.42 5.65 3.70
N VAL A 19 1.19 5.20 2.70
CA VAL A 19 2.18 4.13 2.89
C VAL A 19 3.28 4.44 3.87
N ALA A 20 3.45 5.71 4.23
CA ALA A 20 4.44 6.10 5.23
C ALA A 20 4.06 5.49 6.57
N GLU A 21 2.76 5.28 6.73
CA GLU A 21 2.24 4.70 7.92
C GLU A 21 2.68 3.23 8.02
N LEU A 22 2.62 2.46 6.91
CA LEU A 22 3.10 1.07 6.91
C LEU A 22 4.61 1.03 7.04
N GLU A 23 5.23 2.06 6.49
CA GLU A 23 6.66 2.24 6.51
C GLU A 23 7.18 2.30 7.94
N LEU A 24 6.34 2.81 8.85
CA LEU A 24 6.71 2.90 10.25
C LEU A 24 6.57 1.53 10.94
N LEU A 25 5.80 0.62 10.32
CA LEU A 25 5.46 -0.67 10.93
C LEU A 25 6.62 -1.62 10.92
N GLY A 26 7.05 -1.98 9.73
CA GLY A 26 8.08 -2.95 9.58
C GLY A 26 8.78 -2.81 8.27
N LEU A 27 9.30 -3.89 7.76
CA LEU A 27 10.07 -3.90 6.52
C LEU A 27 9.80 -5.17 5.71
N GLU A 28 9.63 -6.30 6.41
CA GLU A 28 9.35 -7.57 5.78
C GLU A 28 8.02 -7.55 5.07
N LYS A 29 7.02 -6.95 5.72
CA LYS A 29 5.68 -6.79 5.16
C LYS A 29 5.74 -6.13 3.78
N LEU A 30 6.60 -5.13 3.66
CA LEU A 30 6.80 -4.40 2.45
C LEU A 30 7.36 -5.31 1.37
N LYS A 31 8.37 -6.08 1.76
CA LYS A 31 9.01 -6.99 0.83
C LYS A 31 8.07 -8.05 0.31
N CYS A 32 7.34 -8.69 1.22
CA CYS A 32 6.42 -9.73 0.86
C CYS A 32 5.31 -9.20 -0.04
N GLU A 33 4.78 -8.03 0.30
CA GLU A 33 3.75 -7.37 -0.51
C GLU A 33 4.22 -7.22 -1.95
N LEU A 34 5.46 -6.75 -2.14
CA LEU A 34 6.00 -6.55 -3.45
C LEU A 34 6.25 -7.87 -4.16
N MET A 35 6.67 -8.88 -3.39
CA MET A 35 6.89 -10.21 -3.93
C MET A 35 5.62 -10.75 -4.54
N ALA A 36 4.54 -10.69 -3.77
CA ALA A 36 3.22 -11.10 -4.24
C ALA A 36 2.69 -10.21 -5.38
N LEU A 37 3.24 -9.01 -5.51
CA LEU A 37 2.90 -8.15 -6.65
C LEU A 37 3.66 -8.56 -7.90
N GLY A 38 4.48 -9.57 -7.77
CA GLY A 38 5.21 -10.10 -8.90
C GLY A 38 6.60 -9.51 -9.01
N LEU A 39 6.95 -8.70 -8.07
CA LEU A 39 8.23 -8.05 -8.07
C LEU A 39 9.18 -8.82 -7.17
N LYS A 40 10.44 -8.51 -7.24
CA LYS A 40 11.43 -9.18 -6.40
C LYS A 40 11.77 -8.30 -5.20
N CYS A 41 10.83 -7.40 -4.91
CA CYS A 41 10.87 -6.42 -3.81
C CYS A 41 12.17 -5.58 -3.81
N GLY A 42 12.75 -5.45 -4.98
CA GLY A 42 13.98 -4.75 -5.12
C GLY A 42 13.77 -3.27 -5.23
N GLY A 43 14.85 -2.57 -5.36
CA GLY A 43 14.79 -1.17 -5.44
C GLY A 43 15.04 -0.56 -4.10
N THR A 44 14.88 0.70 -4.00
CA THR A 44 15.07 1.40 -2.78
C THR A 44 13.84 1.27 -1.89
N LEU A 45 13.99 1.63 -0.62
CA LEU A 45 12.86 1.69 0.30
C LEU A 45 11.85 2.70 -0.26
N GLN A 46 12.40 3.75 -0.88
CA GLN A 46 11.61 4.78 -1.55
C GLN A 46 10.74 4.12 -2.64
N GLU A 47 11.37 3.32 -3.49
CA GLU A 47 10.71 2.57 -4.55
C GLU A 47 9.59 1.69 -4.02
N ARG A 48 9.85 1.03 -2.90
CA ARG A 48 8.92 0.10 -2.29
C ARG A 48 7.66 0.81 -1.83
N ALA A 49 7.85 1.97 -1.19
CA ALA A 49 6.74 2.78 -0.71
C ALA A 49 5.90 3.28 -1.87
N ALA A 50 6.56 3.64 -2.97
CA ALA A 50 5.87 4.18 -4.11
C ALA A 50 4.99 3.13 -4.76
N ARG A 51 5.51 1.91 -4.89
CA ARG A 51 4.75 0.82 -5.45
C ARG A 51 3.55 0.46 -4.59
N LEU A 52 3.74 0.46 -3.28
CA LEU A 52 2.69 0.14 -2.35
C LEU A 52 1.60 1.20 -2.37
N PHE A 53 2.03 2.44 -2.46
CA PHE A 53 1.13 3.57 -2.51
C PHE A 53 0.28 3.52 -3.75
N SER A 54 0.91 3.25 -4.83
CA SER A 54 0.25 3.15 -6.11
C SER A 54 -0.67 1.90 -6.23
N VAL A 55 -0.56 0.93 -5.33
CA VAL A 55 -1.37 -0.22 -5.41
C VAL A 55 -2.58 -0.09 -4.47
N ARG A 56 -2.63 1.04 -3.73
CA ARG A 56 -3.72 1.33 -2.81
C ARG A 56 -5.04 1.37 -3.56
N GLY A 57 -5.98 0.59 -3.13
CA GLY A 57 -7.21 0.45 -3.85
C GLY A 57 -7.27 -0.94 -4.41
N LEU A 58 -7.26 -1.89 -3.51
CA LEU A 58 -7.21 -3.29 -3.84
C LEU A 58 -8.54 -3.82 -4.34
N ALA A 59 -8.48 -4.81 -5.19
CA ALA A 59 -9.67 -5.46 -5.71
C ALA A 59 -10.16 -6.48 -4.68
N LYS A 60 -11.40 -6.93 -4.81
CA LYS A 60 -12.02 -7.85 -3.84
C LYS A 60 -11.22 -9.13 -3.62
N GLU A 61 -10.58 -9.64 -4.65
CA GLU A 61 -9.76 -10.83 -4.51
C GLU A 61 -8.47 -10.57 -3.73
N GLN A 62 -8.09 -9.32 -3.60
CA GLN A 62 -6.90 -8.98 -2.86
C GLN A 62 -7.28 -8.61 -1.44
N ILE A 63 -8.56 -8.35 -1.22
CA ILE A 63 -9.06 -8.02 0.09
C ILE A 63 -9.09 -9.30 0.92
N ASP A 64 -8.65 -9.21 2.15
CA ASP A 64 -8.66 -10.35 3.06
C ASP A 64 -10.10 -10.80 3.29
N PRO A 65 -10.37 -12.12 3.24
CA PRO A 65 -11.72 -12.67 3.42
C PRO A 65 -12.34 -12.32 4.79
N ALA A 66 -11.49 -12.07 5.78
CA ALA A 66 -11.96 -11.76 7.12
C ALA A 66 -12.14 -10.25 7.31
N LEU A 67 -11.74 -9.49 6.30
CA LEU A 67 -11.87 -8.03 6.33
C LEU A 67 -13.33 -7.65 6.03
N PHE A 68 -14.02 -8.56 5.36
CA PHE A 68 -15.41 -8.37 5.01
C PHE A 68 -16.27 -8.47 6.28
N ALA A 69 -17.45 -7.89 6.23
CA ALA A 69 -18.35 -7.86 7.36
C ALA A 69 -19.02 -9.21 7.59
N LYS A 70 -19.12 -9.99 6.53
CA LYS A 70 -19.69 -11.32 6.60
C LYS A 70 -18.82 -12.24 7.48
N PRO A 71 -19.40 -12.82 8.55
CA PRO A 71 -18.69 -13.74 9.46
C PRO A 71 -18.07 -14.94 8.72
N LEU A 72 -16.93 -15.37 9.19
CA LEU A 72 -16.19 -16.43 8.56
C LEU A 72 -15.44 -17.20 9.63
N LYS A 73 -15.37 -18.51 9.48
CA LYS A 73 -14.59 -19.33 10.37
C LYS A 73 -13.19 -19.45 9.81
N GLY A 74 -13.13 -19.64 8.53
CA GLY A 74 -11.89 -19.75 7.85
C GLY A 74 -12.12 -20.34 6.50
N LYS A 75 -11.14 -20.30 5.66
CA LYS A 75 -11.28 -20.83 4.33
C LYS A 75 -10.68 -22.22 4.29
N LYS A 76 -11.31 -23.11 3.59
CA LYS A 76 -10.81 -24.45 3.44
C LYS A 76 -10.53 -24.72 1.98
N LYS A 77 -9.28 -24.76 1.62
CA LYS A 77 -8.84 -24.95 0.26
C LYS A 77 -7.84 -26.08 0.25
N GLY A 1 -13.55 6.04 -3.53
CA GLY A 1 -12.54 7.03 -3.90
C GLY A 1 -13.10 8.43 -3.79
N PRO A 2 -12.24 9.48 -3.77
CA PRO A 2 -12.67 10.89 -3.61
C PRO A 2 -13.88 11.29 -4.48
N LEU A 3 -13.87 10.88 -5.73
CA LEU A 3 -14.95 11.18 -6.63
C LEU A 3 -16.02 10.11 -6.48
N GLY A 4 -16.89 10.32 -5.54
CA GLY A 4 -17.97 9.39 -5.32
C GLY A 4 -18.16 9.11 -3.85
N SER A 5 -17.07 8.90 -3.15
CA SER A 5 -17.12 8.64 -1.75
C SER A 5 -17.01 9.94 -0.96
N ILE A 6 -18.15 10.54 -0.68
CA ILE A 6 -18.21 11.75 0.08
C ILE A 6 -19.21 11.56 1.20
N ASP A 7 -18.72 11.19 2.36
CA ASP A 7 -19.54 10.98 3.52
C ASP A 7 -18.79 11.51 4.70
N LYS A 8 -19.44 11.55 5.81
CA LYS A 8 -18.81 11.95 7.02
C LYS A 8 -19.30 11.00 8.10
N GLU A 9 -19.74 9.83 7.67
CA GLU A 9 -20.28 8.82 8.58
C GLU A 9 -19.19 7.86 8.94
N THR A 10 -18.05 8.15 8.44
CA THR A 10 -16.88 7.38 8.67
C THR A 10 -16.32 7.68 10.06
N ILE A 11 -16.38 6.69 10.91
CA ILE A 11 -15.85 6.79 12.24
C ILE A 11 -14.45 6.22 12.22
N ASP A 12 -14.31 5.10 11.52
CA ASP A 12 -13.05 4.41 11.36
C ASP A 12 -13.17 3.38 10.26
N LEU A 13 -12.52 3.65 9.17
CA LEU A 13 -12.51 2.78 8.02
C LEU A 13 -11.20 2.96 7.27
N LEU A 14 -10.91 4.19 6.92
CA LEU A 14 -9.75 4.54 6.16
C LEU A 14 -8.66 5.01 7.09
N ALA A 15 -8.22 4.10 7.90
CA ALA A 15 -7.15 4.34 8.83
C ALA A 15 -5.81 4.30 8.10
N PHE A 16 -5.77 3.61 7.01
CA PHE A 16 -4.58 3.50 6.20
C PHE A 16 -4.60 4.60 5.15
N THR A 17 -3.79 5.60 5.34
CA THR A 17 -3.73 6.70 4.46
C THR A 17 -2.52 6.56 3.54
N SER A 18 -1.40 6.13 4.08
CA SER A 18 -0.22 5.95 3.30
C SER A 18 0.44 4.68 3.64
N VAL A 19 1.11 4.13 2.68
CA VAL A 19 2.03 3.06 2.88
C VAL A 19 3.17 3.51 3.80
N ALA A 20 3.32 4.84 4.04
CA ALA A 20 4.38 5.33 4.93
C ALA A 20 4.09 4.83 6.35
N GLU A 21 2.81 4.72 6.62
CA GLU A 21 2.35 4.26 7.89
C GLU A 21 2.73 2.80 8.08
N LEU A 22 2.63 2.01 7.00
CA LEU A 22 2.99 0.60 7.02
C LEU A 22 4.49 0.49 7.15
N GLU A 23 5.16 1.39 6.47
CA GLU A 23 6.62 1.48 6.43
C GLU A 23 7.17 1.71 7.84
N LEU A 24 6.37 2.26 8.75
CA LEU A 24 6.83 2.46 10.12
C LEU A 24 6.84 1.14 10.92
N LEU A 25 6.22 0.09 10.35
CA LEU A 25 6.10 -1.20 11.02
C LEU A 25 7.44 -1.94 11.00
N GLY A 26 8.11 -1.83 9.87
CA GLY A 26 9.35 -2.53 9.65
C GLY A 26 9.62 -2.62 8.17
N LEU A 27 10.34 -3.64 7.75
CA LEU A 27 10.69 -3.81 6.36
C LEU A 27 10.08 -5.08 5.75
N GLU A 28 10.03 -6.15 6.52
CA GLU A 28 9.57 -7.42 6.02
C GLU A 28 8.17 -7.40 5.45
N LYS A 29 7.26 -6.72 6.13
CA LYS A 29 5.88 -6.56 5.66
C LYS A 29 5.83 -5.96 4.24
N LEU A 30 6.61 -4.91 4.01
CA LEU A 30 6.67 -4.21 2.74
C LEU A 30 7.26 -5.12 1.68
N LYS A 31 8.23 -5.89 2.09
CA LYS A 31 8.86 -6.84 1.21
C LYS A 31 7.89 -7.89 0.71
N CYS A 32 7.13 -8.47 1.63
CA CYS A 32 6.10 -9.42 1.29
C CYS A 32 5.03 -8.74 0.43
N GLU A 33 4.66 -7.53 0.84
CA GLU A 33 3.74 -6.70 0.10
C GLU A 33 4.16 -6.51 -1.36
N LEU A 34 5.43 -6.21 -1.60
CA LEU A 34 5.93 -6.06 -2.93
C LEU A 34 5.98 -7.36 -3.68
N MET A 35 6.34 -8.42 -2.98
CA MET A 35 6.41 -9.73 -3.60
C MET A 35 5.04 -10.16 -4.09
N ALA A 36 4.02 -9.94 -3.28
CA ALA A 36 2.63 -10.19 -3.67
C ALA A 36 2.19 -9.35 -4.87
N LEU A 37 2.84 -8.19 -5.06
CA LEU A 37 2.56 -7.35 -6.24
C LEU A 37 3.24 -7.90 -7.49
N GLY A 38 4.11 -8.86 -7.29
CA GLY A 38 4.81 -9.47 -8.40
C GLY A 38 6.25 -9.04 -8.45
N LEU A 39 6.68 -8.25 -7.49
CA LEU A 39 8.03 -7.76 -7.47
C LEU A 39 8.91 -8.66 -6.62
N LYS A 40 10.19 -8.35 -6.60
CA LYS A 40 11.16 -9.15 -5.85
C LYS A 40 11.63 -8.39 -4.63
N CYS A 41 10.92 -7.29 -4.40
CA CYS A 41 11.05 -6.35 -3.26
C CYS A 41 12.47 -5.73 -3.12
N GLY A 42 13.24 -5.78 -4.18
CA GLY A 42 14.64 -5.36 -4.12
C GLY A 42 14.88 -3.91 -4.53
N GLY A 43 13.83 -3.12 -4.60
CA GLY A 43 14.02 -1.70 -4.92
C GLY A 43 14.40 -0.93 -3.69
N THR A 44 14.59 0.35 -3.86
CA THR A 44 14.95 1.22 -2.76
C THR A 44 13.75 1.42 -1.83
N LEU A 45 14.00 2.01 -0.66
CA LEU A 45 12.94 2.30 0.31
C LEU A 45 11.85 3.13 -0.37
N GLN A 46 12.29 4.11 -1.15
CA GLN A 46 11.41 4.98 -1.89
C GLN A 46 10.55 4.17 -2.85
N GLU A 47 11.19 3.32 -3.66
CA GLU A 47 10.50 2.47 -4.64
C GLU A 47 9.46 1.59 -4.00
N ARG A 48 9.78 1.00 -2.85
CA ARG A 48 8.89 0.08 -2.21
C ARG A 48 7.62 0.79 -1.80
N ALA A 49 7.80 1.96 -1.23
CA ALA A 49 6.68 2.77 -0.82
C ALA A 49 5.87 3.26 -2.01
N ALA A 50 6.56 3.62 -3.09
CA ALA A 50 5.89 4.23 -4.23
C ALA A 50 5.04 3.24 -5.00
N ARG A 51 5.57 2.05 -5.25
CA ARG A 51 4.79 1.03 -5.97
C ARG A 51 3.59 0.57 -5.16
N LEU A 52 3.78 0.37 -3.88
CA LEU A 52 2.72 -0.09 -3.05
C LEU A 52 1.61 0.96 -2.92
N PHE A 53 2.03 2.19 -2.74
CA PHE A 53 1.10 3.31 -2.58
C PHE A 53 0.28 3.51 -3.81
N SER A 54 0.91 3.50 -4.92
CA SER A 54 0.27 3.73 -6.19
C SER A 54 -0.62 2.54 -6.65
N VAL A 55 -0.43 1.36 -6.06
CA VAL A 55 -1.19 0.23 -6.48
C VAL A 55 -2.46 0.12 -5.62
N ARG A 56 -2.61 1.07 -4.69
CA ARG A 56 -3.71 1.10 -3.79
C ARG A 56 -5.05 1.15 -4.50
N GLY A 57 -5.83 0.19 -4.18
CA GLY A 57 -7.13 -0.03 -4.71
C GLY A 57 -7.57 -1.27 -4.04
N LEU A 58 -8.19 -1.10 -2.90
CA LEU A 58 -8.46 -2.16 -1.97
C LEU A 58 -9.16 -3.37 -2.55
N ALA A 59 -8.39 -4.40 -2.70
CA ALA A 59 -8.86 -5.69 -3.09
C ALA A 59 -8.51 -6.59 -1.93
N LYS A 60 -8.85 -7.87 -2.02
CA LYS A 60 -8.59 -8.83 -0.92
C LYS A 60 -7.13 -8.80 -0.44
N GLU A 61 -6.20 -8.66 -1.37
CA GLU A 61 -4.78 -8.63 -1.05
C GLU A 61 -4.36 -7.32 -0.34
N GLN A 62 -5.21 -6.32 -0.38
CA GLN A 62 -4.93 -5.07 0.30
C GLN A 62 -5.71 -4.99 1.60
N ILE A 63 -6.51 -5.99 1.82
CA ILE A 63 -7.26 -6.12 3.02
C ILE A 63 -6.49 -7.05 3.94
N ASP A 64 -6.36 -6.70 5.18
CA ASP A 64 -5.62 -7.50 6.12
C ASP A 64 -6.33 -8.85 6.31
N PRO A 65 -5.59 -9.96 6.39
CA PRO A 65 -6.16 -11.30 6.59
C PRO A 65 -7.09 -11.39 7.81
N ALA A 66 -6.80 -10.61 8.84
CA ALA A 66 -7.63 -10.63 10.05
C ALA A 66 -8.83 -9.73 9.86
N LEU A 67 -8.67 -8.74 9.01
CA LEU A 67 -9.72 -7.78 8.71
C LEU A 67 -10.72 -8.47 7.75
N PHE A 68 -10.21 -9.42 6.99
CA PHE A 68 -10.98 -10.16 6.04
C PHE A 68 -11.70 -11.30 6.74
N ALA A 69 -12.95 -11.07 7.06
CA ALA A 69 -13.76 -12.04 7.73
C ALA A 69 -14.43 -12.94 6.72
N LYS A 70 -13.93 -14.14 6.62
CA LYS A 70 -14.45 -15.17 5.74
C LYS A 70 -13.75 -16.47 6.07
N PRO A 71 -14.49 -17.60 6.20
CA PRO A 71 -13.90 -18.92 6.54
C PRO A 71 -13.22 -19.60 5.35
N LEU A 72 -12.74 -18.79 4.45
CA LEU A 72 -12.08 -19.22 3.26
C LEU A 72 -11.30 -18.02 2.75
N LYS A 73 -10.04 -17.99 3.07
CA LYS A 73 -9.20 -16.89 2.68
C LYS A 73 -7.91 -17.36 2.04
N GLY A 74 -7.46 -18.55 2.40
CA GLY A 74 -6.26 -19.08 1.83
C GLY A 74 -5.77 -20.30 2.56
N LYS A 75 -4.61 -20.83 2.12
CA LYS A 75 -3.91 -21.96 2.74
C LYS A 75 -4.66 -23.30 2.60
N LYS A 76 -5.74 -23.32 1.83
CA LYS A 76 -6.51 -24.54 1.67
C LYS A 76 -6.30 -25.16 0.30
N LYS A 77 -6.32 -24.35 -0.72
CA LYS A 77 -6.07 -24.81 -2.07
C LYS A 77 -4.88 -24.06 -2.59
N GLY A 1 -18.29 11.46 9.04
CA GLY A 1 -19.34 12.06 8.23
C GLY A 1 -18.75 12.76 7.03
N PRO A 2 -19.56 13.53 6.29
CA PRO A 2 -19.11 14.19 5.08
C PRO A 2 -18.58 15.63 5.30
N LEU A 3 -18.32 16.01 6.54
CA LEU A 3 -17.80 17.34 6.83
C LEU A 3 -16.32 17.38 6.52
N GLY A 4 -15.93 18.29 5.65
CA GLY A 4 -14.55 18.39 5.25
C GLY A 4 -14.26 17.57 4.01
N SER A 5 -14.76 16.35 4.00
CA SER A 5 -14.61 15.42 2.91
C SER A 5 -15.77 14.45 2.95
N ILE A 6 -16.32 14.12 1.79
CA ILE A 6 -17.45 13.20 1.71
C ILE A 6 -16.97 11.78 1.92
N ASP A 7 -15.84 11.52 1.39
CA ASP A 7 -15.21 10.22 1.51
C ASP A 7 -14.07 10.27 2.47
N LYS A 8 -14.14 9.43 3.46
CA LYS A 8 -13.11 9.31 4.47
C LYS A 8 -12.88 7.85 4.74
N GLU A 9 -13.89 7.19 5.23
CA GLU A 9 -13.79 5.78 5.49
C GLU A 9 -14.35 5.02 4.30
N THR A 10 -13.48 4.76 3.37
CA THR A 10 -13.84 4.05 2.19
C THR A 10 -13.98 2.56 2.52
N ILE A 11 -15.12 2.00 2.21
CA ILE A 11 -15.37 0.61 2.47
C ILE A 11 -14.66 -0.24 1.42
N ASP A 12 -13.50 -0.76 1.78
CA ASP A 12 -12.70 -1.60 0.91
C ASP A 12 -11.66 -2.30 1.76
N LEU A 13 -11.17 -3.44 1.31
CA LEU A 13 -10.20 -4.22 2.08
C LEU A 13 -8.78 -3.81 1.73
N LEU A 14 -8.60 -3.17 0.61
CA LEU A 14 -7.31 -2.76 0.13
C LEU A 14 -7.28 -1.23 0.07
N ALA A 15 -8.03 -0.61 0.96
CA ALA A 15 -8.17 0.85 0.97
C ALA A 15 -6.89 1.54 1.41
N PHE A 16 -6.05 0.83 2.17
CA PHE A 16 -4.81 1.33 2.67
C PHE A 16 -3.89 1.92 1.59
N THR A 17 -3.91 3.22 1.48
CA THR A 17 -3.20 3.92 0.48
C THR A 17 -1.84 4.42 1.00
N SER A 18 -1.84 5.14 2.11
CA SER A 18 -0.65 5.75 2.64
C SER A 18 0.32 4.76 3.27
N VAL A 19 1.19 4.23 2.45
CA VAL A 19 2.25 3.29 2.83
C VAL A 19 3.22 3.82 3.89
N ALA A 20 3.20 5.12 4.17
CA ALA A 20 4.06 5.70 5.20
C ALA A 20 3.74 5.06 6.54
N GLU A 21 2.47 4.75 6.70
CA GLU A 21 2.00 4.11 7.88
C GLU A 21 2.60 2.71 7.99
N LEU A 22 2.66 1.96 6.87
CA LEU A 22 3.29 0.62 6.86
C LEU A 22 4.79 0.75 7.03
N GLU A 23 5.32 1.83 6.48
CA GLU A 23 6.73 2.14 6.50
C GLU A 23 7.25 2.24 7.93
N LEU A 24 6.39 2.60 8.88
CA LEU A 24 6.82 2.71 10.26
C LEU A 24 6.95 1.31 10.92
N LEU A 25 6.50 0.25 10.23
CA LEU A 25 6.50 -1.09 10.78
C LEU A 25 7.92 -1.66 10.78
N GLY A 26 8.47 -1.75 9.58
CA GLY A 26 9.76 -2.34 9.38
C GLY A 26 9.99 -2.44 7.89
N LEU A 27 10.61 -3.50 7.43
CA LEU A 27 10.82 -3.69 5.99
C LEU A 27 10.13 -4.93 5.46
N GLU A 28 9.88 -5.89 6.34
CA GLU A 28 9.37 -7.18 5.95
C GLU A 28 7.99 -7.11 5.32
N LYS A 29 7.09 -6.32 5.92
CA LYS A 29 5.74 -6.14 5.37
C LYS A 29 5.78 -5.67 3.92
N LEU A 30 6.61 -4.67 3.65
CA LEU A 30 6.76 -4.06 2.36
C LEU A 30 7.34 -5.07 1.37
N LYS A 31 8.33 -5.82 1.82
CA LYS A 31 8.94 -6.83 0.97
C LYS A 31 7.95 -7.90 0.56
N CYS A 32 7.20 -8.41 1.52
CA CYS A 32 6.18 -9.40 1.25
C CYS A 32 5.12 -8.79 0.34
N GLU A 33 4.74 -7.57 0.64
CA GLU A 33 3.83 -6.78 -0.16
C GLU A 33 4.25 -6.70 -1.64
N LEU A 34 5.53 -6.41 -1.92
CA LEU A 34 6.01 -6.39 -3.27
C LEU A 34 6.03 -7.76 -3.88
N MET A 35 6.38 -8.76 -3.08
CA MET A 35 6.43 -10.13 -3.56
C MET A 35 5.05 -10.58 -3.99
N ALA A 36 4.06 -10.29 -3.16
CA ALA A 36 2.65 -10.58 -3.45
C ALA A 36 2.18 -9.96 -4.76
N LEU A 37 2.74 -8.80 -5.11
CA LEU A 37 2.42 -8.16 -6.39
C LEU A 37 3.04 -8.92 -7.57
N GLY A 38 3.95 -9.83 -7.26
CA GLY A 38 4.63 -10.59 -8.27
C GLY A 38 6.01 -10.04 -8.51
N LEU A 39 6.31 -8.94 -7.84
CA LEU A 39 7.54 -8.22 -8.04
C LEU A 39 8.69 -8.76 -7.24
N LYS A 40 9.85 -8.37 -7.66
CA LYS A 40 11.05 -8.58 -6.93
C LYS A 40 11.10 -7.43 -5.95
N CYS A 41 10.98 -7.75 -4.69
CA CYS A 41 10.96 -6.78 -3.58
C CYS A 41 12.29 -5.99 -3.37
N GLY A 42 13.02 -5.76 -4.44
CA GLY A 42 14.26 -5.04 -4.36
C GLY A 42 14.04 -3.56 -4.57
N GLY A 43 15.10 -2.85 -4.84
CA GLY A 43 15.03 -1.43 -5.01
C GLY A 43 15.24 -0.76 -3.69
N THR A 44 14.87 0.47 -3.58
CA THR A 44 15.00 1.16 -2.33
C THR A 44 13.70 1.10 -1.56
N LEU A 45 13.79 1.38 -0.26
CA LEU A 45 12.63 1.39 0.62
C LEU A 45 11.58 2.38 0.06
N GLN A 46 12.07 3.50 -0.43
CA GLN A 46 11.26 4.55 -1.02
C GLN A 46 10.46 4.01 -2.20
N GLU A 47 11.16 3.33 -3.12
CA GLU A 47 10.57 2.70 -4.27
C GLU A 47 9.51 1.67 -3.88
N ARG A 48 9.78 0.88 -2.84
CA ARG A 48 8.86 -0.14 -2.41
C ARG A 48 7.57 0.49 -1.92
N ALA A 49 7.72 1.56 -1.17
CA ALA A 49 6.60 2.28 -0.64
C ALA A 49 5.78 2.90 -1.77
N ALA A 50 6.45 3.40 -2.76
CA ALA A 50 5.79 4.12 -3.84
C ALA A 50 4.95 3.20 -4.70
N ARG A 51 5.51 2.04 -5.04
CA ARG A 51 4.78 1.05 -5.82
C ARG A 51 3.52 0.58 -5.08
N LEU A 52 3.66 0.36 -3.79
CA LEU A 52 2.57 -0.06 -2.96
C LEU A 52 1.53 1.05 -2.79
N PHE A 53 2.00 2.26 -2.66
CA PHE A 53 1.12 3.40 -2.48
C PHE A 53 0.27 3.59 -3.70
N SER A 54 0.90 3.56 -4.82
CA SER A 54 0.23 3.71 -6.09
C SER A 54 -0.58 2.46 -6.53
N VAL A 55 -0.44 1.33 -5.84
CA VAL A 55 -1.11 0.11 -6.24
C VAL A 55 -2.65 0.25 -6.18
N ARG A 56 -3.15 1.11 -5.30
CA ARG A 56 -4.57 1.38 -5.26
C ARG A 56 -4.95 2.21 -6.47
N GLY A 57 -5.86 1.69 -7.27
CA GLY A 57 -6.22 2.36 -8.51
C GLY A 57 -5.57 1.66 -9.68
N LEU A 58 -4.81 0.65 -9.33
CA LEU A 58 -4.15 -0.23 -10.26
C LEU A 58 -4.36 -1.63 -9.76
N ALA A 59 -3.67 -2.56 -10.35
CA ALA A 59 -3.81 -3.94 -9.98
C ALA A 59 -2.48 -4.62 -10.22
N LYS A 60 -2.37 -5.87 -9.83
CA LYS A 60 -1.14 -6.63 -10.01
C LYS A 60 -0.91 -6.88 -11.49
N GLU A 61 -1.98 -7.14 -12.20
CA GLU A 61 -1.92 -7.36 -13.64
C GLU A 61 -1.72 -6.04 -14.41
N GLN A 62 -1.87 -4.92 -13.72
CA GLN A 62 -1.71 -3.63 -14.37
C GLN A 62 -0.32 -3.09 -14.17
N ILE A 63 0.54 -3.89 -13.56
CA ILE A 63 1.91 -3.50 -13.39
C ILE A 63 2.60 -3.55 -14.73
N ASP A 64 3.16 -2.43 -15.13
CA ASP A 64 3.83 -2.28 -16.42
C ASP A 64 4.89 -3.37 -16.63
N PRO A 65 4.92 -4.00 -17.81
CA PRO A 65 5.87 -5.08 -18.12
C PRO A 65 7.33 -4.66 -17.92
N ALA A 66 7.64 -3.40 -18.17
CA ALA A 66 9.01 -2.94 -18.04
C ALA A 66 9.31 -2.58 -16.60
N LEU A 67 8.27 -2.22 -15.89
CA LEU A 67 8.35 -1.88 -14.46
C LEU A 67 8.46 -3.20 -13.68
N PHE A 68 7.99 -4.26 -14.30
CA PHE A 68 7.99 -5.59 -13.70
C PHE A 68 9.31 -6.31 -13.97
N ALA A 69 10.06 -5.73 -14.83
CA ALA A 69 11.32 -6.31 -15.26
C ALA A 69 12.45 -5.30 -15.17
N LYS A 70 12.21 -4.27 -14.40
CA LYS A 70 13.15 -3.17 -14.25
C LYS A 70 14.41 -3.62 -13.49
N PRO A 71 15.59 -3.08 -13.84
CA PRO A 71 16.84 -3.41 -13.18
C PRO A 71 16.87 -2.95 -11.73
N LEU A 72 17.01 -3.88 -10.82
CA LEU A 72 17.08 -3.56 -9.42
C LEU A 72 18.15 -4.38 -8.68
N LYS A 73 18.43 -5.57 -9.17
CA LYS A 73 19.44 -6.41 -8.62
C LYS A 73 20.79 -5.86 -9.05
N GLY A 74 21.53 -5.36 -8.12
CA GLY A 74 22.81 -4.78 -8.42
C GLY A 74 22.83 -3.35 -7.98
N LYS A 75 23.00 -2.46 -8.92
CA LYS A 75 23.02 -1.05 -8.63
C LYS A 75 22.12 -0.26 -9.56
N LYS A 76 21.45 0.70 -8.96
CA LYS A 76 20.62 1.65 -9.67
C LYS A 76 20.96 3.02 -9.14
N LYS A 77 20.74 3.20 -7.85
CA LYS A 77 21.07 4.41 -7.13
C LYS A 77 21.55 4.01 -5.75
N GLY A 1 -0.66 9.49 11.66
CA GLY A 1 -1.43 10.71 11.78
C GLY A 1 -0.73 11.72 12.63
N PRO A 2 -1.30 12.94 12.79
CA PRO A 2 -0.71 13.98 13.65
C PRO A 2 -0.75 13.56 15.12
N LEU A 3 0.13 14.11 15.92
CA LEU A 3 0.20 13.79 17.33
C LEU A 3 -1.04 14.28 18.05
N GLY A 4 -1.82 13.35 18.54
CA GLY A 4 -3.04 13.68 19.23
C GLY A 4 -4.25 13.66 18.31
N SER A 5 -4.02 13.32 17.07
CA SER A 5 -5.08 13.27 16.10
C SER A 5 -5.02 11.96 15.32
N ILE A 6 -5.74 10.99 15.80
CA ILE A 6 -5.80 9.69 15.17
C ILE A 6 -7.24 9.30 14.97
N ASP A 7 -7.50 8.47 14.00
CA ASP A 7 -8.85 8.02 13.76
C ASP A 7 -9.07 6.75 14.53
N LYS A 8 -10.22 6.62 15.15
CA LYS A 8 -10.49 5.52 16.07
C LYS A 8 -10.88 4.24 15.32
N GLU A 9 -11.34 4.39 14.09
CA GLU A 9 -11.82 3.27 13.30
C GLU A 9 -10.66 2.45 12.74
N THR A 10 -10.44 1.28 13.32
CA THR A 10 -9.34 0.42 12.91
C THR A 10 -9.82 -0.97 12.50
N ILE A 11 -11.02 -1.02 12.02
CA ILE A 11 -11.62 -2.29 11.63
C ILE A 11 -11.49 -2.48 10.11
N ASP A 12 -11.64 -1.40 9.37
CA ASP A 12 -11.54 -1.44 7.93
C ASP A 12 -10.08 -1.51 7.51
N LEU A 13 -9.81 -2.39 6.56
CA LEU A 13 -8.46 -2.63 6.10
C LEU A 13 -7.89 -1.41 5.35
N LEU A 14 -8.70 -0.84 4.48
CA LEU A 14 -8.27 0.24 3.62
C LEU A 14 -8.14 1.56 4.37
N ALA A 15 -8.54 1.55 5.62
CA ALA A 15 -8.43 2.68 6.50
C ALA A 15 -6.96 3.04 6.72
N PHE A 16 -6.11 2.03 6.78
CA PHE A 16 -4.70 2.26 7.06
C PHE A 16 -3.80 1.51 6.09
N THR A 17 -4.24 1.36 4.85
CA THR A 17 -3.40 0.69 3.86
C THR A 17 -2.27 1.58 3.33
N SER A 18 -2.33 2.87 3.66
CA SER A 18 -1.33 3.86 3.27
C SER A 18 0.05 3.39 3.69
N VAL A 19 0.94 3.21 2.71
CA VAL A 19 2.26 2.60 2.94
C VAL A 19 3.13 3.29 3.96
N ALA A 20 2.87 4.56 4.23
CA ALA A 20 3.61 5.29 5.23
C ALA A 20 3.41 4.66 6.61
N GLU A 21 2.22 4.13 6.84
CA GLU A 21 1.92 3.49 8.09
C GLU A 21 2.69 2.18 8.19
N LEU A 22 2.81 1.48 7.07
CA LEU A 22 3.54 0.22 7.00
C LEU A 22 5.02 0.51 7.20
N GLU A 23 5.47 1.61 6.60
CA GLU A 23 6.83 2.09 6.67
C GLU A 23 7.26 2.30 8.13
N LEU A 24 6.34 2.74 8.99
CA LEU A 24 6.66 2.96 10.38
C LEU A 24 6.69 1.63 11.14
N LEU A 25 6.01 0.62 10.60
CA LEU A 25 5.82 -0.62 11.23
C LEU A 25 7.11 -1.44 11.19
N GLY A 26 7.60 -1.65 9.98
CA GLY A 26 8.77 -2.44 9.75
C GLY A 26 9.12 -2.35 8.30
N LEU A 27 9.76 -3.37 7.77
CA LEU A 27 10.15 -3.39 6.37
C LEU A 27 9.72 -4.69 5.70
N GLU A 28 9.48 -5.72 6.49
CA GLU A 28 9.14 -7.03 5.98
C GLU A 28 7.81 -7.03 5.23
N LYS A 29 6.82 -6.33 5.79
CA LYS A 29 5.51 -6.21 5.16
C LYS A 29 5.59 -5.56 3.79
N LEU A 30 6.50 -4.60 3.65
CA LEU A 30 6.71 -3.89 2.44
C LEU A 30 7.22 -4.85 1.38
N LYS A 31 8.23 -5.62 1.76
CA LYS A 31 8.82 -6.60 0.87
C LYS A 31 7.84 -7.67 0.45
N CYS A 32 7.11 -8.21 1.41
CA CYS A 32 6.13 -9.25 1.14
C CYS A 32 5.02 -8.74 0.22
N GLU A 33 4.53 -7.53 0.49
CA GLU A 33 3.51 -6.91 -0.34
C GLU A 33 4.02 -6.74 -1.79
N LEU A 34 5.29 -6.37 -1.97
CA LEU A 34 5.87 -6.24 -3.31
C LEU A 34 5.96 -7.58 -3.97
N MET A 35 6.35 -8.59 -3.19
CA MET A 35 6.45 -9.94 -3.72
C MET A 35 5.09 -10.42 -4.14
N ALA A 36 4.09 -10.17 -3.31
CA ALA A 36 2.70 -10.47 -3.61
C ALA A 36 2.21 -9.82 -4.90
N LEU A 37 2.75 -8.65 -5.24
CA LEU A 37 2.42 -7.98 -6.50
C LEU A 37 2.95 -8.76 -7.69
N GLY A 38 3.91 -9.63 -7.43
CA GLY A 38 4.56 -10.37 -8.47
C GLY A 38 5.91 -9.77 -8.77
N LEU A 39 6.39 -8.97 -7.84
CA LEU A 39 7.66 -8.32 -7.97
C LEU A 39 8.69 -9.04 -7.14
N LYS A 40 9.93 -8.68 -7.31
CA LYS A 40 11.05 -9.33 -6.64
C LYS A 40 11.48 -8.54 -5.41
N CYS A 41 10.60 -7.64 -5.01
CA CYS A 41 10.75 -6.71 -3.87
C CYS A 41 12.04 -5.87 -3.91
N GLY A 42 12.59 -5.74 -5.10
CA GLY A 42 13.81 -5.00 -5.26
C GLY A 42 13.56 -3.52 -5.44
N GLY A 43 14.63 -2.77 -5.52
CA GLY A 43 14.54 -1.35 -5.69
C GLY A 43 14.95 -0.65 -4.42
N THR A 44 14.78 0.62 -4.39
CA THR A 44 15.09 1.39 -3.23
C THR A 44 13.91 1.31 -2.26
N LEU A 45 14.11 1.73 -1.03
CA LEU A 45 13.03 1.79 -0.07
C LEU A 45 11.99 2.77 -0.61
N GLN A 46 12.48 3.82 -1.27
CA GLN A 46 11.62 4.79 -1.92
C GLN A 46 10.74 4.09 -2.96
N GLU A 47 11.36 3.28 -3.82
CA GLU A 47 10.64 2.47 -4.82
C GLU A 47 9.61 1.56 -4.17
N ARG A 48 9.98 0.92 -3.06
CA ARG A 48 9.11 -0.03 -2.42
C ARG A 48 7.88 0.64 -1.88
N ALA A 49 8.07 1.77 -1.22
CA ALA A 49 6.96 2.55 -0.71
C ALA A 49 6.10 3.09 -1.83
N ALA A 50 6.73 3.51 -2.91
CA ALA A 50 6.02 4.13 -4.01
C ALA A 50 5.18 3.12 -4.77
N ARG A 51 5.75 1.96 -5.05
CA ARG A 51 5.03 0.94 -5.81
C ARG A 51 3.81 0.44 -5.07
N LEU A 52 3.96 0.24 -3.79
CA LEU A 52 2.89 -0.21 -2.97
C LEU A 52 1.81 0.84 -2.83
N PHE A 53 2.24 2.06 -2.71
CA PHE A 53 1.34 3.20 -2.57
C PHE A 53 0.46 3.36 -3.77
N SER A 54 1.06 3.27 -4.92
CA SER A 54 0.34 3.37 -6.18
C SER A 54 -0.61 2.16 -6.49
N VAL A 55 -0.54 1.10 -5.70
CA VAL A 55 -1.44 0.01 -5.80
C VAL A 55 -2.27 0.01 -4.47
N ARG A 56 -2.51 -1.12 -3.81
CA ARG A 56 -3.15 -1.07 -2.51
C ARG A 56 -2.17 -0.54 -1.48
N GLY A 57 -2.21 0.75 -1.27
CA GLY A 57 -1.31 1.38 -0.35
C GLY A 57 -1.69 2.82 -0.13
N LEU A 58 -2.96 3.10 -0.18
CA LEU A 58 -3.48 4.43 -0.03
C LEU A 58 -4.23 4.57 1.27
N ALA A 59 -4.37 5.80 1.70
CA ALA A 59 -5.22 6.12 2.80
C ALA A 59 -6.63 6.08 2.27
N LYS A 60 -7.57 5.77 3.12
CA LYS A 60 -8.97 5.56 2.74
C LYS A 60 -9.57 6.78 2.03
N GLU A 61 -9.17 7.96 2.46
CA GLU A 61 -9.67 9.19 1.86
C GLU A 61 -9.03 9.49 0.48
N GLN A 62 -8.01 8.75 0.13
CA GLN A 62 -7.33 8.95 -1.15
C GLN A 62 -7.65 7.88 -2.16
N ILE A 63 -8.61 7.04 -1.84
CA ILE A 63 -9.00 5.99 -2.74
C ILE A 63 -10.06 6.50 -3.71
N ASP A 64 -9.76 6.38 -5.00
CA ASP A 64 -10.65 6.80 -6.11
C ASP A 64 -12.03 6.14 -6.03
N PRO A 65 -13.12 6.89 -6.30
CA PRO A 65 -14.51 6.39 -6.23
C PRO A 65 -14.79 5.25 -7.20
N ALA A 66 -14.03 5.16 -8.27
CA ALA A 66 -14.25 4.10 -9.22
C ALA A 66 -13.33 2.93 -8.93
N LEU A 67 -12.26 3.23 -8.20
CA LEU A 67 -11.31 2.22 -7.78
C LEU A 67 -11.92 1.45 -6.60
N PHE A 68 -12.78 2.12 -5.86
CA PHE A 68 -13.50 1.53 -4.78
C PHE A 68 -14.97 1.84 -4.94
N ALA A 69 -15.67 0.91 -5.53
CA ALA A 69 -17.05 1.02 -5.80
C ALA A 69 -17.83 0.80 -4.54
N LYS A 70 -18.50 1.82 -4.14
CA LYS A 70 -19.31 1.81 -2.95
C LYS A 70 -20.75 1.46 -3.35
N PRO A 71 -21.52 0.82 -2.46
CA PRO A 71 -22.92 0.39 -2.75
C PRO A 71 -23.93 1.56 -2.70
N LEU A 72 -23.49 2.72 -3.14
CA LEU A 72 -24.31 3.93 -3.17
C LEU A 72 -25.02 4.06 -4.53
N LYS A 73 -25.15 2.95 -5.19
CA LYS A 73 -25.77 2.88 -6.50
C LYS A 73 -27.21 3.33 -6.40
N GLY A 74 -27.57 4.34 -7.14
CA GLY A 74 -28.92 4.83 -7.11
C GLY A 74 -29.11 5.99 -6.16
N LYS A 75 -28.06 6.33 -5.41
CA LYS A 75 -28.15 7.42 -4.44
C LYS A 75 -28.15 8.76 -5.18
N LYS A 76 -27.13 8.99 -5.95
CA LYS A 76 -27.05 10.15 -6.81
C LYS A 76 -27.02 9.69 -8.26
N LYS A 77 -26.56 8.49 -8.45
CA LYS A 77 -26.47 7.90 -9.75
C LYS A 77 -26.85 6.45 -9.58
N GLY A 1 0.10 8.96 -13.91
CA GLY A 1 0.76 9.85 -14.86
C GLY A 1 0.64 9.30 -16.26
N PRO A 2 -0.24 9.90 -17.11
CA PRO A 2 -0.51 9.40 -18.47
C PRO A 2 0.70 9.44 -19.42
N LEU A 3 1.80 10.01 -18.97
CA LEU A 3 3.00 10.11 -19.78
C LEU A 3 3.81 8.81 -19.76
N GLY A 4 3.40 7.87 -18.92
CA GLY A 4 4.03 6.55 -18.90
C GLY A 4 5.37 6.51 -18.20
N SER A 5 6.38 7.07 -18.85
CA SER A 5 7.74 7.09 -18.32
C SER A 5 7.81 8.04 -17.13
N ILE A 6 6.99 9.06 -17.18
CA ILE A 6 6.85 10.00 -16.11
C ILE A 6 5.56 9.66 -15.39
N ASP A 7 5.68 8.92 -14.32
CA ASP A 7 4.54 8.41 -13.59
C ASP A 7 4.94 8.10 -12.16
N LYS A 8 4.39 8.84 -11.24
CA LYS A 8 4.61 8.61 -9.84
C LYS A 8 3.36 9.05 -9.11
N GLU A 9 2.44 8.13 -8.93
CA GLU A 9 1.16 8.43 -8.32
C GLU A 9 1.22 8.35 -6.81
N THR A 10 2.08 9.13 -6.23
CA THR A 10 2.20 9.19 -4.80
C THR A 10 1.53 10.45 -4.26
N ILE A 11 0.58 10.87 -5.02
CA ILE A 11 -0.22 12.00 -4.75
C ILE A 11 -1.63 11.56 -4.41
N ASP A 12 -2.52 12.51 -4.21
CA ASP A 12 -3.91 12.29 -3.81
C ASP A 12 -3.94 11.78 -2.39
N LEU A 13 -3.81 12.67 -1.46
CA LEU A 13 -3.78 12.33 -0.08
C LEU A 13 -4.93 13.01 0.64
N LEU A 14 -6.08 12.43 0.49
CA LEU A 14 -7.28 12.89 1.15
C LEU A 14 -7.70 11.86 2.17
N ALA A 15 -7.03 10.74 2.11
CA ALA A 15 -7.27 9.62 2.96
C ALA A 15 -5.92 9.11 3.35
N PHE A 16 -5.85 8.31 4.37
CA PHE A 16 -4.59 7.79 4.78
C PHE A 16 -4.23 6.55 3.99
N THR A 17 -3.86 6.80 2.76
CA THR A 17 -3.42 5.82 1.81
C THR A 17 -1.89 5.65 1.94
N SER A 18 -1.32 6.51 2.79
CA SER A 18 0.08 6.61 3.02
C SER A 18 0.73 5.33 3.56
N VAL A 19 1.32 4.58 2.66
CA VAL A 19 2.06 3.37 2.96
C VAL A 19 3.26 3.60 3.88
N ALA A 20 3.62 4.86 4.08
CA ALA A 20 4.75 5.25 4.93
C ALA A 20 4.43 4.84 6.36
N GLU A 21 3.15 4.87 6.67
CA GLU A 21 2.65 4.48 7.96
C GLU A 21 2.90 3.00 8.19
N LEU A 22 2.65 2.19 7.15
CA LEU A 22 2.83 0.75 7.22
C LEU A 22 4.33 0.45 7.29
N GLU A 23 5.08 1.32 6.67
CA GLU A 23 6.52 1.24 6.56
C GLU A 23 7.16 1.60 7.91
N LEU A 24 6.41 2.27 8.80
CA LEU A 24 6.90 2.58 10.13
C LEU A 24 6.78 1.34 11.01
N LEU A 25 5.92 0.43 10.59
CA LEU A 25 5.59 -0.75 11.34
C LEU A 25 6.72 -1.75 11.26
N GLY A 26 6.94 -2.23 10.04
CA GLY A 26 7.93 -3.22 9.79
C GLY A 26 8.30 -3.22 8.34
N LEU A 27 9.55 -3.42 8.05
CA LEU A 27 10.07 -3.39 6.68
C LEU A 27 9.85 -4.72 5.97
N GLU A 28 9.74 -5.77 6.76
CA GLU A 28 9.54 -7.13 6.26
C GLU A 28 8.23 -7.19 5.48
N LYS A 29 7.20 -6.54 6.03
CA LYS A 29 5.89 -6.46 5.41
C LYS A 29 5.98 -5.93 3.99
N LEU A 30 6.75 -4.88 3.80
CA LEU A 30 6.87 -4.20 2.53
C LEU A 30 7.49 -5.12 1.50
N LYS A 31 8.50 -5.86 1.89
CA LYS A 31 9.09 -6.82 0.99
C LYS A 31 8.12 -7.92 0.56
N CYS A 32 7.39 -8.48 1.52
CA CYS A 32 6.36 -9.48 1.20
C CYS A 32 5.29 -8.83 0.31
N GLU A 33 4.93 -7.60 0.66
CA GLU A 33 4.06 -6.74 -0.14
C GLU A 33 4.51 -6.66 -1.60
N LEU A 34 5.81 -6.49 -1.83
CA LEU A 34 6.35 -6.41 -3.18
C LEU A 34 6.22 -7.73 -3.91
N MET A 35 6.34 -8.82 -3.16
CA MET A 35 6.18 -10.15 -3.73
C MET A 35 4.77 -10.30 -4.28
N ALA A 36 3.77 -9.94 -3.46
CA ALA A 36 2.37 -9.95 -3.87
C ALA A 36 2.11 -9.01 -5.04
N LEU A 37 2.92 -7.97 -5.15
CA LEU A 37 2.83 -7.02 -6.25
C LEU A 37 3.41 -7.60 -7.55
N GLY A 38 3.93 -8.79 -7.48
CA GLY A 38 4.47 -9.44 -8.64
C GLY A 38 5.89 -9.02 -8.89
N LEU A 39 6.58 -8.68 -7.84
CA LEU A 39 7.97 -8.30 -7.93
C LEU A 39 8.80 -9.31 -7.14
N LYS A 40 10.10 -9.14 -7.13
CA LYS A 40 10.99 -10.07 -6.44
C LYS A 40 11.51 -9.45 -5.16
N CYS A 41 10.81 -8.44 -4.72
CA CYS A 41 11.09 -7.65 -3.53
C CYS A 41 12.54 -7.13 -3.47
N GLY A 42 12.75 -6.02 -4.12
CA GLY A 42 14.04 -5.40 -4.16
C GLY A 42 13.87 -3.91 -4.24
N GLY A 43 14.61 -3.28 -5.12
CA GLY A 43 14.51 -1.85 -5.32
C GLY A 43 14.97 -1.09 -4.11
N THR A 44 14.64 0.16 -4.07
CA THR A 44 14.98 0.96 -2.93
C THR A 44 13.72 1.14 -2.08
N LEU A 45 13.91 1.47 -0.81
CA LEU A 45 12.80 1.65 0.13
C LEU A 45 11.77 2.64 -0.42
N GLN A 46 12.26 3.72 -1.05
CA GLN A 46 11.39 4.73 -1.65
C GLN A 46 10.51 4.11 -2.72
N GLU A 47 11.12 3.34 -3.62
CA GLU A 47 10.44 2.64 -4.67
C GLU A 47 9.42 1.63 -4.15
N ARG A 48 9.76 0.94 -3.06
CA ARG A 48 8.87 -0.06 -2.49
C ARG A 48 7.61 0.61 -2.00
N ALA A 49 7.80 1.72 -1.33
CA ALA A 49 6.71 2.52 -0.82
C ALA A 49 5.89 3.11 -1.95
N ALA A 50 6.55 3.54 -3.02
CA ALA A 50 5.86 4.23 -4.08
C ALA A 50 4.95 3.30 -4.87
N ARG A 51 5.44 2.13 -5.19
CA ARG A 51 4.63 1.18 -5.93
C ARG A 51 3.42 0.70 -5.09
N LEU A 52 3.64 0.45 -3.81
CA LEU A 52 2.58 0.00 -2.94
C LEU A 52 1.52 1.08 -2.74
N PHE A 53 1.96 2.31 -2.59
CA PHE A 53 1.02 3.43 -2.40
C PHE A 53 0.13 3.59 -3.61
N SER A 54 0.75 3.57 -4.73
CA SER A 54 0.08 3.73 -5.99
C SER A 54 -0.72 2.48 -6.44
N VAL A 55 -0.56 1.34 -5.75
CA VAL A 55 -1.21 0.12 -6.17
C VAL A 55 -2.75 0.20 -6.12
N ARG A 56 -3.28 1.19 -5.42
CA ARG A 56 -4.71 1.44 -5.33
C ARG A 56 -5.27 1.63 -6.75
N GLY A 57 -5.98 0.63 -7.22
CA GLY A 57 -6.44 0.61 -8.59
C GLY A 57 -7.79 1.22 -8.76
N LEU A 58 -8.59 1.13 -7.75
CA LEU A 58 -9.91 1.68 -7.81
C LEU A 58 -9.89 3.14 -7.47
N ALA A 59 -10.30 3.95 -8.42
CA ALA A 59 -10.43 5.36 -8.20
C ALA A 59 -11.76 5.62 -7.49
N LYS A 60 -11.94 6.81 -6.96
CA LYS A 60 -13.13 7.14 -6.17
C LYS A 60 -14.38 6.99 -7.02
N GLU A 61 -14.28 7.40 -8.26
CA GLU A 61 -15.37 7.34 -9.20
C GLU A 61 -15.61 5.93 -9.74
N GLN A 62 -14.66 5.05 -9.54
CA GLN A 62 -14.79 3.69 -10.06
C GLN A 62 -15.47 2.79 -9.06
N ILE A 63 -15.53 3.24 -7.82
CA ILE A 63 -16.17 2.48 -6.80
C ILE A 63 -17.66 2.79 -6.82
N ASP A 64 -18.43 1.89 -7.35
CA ASP A 64 -19.86 2.05 -7.37
C ASP A 64 -20.42 1.28 -6.21
N PRO A 65 -21.18 1.94 -5.33
CA PRO A 65 -21.69 1.33 -4.09
C PRO A 65 -22.71 0.23 -4.35
N ALA A 66 -23.23 0.17 -5.56
CA ALA A 66 -24.20 -0.83 -5.89
C ALA A 66 -23.57 -1.98 -6.66
N LEU A 67 -22.44 -1.71 -7.31
CA LEU A 67 -21.76 -2.70 -8.15
C LEU A 67 -20.99 -3.68 -7.26
N PHE A 68 -20.59 -3.23 -6.10
CA PHE A 68 -19.86 -4.04 -5.19
C PHE A 68 -20.78 -4.69 -4.19
N ALA A 69 -20.74 -6.00 -4.16
CA ALA A 69 -21.56 -6.80 -3.26
C ALA A 69 -20.84 -6.98 -1.93
N LYS A 70 -19.53 -6.82 -1.96
CA LYS A 70 -18.74 -6.92 -0.76
C LYS A 70 -18.78 -5.57 -0.03
N PRO A 71 -18.49 -5.54 1.29
CA PRO A 71 -18.44 -4.29 2.07
C PRO A 71 -17.46 -3.26 1.48
N LEU A 72 -17.98 -2.39 0.63
CA LEU A 72 -17.24 -1.35 -0.05
C LEU A 72 -18.22 -0.42 -0.74
N LYS A 73 -18.55 0.67 -0.09
CA LYS A 73 -19.43 1.66 -0.68
C LYS A 73 -18.60 2.77 -1.32
N GLY A 74 -17.46 3.04 -0.72
CA GLY A 74 -16.57 4.04 -1.24
C GLY A 74 -15.67 4.59 -0.17
N LYS A 75 -16.23 4.80 1.00
CA LYS A 75 -15.49 5.36 2.10
C LYS A 75 -15.10 4.32 3.13
N LYS A 76 -14.07 3.58 2.85
CA LYS A 76 -13.50 2.69 3.83
C LYS A 76 -12.24 3.33 4.33
N LYS A 77 -11.40 3.71 3.40
CA LYS A 77 -10.18 4.39 3.67
C LYS A 77 -9.79 5.11 2.40
N GLY A 1 -9.90 10.41 10.97
CA GLY A 1 -9.51 11.49 11.86
C GLY A 1 -10.27 12.74 11.53
N PRO A 2 -9.76 13.94 11.92
CA PRO A 2 -10.41 15.23 11.63
C PRO A 2 -10.59 15.46 10.12
N LEU A 3 -9.51 15.33 9.38
CA LEU A 3 -9.56 15.49 7.93
C LEU A 3 -9.55 14.11 7.29
N GLY A 4 -10.68 13.75 6.73
CA GLY A 4 -10.79 12.48 6.06
C GLY A 4 -12.20 11.95 6.13
N SER A 5 -12.80 11.71 4.99
CA SER A 5 -14.13 11.17 4.92
C SER A 5 -14.09 9.66 5.20
N ILE A 6 -14.98 9.18 6.06
CA ILE A 6 -15.04 7.76 6.40
C ILE A 6 -15.86 7.05 5.34
N ASP A 7 -15.29 6.04 4.75
CA ASP A 7 -15.97 5.28 3.71
C ASP A 7 -16.27 3.89 4.27
N LYS A 8 -17.13 3.14 3.62
CA LYS A 8 -17.50 1.83 4.12
C LYS A 8 -16.83 0.70 3.36
N GLU A 9 -16.22 1.02 2.25
CA GLU A 9 -15.53 0.02 1.48
C GLU A 9 -14.08 0.04 1.91
N THR A 10 -13.47 -1.11 2.02
CA THR A 10 -12.08 -1.21 2.46
C THR A 10 -11.07 -0.83 1.38
N ILE A 11 -11.60 -0.24 0.36
CA ILE A 11 -10.85 0.24 -0.76
C ILE A 11 -10.24 1.59 -0.37
N ASP A 12 -11.11 2.53 0.00
CA ASP A 12 -10.67 3.86 0.43
C ASP A 12 -10.28 3.85 1.87
N LEU A 13 -11.07 3.18 2.62
CA LEU A 13 -10.97 3.13 4.08
C LEU A 13 -9.61 2.63 4.57
N LEU A 14 -9.04 1.67 3.87
CA LEU A 14 -7.75 1.13 4.27
C LEU A 14 -6.61 1.78 3.50
N ALA A 15 -6.95 2.59 2.54
CA ALA A 15 -5.95 3.20 1.71
C ALA A 15 -5.46 4.48 2.33
N PHE A 16 -4.41 4.37 3.09
CA PHE A 16 -3.77 5.49 3.69
C PHE A 16 -3.06 6.34 2.64
N THR A 17 -2.99 7.62 2.89
CA THR A 17 -2.38 8.55 2.00
C THR A 17 -0.87 8.31 1.96
N SER A 18 -0.26 8.43 3.09
CA SER A 18 1.13 8.28 3.19
C SER A 18 1.49 6.83 3.53
N VAL A 19 1.83 6.06 2.52
CA VAL A 19 2.21 4.65 2.66
C VAL A 19 3.48 4.41 3.53
N ALA A 20 4.18 5.49 3.85
CA ALA A 20 5.37 5.44 4.70
C ALA A 20 4.96 5.03 6.12
N GLU A 21 3.68 5.24 6.40
CA GLU A 21 3.10 4.85 7.65
C GLU A 21 3.13 3.33 7.79
N LEU A 22 2.93 2.60 6.67
CA LEU A 22 2.97 1.13 6.70
C LEU A 22 4.40 0.71 6.94
N GLU A 23 5.26 1.42 6.24
CA GLU A 23 6.69 1.25 6.30
C GLU A 23 7.24 1.37 7.73
N LEU A 24 6.64 2.21 8.58
CA LEU A 24 7.21 2.39 9.91
C LEU A 24 6.87 1.21 10.86
N LEU A 25 6.01 0.30 10.38
CA LEU A 25 5.53 -0.85 11.15
C LEU A 25 6.62 -1.92 11.27
N GLY A 26 7.12 -2.33 10.11
CA GLY A 26 8.09 -3.39 10.01
C GLY A 26 8.56 -3.48 8.56
N LEU A 27 9.59 -4.26 8.31
CA LEU A 27 10.21 -4.33 6.98
C LEU A 27 9.70 -5.49 6.14
N GLU A 28 9.55 -6.66 6.77
CA GLU A 28 9.24 -7.90 6.04
C GLU A 28 7.90 -7.80 5.30
N LYS A 29 6.90 -7.21 5.95
CA LYS A 29 5.57 -7.01 5.35
C LYS A 29 5.67 -6.29 4.00
N LEU A 30 6.49 -5.26 3.92
CA LEU A 30 6.68 -4.51 2.71
C LEU A 30 7.35 -5.37 1.65
N LYS A 31 8.39 -6.07 2.05
CA LYS A 31 9.12 -6.93 1.14
C LYS A 31 8.24 -8.03 0.57
N CYS A 32 7.51 -8.70 1.44
CA CYS A 32 6.62 -9.77 1.05
C CYS A 32 5.53 -9.24 0.11
N GLU A 33 4.98 -8.07 0.46
CA GLU A 33 3.98 -7.41 -0.37
C GLU A 33 4.52 -7.17 -1.78
N LEU A 34 5.77 -6.67 -1.88
CA LEU A 34 6.36 -6.35 -3.16
C LEU A 34 6.60 -7.60 -3.96
N MET A 35 6.96 -8.67 -3.27
CA MET A 35 7.19 -9.97 -3.90
C MET A 35 5.95 -10.40 -4.66
N ALA A 36 4.84 -10.49 -3.95
CA ALA A 36 3.57 -10.90 -4.55
C ALA A 36 3.03 -9.84 -5.55
N LEU A 37 3.50 -8.59 -5.42
CA LEU A 37 3.10 -7.53 -6.36
C LEU A 37 3.85 -7.63 -7.70
N GLY A 38 4.71 -8.60 -7.83
CA GLY A 38 5.38 -8.82 -9.08
C GLY A 38 6.82 -8.39 -9.06
N LEU A 39 7.28 -7.94 -7.92
CA LEU A 39 8.64 -7.49 -7.79
C LEU A 39 9.43 -8.53 -7.02
N LYS A 40 10.71 -8.30 -6.85
CA LYS A 40 11.56 -9.24 -6.11
C LYS A 40 11.99 -8.61 -4.81
N CYS A 41 11.23 -7.59 -4.42
CA CYS A 41 11.41 -6.79 -3.20
C CYS A 41 12.82 -6.20 -3.04
N GLY A 42 13.52 -6.06 -4.16
CA GLY A 42 14.87 -5.56 -4.15
C GLY A 42 14.91 -4.07 -4.42
N GLY A 43 13.84 -3.40 -4.10
CA GLY A 43 13.78 -1.98 -4.26
C GLY A 43 14.04 -1.28 -2.97
N THR A 44 14.20 0.01 -3.06
CA THR A 44 14.47 0.84 -1.93
C THR A 44 13.19 1.21 -1.19
N LEU A 45 13.35 1.94 -0.08
CA LEU A 45 12.24 2.47 0.70
C LEU A 45 11.38 3.33 -0.25
N GLN A 46 12.05 4.12 -1.08
CA GLN A 46 11.40 4.97 -2.05
C GLN A 46 10.51 4.13 -2.98
N GLU A 47 11.10 3.06 -3.54
CA GLU A 47 10.37 2.15 -4.38
C GLU A 47 9.19 1.47 -3.68
N ARG A 48 9.36 1.08 -2.39
CA ARG A 48 8.30 0.40 -1.65
C ARG A 48 7.13 1.32 -1.50
N ALA A 49 7.45 2.55 -1.15
CA ALA A 49 6.46 3.57 -0.95
C ALA A 49 5.73 3.88 -2.23
N ALA A 50 6.43 3.87 -3.33
CA ALA A 50 5.81 4.17 -4.59
C ALA A 50 4.90 3.04 -5.02
N ARG A 51 5.35 1.81 -4.86
CA ARG A 51 4.58 0.65 -5.25
C ARG A 51 3.33 0.48 -4.38
N LEU A 52 3.44 0.67 -3.08
CA LEU A 52 2.30 0.53 -2.18
C LEU A 52 1.25 1.61 -2.44
N PHE A 53 1.74 2.80 -2.63
CA PHE A 53 0.90 3.96 -2.87
C PHE A 53 0.11 3.80 -4.13
N SER A 54 0.76 3.38 -5.14
CA SER A 54 0.14 3.19 -6.42
C SER A 54 -0.79 1.95 -6.50
N VAL A 55 -0.66 1.00 -5.56
CA VAL A 55 -1.41 -0.21 -5.64
C VAL A 55 -2.64 -0.15 -4.72
N ARG A 56 -2.90 1.02 -4.14
CA ARG A 56 -4.02 1.21 -3.26
C ARG A 56 -5.35 1.02 -4.00
N GLY A 57 -5.96 -0.11 -3.79
CA GLY A 57 -7.21 -0.45 -4.39
C GLY A 57 -7.80 -1.61 -3.65
N LEU A 58 -7.35 -2.80 -4.01
CA LEU A 58 -7.73 -4.00 -3.28
C LEU A 58 -6.54 -4.92 -3.12
N ALA A 59 -5.79 -4.69 -2.07
CA ALA A 59 -4.73 -5.59 -1.68
C ALA A 59 -5.37 -6.75 -0.92
N LYS A 60 -4.60 -7.74 -0.51
CA LYS A 60 -5.13 -8.93 0.18
C LYS A 60 -5.90 -8.52 1.44
N GLU A 61 -5.37 -7.55 2.13
CA GLU A 61 -5.97 -7.04 3.35
C GLU A 61 -7.20 -6.17 3.09
N GLN A 62 -7.44 -5.82 1.84
CA GLN A 62 -8.58 -4.98 1.49
C GLN A 62 -9.69 -5.81 0.88
N ILE A 63 -9.34 -7.02 0.47
CA ILE A 63 -10.27 -7.91 -0.18
C ILE A 63 -11.28 -8.47 0.82
N ASP A 64 -12.47 -7.97 0.76
CA ASP A 64 -13.55 -8.44 1.59
C ASP A 64 -14.35 -9.44 0.78
N PRO A 65 -14.77 -10.57 1.36
CA PRO A 65 -15.54 -11.62 0.65
C PRO A 65 -16.80 -11.10 -0.04
N ALA A 66 -17.41 -10.07 0.52
CA ALA A 66 -18.63 -9.54 -0.05
C ALA A 66 -18.33 -8.42 -1.05
N LEU A 67 -17.20 -7.79 -0.86
CA LEU A 67 -16.76 -6.71 -1.73
C LEU A 67 -16.16 -7.32 -3.02
N PHE A 68 -15.66 -8.52 -2.88
CA PHE A 68 -14.98 -9.23 -3.95
C PHE A 68 -15.99 -10.11 -4.70
N ALA A 69 -17.16 -9.57 -4.93
CA ALA A 69 -18.21 -10.27 -5.67
C ALA A 69 -18.52 -9.48 -6.94
N LYS A 70 -17.64 -8.58 -7.26
CA LYS A 70 -17.75 -7.76 -8.45
C LYS A 70 -17.04 -8.45 -9.60
N PRO A 71 -17.48 -8.24 -10.86
CA PRO A 71 -16.82 -8.82 -12.04
C PRO A 71 -15.33 -8.47 -12.10
N LEU A 72 -14.49 -9.47 -11.90
CA LEU A 72 -13.04 -9.28 -11.80
C LEU A 72 -12.41 -8.98 -13.14
N LYS A 73 -13.11 -9.31 -14.19
CA LYS A 73 -12.62 -9.05 -15.53
C LYS A 73 -13.41 -7.91 -16.15
N GLY A 74 -14.20 -7.26 -15.33
CA GLY A 74 -15.05 -6.20 -15.82
C GLY A 74 -15.16 -5.08 -14.82
N LYS A 75 -14.06 -4.46 -14.51
CA LYS A 75 -14.05 -3.34 -13.59
C LYS A 75 -14.24 -2.04 -14.36
N LYS A 76 -13.65 -1.98 -15.52
CA LYS A 76 -13.77 -0.82 -16.40
C LYS A 76 -14.57 -1.18 -17.62
N LYS A 77 -15.05 -2.39 -17.67
CA LYS A 77 -15.80 -2.88 -18.79
C LYS A 77 -17.15 -3.37 -18.33
N GLY A 1 0.11 23.30 11.79
CA GLY A 1 -0.07 24.22 10.69
C GLY A 1 0.39 25.57 11.12
N PRO A 2 -0.47 26.61 11.08
CA PRO A 2 -0.12 27.93 11.60
C PRO A 2 0.13 27.86 13.12
N LEU A 3 -0.50 26.88 13.76
CA LEU A 3 -0.30 26.62 15.18
C LEU A 3 0.43 25.29 15.33
N GLY A 4 1.10 25.09 16.44
CA GLY A 4 1.87 23.88 16.65
C GLY A 4 1.14 22.85 17.47
N SER A 5 0.57 23.26 18.59
CA SER A 5 -0.14 22.34 19.46
C SER A 5 -1.52 22.06 18.89
N ILE A 6 -2.10 23.06 18.29
CA ILE A 6 -3.38 22.91 17.64
C ILE A 6 -3.14 22.51 16.20
N ASP A 7 -3.10 21.21 15.97
CA ASP A 7 -2.83 20.64 14.67
C ASP A 7 -3.24 19.16 14.70
N LYS A 8 -3.78 18.64 13.62
CA LYS A 8 -4.28 17.26 13.59
C LYS A 8 -3.35 16.32 12.82
N GLU A 9 -2.27 16.84 12.30
CA GLU A 9 -1.37 16.04 11.50
C GLU A 9 -0.31 15.42 12.39
N THR A 10 -0.60 14.26 12.90
CA THR A 10 0.27 13.58 13.78
C THR A 10 0.68 12.24 13.19
N ILE A 11 1.92 11.86 13.41
CA ILE A 11 2.43 10.58 12.98
C ILE A 11 1.86 9.50 13.87
N ASP A 12 1.04 8.66 13.31
CA ASP A 12 0.40 7.61 14.06
C ASP A 12 0.76 6.27 13.43
N LEU A 13 0.94 5.26 14.24
CA LEU A 13 1.38 3.97 13.73
C LEU A 13 0.25 2.96 13.57
N LEU A 14 -0.95 3.32 13.97
CA LEU A 14 -2.06 2.40 13.86
C LEU A 14 -3.01 2.81 12.76
N ALA A 15 -3.12 4.10 12.53
CA ALA A 15 -3.95 4.62 11.47
C ALA A 15 -3.17 4.60 10.18
N PHE A 16 -3.36 3.55 9.40
CA PHE A 16 -2.63 3.39 8.17
C PHE A 16 -3.32 4.14 7.05
N THR A 17 -2.92 5.37 6.84
CA THR A 17 -3.47 6.17 5.82
C THR A 17 -2.81 5.81 4.48
N SER A 18 -1.51 5.73 4.50
CA SER A 18 -0.74 5.44 3.35
C SER A 18 0.33 4.40 3.72
N VAL A 19 1.09 3.94 2.74
CA VAL A 19 2.15 2.97 2.93
C VAL A 19 3.27 3.43 3.87
N ALA A 20 3.40 4.74 4.10
CA ALA A 20 4.44 5.28 4.97
C ALA A 20 4.22 4.79 6.40
N GLU A 21 2.96 4.59 6.71
CA GLU A 21 2.58 4.11 7.99
C GLU A 21 3.03 2.66 8.16
N LEU A 22 2.96 1.83 7.10
CA LEU A 22 3.40 0.44 7.17
C LEU A 22 4.92 0.42 7.31
N GLU A 23 5.51 1.42 6.69
CA GLU A 23 6.94 1.61 6.64
C GLU A 23 7.45 1.97 8.04
N LEU A 24 6.57 2.50 8.90
CA LEU A 24 6.97 2.81 10.29
C LEU A 24 7.01 1.54 11.12
N LEU A 25 6.25 0.55 10.67
CA LEU A 25 6.06 -0.68 11.40
C LEU A 25 7.29 -1.56 11.26
N GLY A 26 7.82 -1.54 10.06
CA GLY A 26 8.95 -2.34 9.70
C GLY A 26 9.12 -2.30 8.22
N LEU A 27 9.72 -3.32 7.66
CA LEU A 27 9.94 -3.36 6.22
C LEU A 27 9.59 -4.74 5.65
N GLU A 28 9.47 -5.74 6.52
CA GLU A 28 9.21 -7.11 6.10
C GLU A 28 7.85 -7.24 5.39
N LYS A 29 6.84 -6.59 5.94
CA LYS A 29 5.52 -6.59 5.34
C LYS A 29 5.55 -5.98 3.94
N LEU A 30 6.32 -4.92 3.77
CA LEU A 30 6.48 -4.21 2.53
C LEU A 30 7.13 -5.13 1.51
N LYS A 31 8.12 -5.88 1.95
CA LYS A 31 8.79 -6.83 1.09
C LYS A 31 7.84 -7.89 0.59
N CYS A 32 7.06 -8.46 1.50
CA CYS A 32 6.07 -9.46 1.14
C CYS A 32 5.02 -8.83 0.21
N GLU A 33 4.61 -7.63 0.55
CA GLU A 33 3.71 -6.82 -0.25
C GLU A 33 4.19 -6.65 -1.70
N LEU A 34 5.46 -6.33 -1.89
CA LEU A 34 6.02 -6.19 -3.22
C LEU A 34 6.09 -7.53 -3.91
N MET A 35 6.38 -8.58 -3.16
CA MET A 35 6.43 -9.93 -3.71
C MET A 35 5.08 -10.32 -4.25
N ALA A 36 4.03 -10.02 -3.48
CA ALA A 36 2.64 -10.23 -3.90
C ALA A 36 2.32 -9.57 -5.23
N LEU A 37 2.96 -8.44 -5.50
CA LEU A 37 2.76 -7.74 -6.77
C LEU A 37 3.46 -8.47 -7.92
N GLY A 38 4.36 -9.37 -7.57
CA GLY A 38 5.13 -10.09 -8.58
C GLY A 38 6.55 -9.60 -8.64
N LEU A 39 6.89 -8.73 -7.73
CA LEU A 39 8.20 -8.13 -7.70
C LEU A 39 9.11 -8.91 -6.78
N LYS A 40 10.38 -8.55 -6.76
CA LYS A 40 11.37 -9.24 -5.93
C LYS A 40 11.74 -8.37 -4.75
N CYS A 41 10.83 -7.45 -4.47
CA CYS A 41 10.86 -6.50 -3.35
C CYS A 41 12.14 -5.65 -3.29
N GLY A 42 12.76 -5.45 -4.42
CA GLY A 42 13.98 -4.68 -4.48
C GLY A 42 13.73 -3.22 -4.70
N GLY A 43 14.72 -2.54 -5.20
CA GLY A 43 14.64 -1.13 -5.41
C GLY A 43 15.15 -0.40 -4.20
N THR A 44 14.56 0.71 -3.93
CA THR A 44 14.92 1.52 -2.80
C THR A 44 13.73 1.55 -1.83
N LEU A 45 13.92 2.17 -0.66
CA LEU A 45 12.83 2.32 0.31
C LEU A 45 11.71 3.13 -0.34
N GLN A 46 12.10 4.18 -1.04
CA GLN A 46 11.17 5.05 -1.75
C GLN A 46 10.38 4.23 -2.76
N GLU A 47 11.11 3.45 -3.58
CA GLU A 47 10.49 2.57 -4.58
C GLU A 47 9.46 1.64 -3.95
N ARG A 48 9.81 1.05 -2.80
CA ARG A 48 8.94 0.09 -2.17
C ARG A 48 7.65 0.73 -1.73
N ALA A 49 7.78 1.90 -1.11
CA ALA A 49 6.64 2.65 -0.67
C ALA A 49 5.80 3.15 -1.84
N ALA A 50 6.48 3.58 -2.89
CA ALA A 50 5.79 4.19 -4.00
C ALA A 50 5.00 3.19 -4.81
N ARG A 51 5.60 2.05 -5.08
CA ARG A 51 4.94 1.01 -5.84
C ARG A 51 3.70 0.51 -5.10
N LEU A 52 3.82 0.32 -3.80
CA LEU A 52 2.73 -0.10 -2.99
C LEU A 52 1.64 0.97 -2.88
N PHE A 53 2.05 2.20 -2.73
CA PHE A 53 1.11 3.30 -2.58
C PHE A 53 0.27 3.45 -3.81
N SER A 54 0.91 3.45 -4.91
CA SER A 54 0.24 3.59 -6.17
C SER A 54 -0.53 2.33 -6.61
N VAL A 55 -0.27 1.17 -6.00
CA VAL A 55 -0.92 -0.03 -6.42
C VAL A 55 -2.32 -0.15 -5.80
N ARG A 56 -2.64 0.80 -4.94
CA ARG A 56 -3.93 0.88 -4.30
C ARG A 56 -5.00 1.22 -5.33
N GLY A 57 -5.93 0.28 -5.52
CA GLY A 57 -6.99 0.45 -6.49
C GLY A 57 -7.94 1.57 -6.10
N LEU A 58 -8.77 1.32 -5.12
CA LEU A 58 -9.70 2.32 -4.67
C LEU A 58 -9.04 3.26 -3.70
N ALA A 59 -8.65 4.38 -4.21
CA ALA A 59 -8.07 5.42 -3.42
C ALA A 59 -9.19 6.25 -2.83
N LYS A 60 -8.88 7.09 -1.87
CA LYS A 60 -9.90 7.89 -1.18
C LYS A 60 -10.48 8.94 -2.11
N GLU A 61 -9.75 9.27 -3.16
CA GLU A 61 -10.20 10.17 -4.22
C GLU A 61 -11.26 9.52 -5.13
N GLN A 62 -11.53 8.25 -4.90
CA GLN A 62 -12.56 7.54 -5.66
C GLN A 62 -13.80 7.36 -4.79
N ILE A 63 -13.69 7.87 -3.58
CA ILE A 63 -14.75 7.80 -2.60
C ILE A 63 -15.27 9.20 -2.37
N ASP A 64 -16.58 9.37 -2.46
CA ASP A 64 -17.22 10.68 -2.24
C ASP A 64 -16.94 11.16 -0.81
N PRO A 65 -16.73 12.48 -0.59
CA PRO A 65 -16.48 13.04 0.76
C PRO A 65 -17.59 12.71 1.77
N ALA A 66 -18.81 12.53 1.29
CA ALA A 66 -19.93 12.22 2.17
C ALA A 66 -19.98 10.73 2.47
N LEU A 67 -19.47 9.96 1.55
CA LEU A 67 -19.44 8.50 1.64
C LEU A 67 -18.29 8.09 2.61
N PHE A 68 -17.31 8.96 2.71
CA PHE A 68 -16.13 8.71 3.52
C PHE A 68 -16.46 8.89 5.01
N ALA A 69 -15.87 8.03 5.83
CA ALA A 69 -16.13 7.98 7.28
C ALA A 69 -15.76 9.27 8.04
N LYS A 70 -14.79 10.00 7.54
CA LYS A 70 -14.37 11.25 8.19
C LYS A 70 -15.12 12.43 7.57
N PRO A 71 -16.09 13.02 8.29
CA PRO A 71 -16.96 14.09 7.79
C PRO A 71 -16.34 15.49 7.92
N LEU A 72 -15.05 15.55 7.86
CA LEU A 72 -14.33 16.81 7.97
C LEU A 72 -13.35 16.95 6.81
N LYS A 73 -13.51 16.11 5.81
CA LYS A 73 -12.64 16.15 4.66
C LYS A 73 -13.46 16.35 3.42
N GLY A 74 -13.16 17.38 2.67
CA GLY A 74 -13.89 17.66 1.48
C GLY A 74 -13.65 19.07 1.00
N LYS A 75 -12.58 19.24 0.26
CA LYS A 75 -12.20 20.55 -0.25
C LYS A 75 -12.83 20.80 -1.62
N LYS A 76 -12.70 22.02 -2.11
CA LYS A 76 -13.20 22.37 -3.42
C LYS A 76 -12.11 22.27 -4.46
N LYS A 77 -10.91 22.66 -4.09
CA LYS A 77 -9.79 22.58 -5.00
C LYS A 77 -8.79 21.54 -4.50
N GLY A 1 -20.26 13.35 3.14
CA GLY A 1 -21.09 14.30 2.41
C GLY A 1 -21.76 13.63 1.23
N PRO A 2 -22.84 14.22 0.67
CA PRO A 2 -23.56 13.67 -0.48
C PRO A 2 -22.64 13.48 -1.70
N LEU A 3 -21.69 14.39 -1.88
CA LEU A 3 -20.74 14.28 -2.97
C LEU A 3 -19.59 13.39 -2.55
N GLY A 4 -18.84 13.83 -1.56
CA GLY A 4 -17.74 13.04 -1.07
C GLY A 4 -18.16 12.22 0.12
N SER A 5 -18.47 10.97 -0.12
CA SER A 5 -18.93 10.10 0.92
C SER A 5 -17.79 9.21 1.44
N ILE A 6 -17.23 9.55 2.57
CA ILE A 6 -16.18 8.78 3.18
C ILE A 6 -16.35 8.79 4.70
N ASP A 7 -16.57 7.63 5.26
CA ASP A 7 -16.77 7.50 6.70
C ASP A 7 -15.62 6.74 7.32
N LYS A 8 -15.62 6.65 8.62
CA LYS A 8 -14.58 5.94 9.34
C LYS A 8 -15.25 4.96 10.31
N GLU A 9 -16.44 4.52 9.96
CA GLU A 9 -17.25 3.64 10.81
C GLU A 9 -16.90 2.18 10.55
N THR A 10 -15.77 1.98 10.00
CA THR A 10 -15.23 0.70 9.71
C THR A 10 -13.73 0.80 9.80
N ILE A 11 -13.09 -0.13 10.49
CA ILE A 11 -11.65 -0.13 10.60
C ILE A 11 -11.03 -0.67 9.33
N ASP A 12 -10.68 0.24 8.48
CA ASP A 12 -10.17 -0.07 7.16
C ASP A 12 -8.68 0.25 7.13
N LEU A 13 -7.90 -0.59 6.52
CA LEU A 13 -6.45 -0.41 6.50
C LEU A 13 -6.04 0.75 5.58
N LEU A 14 -6.84 1.00 4.56
CA LEU A 14 -6.52 2.01 3.57
C LEU A 14 -7.03 3.36 3.99
N ALA A 15 -7.39 3.49 5.27
CA ALA A 15 -7.77 4.76 5.84
C ALA A 15 -6.57 5.70 5.79
N PHE A 16 -5.40 5.11 5.88
CA PHE A 16 -4.17 5.83 5.75
C PHE A 16 -3.77 5.77 4.29
N THR A 17 -3.97 6.87 3.60
CA THR A 17 -3.66 6.97 2.19
C THR A 17 -2.15 6.85 1.97
N SER A 18 -1.40 7.43 2.87
CA SER A 18 0.01 7.43 2.79
C SER A 18 0.60 6.14 3.37
N VAL A 19 1.09 5.29 2.48
CA VAL A 19 1.73 4.02 2.82
C VAL A 19 3.00 4.19 3.65
N ALA A 20 3.40 5.43 3.87
CA ALA A 20 4.55 5.77 4.70
C ALA A 20 4.32 5.24 6.10
N GLU A 21 3.04 5.23 6.48
CA GLU A 21 2.62 4.72 7.76
C GLU A 21 2.96 3.24 7.87
N LEU A 22 2.75 2.46 6.77
CA LEU A 22 3.01 1.01 6.79
C LEU A 22 4.51 0.77 6.88
N GLU A 23 5.25 1.67 6.25
CA GLU A 23 6.69 1.59 6.17
C GLU A 23 7.28 1.86 7.56
N LEU A 24 6.53 2.57 8.41
CA LEU A 24 6.99 2.86 9.77
C LEU A 24 6.82 1.64 10.67
N LEU A 25 5.99 0.69 10.20
CA LEU A 25 5.63 -0.49 10.95
C LEU A 25 6.76 -1.51 10.96
N GLY A 26 7.34 -1.71 9.80
CA GLY A 26 8.39 -2.68 9.62
C GLY A 26 8.78 -2.75 8.17
N LEU A 27 9.44 -3.80 7.77
CA LEU A 27 9.86 -3.96 6.39
C LEU A 27 9.68 -5.40 5.88
N GLU A 28 9.64 -6.38 6.79
CA GLU A 28 9.54 -7.77 6.38
C GLU A 28 8.25 -8.05 5.61
N LYS A 29 7.16 -7.51 6.13
CA LYS A 29 5.87 -7.62 5.47
C LYS A 29 5.89 -6.96 4.12
N LEU A 30 6.58 -5.83 4.03
CA LEU A 30 6.68 -5.01 2.85
C LEU A 30 7.40 -5.82 1.77
N LYS A 31 8.41 -6.56 2.17
CA LYS A 31 9.13 -7.41 1.24
C LYS A 31 8.22 -8.45 0.61
N CYS A 32 7.44 -9.13 1.44
CA CYS A 32 6.48 -10.09 0.94
C CYS A 32 5.45 -9.39 0.07
N GLU A 33 5.01 -8.22 0.54
CA GLU A 33 4.10 -7.33 -0.18
C GLU A 33 4.61 -7.03 -1.60
N LEU A 34 5.89 -6.72 -1.73
CA LEU A 34 6.50 -6.42 -3.02
C LEU A 34 6.56 -7.64 -3.89
N MET A 35 6.87 -8.77 -3.27
CA MET A 35 6.95 -10.04 -3.99
C MET A 35 5.60 -10.36 -4.59
N ALA A 36 4.54 -10.16 -3.81
CA ALA A 36 3.16 -10.34 -4.27
C ALA A 36 2.82 -9.41 -5.45
N LEU A 37 3.47 -8.27 -5.48
CA LEU A 37 3.27 -7.29 -6.55
C LEU A 37 4.06 -7.65 -7.80
N GLY A 38 4.86 -8.68 -7.72
CA GLY A 38 5.63 -9.12 -8.87
C GLY A 38 7.02 -8.54 -8.86
N LEU A 39 7.44 -8.07 -7.72
CA LEU A 39 8.75 -7.51 -7.54
C LEU A 39 9.61 -8.49 -6.77
N LYS A 40 10.91 -8.31 -6.85
CA LYS A 40 11.85 -9.17 -6.15
C LYS A 40 12.22 -8.55 -4.80
N CYS A 41 11.31 -7.70 -4.32
CA CYS A 41 11.34 -6.99 -3.03
C CYS A 41 12.58 -6.11 -2.83
N GLY A 42 13.23 -5.77 -3.91
CA GLY A 42 14.38 -4.95 -3.84
C GLY A 42 14.04 -3.50 -4.07
N GLY A 43 14.87 -2.82 -4.81
CA GLY A 43 14.67 -1.43 -5.10
C GLY A 43 15.14 -0.59 -3.95
N THR A 44 14.45 0.46 -3.69
CA THR A 44 14.73 1.32 -2.57
C THR A 44 13.50 1.40 -1.68
N LEU A 45 13.66 1.96 -0.50
CA LEU A 45 12.56 2.23 0.37
C LEU A 45 11.56 3.14 -0.32
N GLN A 46 12.10 4.09 -1.10
CA GLN A 46 11.30 4.99 -1.90
C GLN A 46 10.44 4.19 -2.89
N GLU A 47 11.09 3.26 -3.62
CA GLU A 47 10.42 2.37 -4.58
C GLU A 47 9.30 1.58 -3.90
N ARG A 48 9.58 1.05 -2.71
CA ARG A 48 8.63 0.22 -2.01
C ARG A 48 7.41 1.01 -1.62
N ALA A 49 7.65 2.21 -1.09
CA ALA A 49 6.60 3.11 -0.70
C ALA A 49 5.78 3.58 -1.90
N ALA A 50 6.45 3.83 -2.99
CA ALA A 50 5.77 4.34 -4.16
C ALA A 50 4.90 3.28 -4.77
N ARG A 51 5.41 2.07 -4.86
CA ARG A 51 4.69 0.98 -5.44
C ARG A 51 3.41 0.62 -4.66
N LEU A 52 3.51 0.60 -3.32
CA LEU A 52 2.35 0.33 -2.50
C LEU A 52 1.33 1.43 -2.57
N PHE A 53 1.82 2.64 -2.57
CA PHE A 53 0.96 3.82 -2.60
C PHE A 53 0.14 3.86 -3.85
N SER A 54 0.78 3.61 -4.94
CA SER A 54 0.15 3.61 -6.24
C SER A 54 -0.78 2.39 -6.49
N VAL A 55 -0.63 1.32 -5.72
CA VAL A 55 -1.40 0.15 -5.94
C VAL A 55 -2.59 0.11 -4.98
N ARG A 56 -3.62 -0.59 -5.35
CA ARG A 56 -4.71 -0.84 -4.45
C ARG A 56 -4.24 -1.84 -3.41
N GLY A 57 -3.99 -1.36 -2.21
CA GLY A 57 -3.42 -2.20 -1.18
C GLY A 57 -4.45 -2.98 -0.41
N LEU A 58 -5.16 -3.83 -1.11
CA LEU A 58 -6.17 -4.68 -0.51
C LEU A 58 -5.75 -6.13 -0.52
N ALA A 59 -5.37 -6.62 0.63
CA ALA A 59 -4.99 -8.02 0.80
C ALA A 59 -6.20 -8.83 1.20
N LYS A 60 -6.00 -10.13 1.40
CA LYS A 60 -7.10 -11.06 1.70
C LYS A 60 -7.76 -10.74 3.03
N GLU A 61 -6.98 -10.25 3.99
CA GLU A 61 -7.50 -9.91 5.32
C GLU A 61 -8.42 -8.67 5.26
N GLN A 62 -8.30 -7.92 4.18
CA GLN A 62 -9.09 -6.72 3.98
C GLN A 62 -10.37 -7.04 3.22
N ILE A 63 -10.47 -8.27 2.80
CA ILE A 63 -11.67 -8.75 2.16
C ILE A 63 -12.50 -9.42 3.24
N ASP A 64 -13.26 -8.62 3.92
CA ASP A 64 -14.03 -9.09 5.04
C ASP A 64 -15.49 -8.82 4.78
N PRO A 65 -16.35 -9.82 4.97
CA PRO A 65 -17.78 -9.70 4.68
C PRO A 65 -18.47 -8.67 5.58
N ALA A 66 -17.90 -8.41 6.74
CA ALA A 66 -18.52 -7.49 7.67
C ALA A 66 -17.99 -6.09 7.45
N LEU A 67 -16.87 -6.01 6.76
CA LEU A 67 -16.26 -4.73 6.42
C LEU A 67 -17.06 -4.15 5.25
N PHE A 68 -17.68 -5.05 4.49
CA PHE A 68 -18.53 -4.65 3.42
C PHE A 68 -19.94 -4.46 3.94
N ALA A 69 -20.34 -3.23 4.06
CA ALA A 69 -21.69 -2.92 4.48
C ALA A 69 -22.54 -2.76 3.25
N LYS A 70 -22.08 -1.92 2.37
CA LYS A 70 -22.67 -1.72 1.08
C LYS A 70 -21.59 -1.16 0.18
N PRO A 71 -20.78 -2.03 -0.43
CA PRO A 71 -19.71 -1.62 -1.31
C PRO A 71 -20.18 -1.52 -2.76
N LEU A 72 -19.40 -0.87 -3.56
CA LEU A 72 -19.66 -0.78 -4.97
C LEU A 72 -19.00 -1.97 -5.64
N LYS A 73 -19.77 -3.05 -5.79
CA LYS A 73 -19.29 -4.34 -6.33
C LYS A 73 -18.22 -4.90 -5.40
N GLY A 74 -18.62 -5.68 -4.42
CA GLY A 74 -17.69 -6.12 -3.41
C GLY A 74 -17.18 -7.53 -3.61
N LYS A 75 -17.43 -8.12 -4.76
CA LYS A 75 -16.98 -9.47 -5.01
C LYS A 75 -15.52 -9.50 -5.44
N LYS A 76 -14.73 -10.27 -4.73
CA LYS A 76 -13.32 -10.48 -5.05
C LYS A 76 -13.23 -11.32 -6.31
N LYS A 77 -12.48 -10.83 -7.26
CA LYS A 77 -12.28 -11.54 -8.48
C LYS A 77 -10.78 -11.65 -8.79
N GLY A 1 -20.18 6.70 25.60
CA GLY A 1 -19.79 6.28 26.96
C GLY A 1 -19.49 4.79 27.02
N PRO A 2 -20.47 3.94 27.44
CA PRO A 2 -20.27 2.47 27.52
C PRO A 2 -19.85 1.87 26.18
N LEU A 3 -20.59 2.18 25.13
CA LEU A 3 -20.26 1.71 23.81
C LEU A 3 -19.58 2.83 23.06
N GLY A 4 -18.29 2.92 23.26
CA GLY A 4 -17.54 3.99 22.67
C GLY A 4 -17.30 5.06 23.70
N SER A 5 -16.19 4.97 24.38
CA SER A 5 -15.87 5.88 25.45
C SER A 5 -15.40 7.24 24.95
N ILE A 6 -14.93 7.29 23.74
CA ILE A 6 -14.50 8.53 23.13
C ILE A 6 -14.59 8.43 21.62
N ASP A 7 -15.12 9.45 21.00
CA ASP A 7 -15.19 9.52 19.56
C ASP A 7 -14.12 10.45 19.06
N LYS A 8 -13.09 9.90 18.49
CA LYS A 8 -11.96 10.68 18.07
C LYS A 8 -12.02 11.00 16.58
N GLU A 9 -12.68 12.09 16.24
CA GLU A 9 -12.74 12.53 14.88
C GLU A 9 -11.50 13.35 14.58
N THR A 10 -10.71 12.87 13.70
CA THR A 10 -9.49 13.51 13.39
C THR A 10 -9.37 13.71 11.90
N ILE A 11 -9.10 14.92 11.50
CA ILE A 11 -8.84 15.24 10.14
C ILE A 11 -7.44 14.74 9.84
N ASP A 12 -7.36 13.59 9.19
CA ASP A 12 -6.08 12.97 8.93
C ASP A 12 -5.45 13.56 7.71
N LEU A 13 -4.77 14.65 7.93
CA LEU A 13 -4.17 15.40 6.85
C LEU A 13 -2.72 15.73 7.18
N LEU A 14 -2.46 15.99 8.45
CA LEU A 14 -1.14 16.36 8.89
C LEU A 14 -0.30 15.12 9.14
N ALA A 15 -0.96 13.99 9.26
CA ALA A 15 -0.32 12.73 9.44
C ALA A 15 -0.30 11.95 8.13
N PHE A 16 0.14 10.72 8.17
CA PHE A 16 0.24 9.92 6.97
C PHE A 16 -1.02 9.13 6.74
N THR A 17 -1.59 9.28 5.59
CA THR A 17 -2.73 8.54 5.19
C THR A 17 -2.28 7.44 4.18
N SER A 18 -1.06 7.59 3.71
CA SER A 18 -0.49 6.75 2.70
C SER A 18 0.13 5.47 3.30
N VAL A 19 0.74 4.66 2.42
CA VAL A 19 1.46 3.43 2.81
C VAL A 19 2.65 3.69 3.76
N ALA A 20 2.93 4.96 4.03
CA ALA A 20 3.98 5.36 4.96
C ALA A 20 3.68 4.82 6.36
N GLU A 21 2.38 4.63 6.62
CA GLU A 21 1.95 4.07 7.87
C GLU A 21 2.48 2.65 7.98
N LEU A 22 2.39 1.88 6.88
CA LEU A 22 2.81 0.49 6.87
C LEU A 22 4.30 0.42 6.99
N GLU A 23 4.95 1.41 6.39
CA GLU A 23 6.38 1.54 6.41
C GLU A 23 6.88 1.69 7.85
N LEU A 24 6.04 2.27 8.72
CA LEU A 24 6.43 2.44 10.11
C LEU A 24 6.29 1.11 10.88
N LEU A 25 5.56 0.15 10.29
CA LEU A 25 5.30 -1.12 10.93
C LEU A 25 6.55 -1.96 10.88
N GLY A 26 6.96 -2.27 9.67
CA GLY A 26 8.13 -3.07 9.44
C GLY A 26 8.56 -2.93 8.00
N LEU A 27 9.84 -2.85 7.80
CA LEU A 27 10.42 -2.66 6.47
C LEU A 27 10.28 -3.95 5.65
N GLU A 28 10.44 -5.07 6.34
CA GLU A 28 10.35 -6.39 5.74
C GLU A 28 8.94 -6.62 5.17
N LYS A 29 7.93 -6.12 5.88
CA LYS A 29 6.55 -6.19 5.43
C LYS A 29 6.41 -5.64 4.02
N LEU A 30 7.02 -4.49 3.76
CA LEU A 30 6.97 -3.81 2.47
C LEU A 30 7.70 -4.63 1.41
N LYS A 31 8.73 -5.34 1.84
CA LYS A 31 9.45 -6.25 0.95
C LYS A 31 8.47 -7.33 0.46
N CYS A 32 7.75 -7.93 1.42
CA CYS A 32 6.73 -8.93 1.11
C CYS A 32 5.61 -8.29 0.28
N GLU A 33 5.29 -7.05 0.60
CA GLU A 33 4.35 -6.24 -0.16
C GLU A 33 4.67 -6.22 -1.66
N LEU A 34 5.95 -6.05 -2.02
CA LEU A 34 6.34 -6.10 -3.42
C LEU A 34 6.19 -7.51 -3.98
N MET A 35 6.43 -8.51 -3.14
CA MET A 35 6.29 -9.90 -3.57
C MET A 35 4.86 -10.18 -3.98
N ALA A 36 3.92 -9.84 -3.11
CA ALA A 36 2.47 -9.99 -3.38
C ALA A 36 2.03 -9.30 -4.66
N LEU A 37 2.68 -8.18 -4.99
CA LEU A 37 2.38 -7.42 -6.20
C LEU A 37 2.88 -8.13 -7.47
N GLY A 38 3.58 -9.21 -7.30
CA GLY A 38 4.06 -9.98 -8.43
C GLY A 38 5.51 -9.68 -8.73
N LEU A 39 6.12 -8.92 -7.88
CA LEU A 39 7.49 -8.54 -8.06
C LEU A 39 8.38 -9.42 -7.20
N LYS A 40 9.66 -9.39 -7.46
CA LYS A 40 10.63 -10.21 -6.73
C LYS A 40 11.24 -9.37 -5.59
N CYS A 41 10.60 -8.26 -5.34
CA CYS A 41 10.97 -7.26 -4.32
C CYS A 41 12.43 -6.84 -4.40
N GLY A 42 12.97 -6.79 -5.61
CA GLY A 42 14.36 -6.42 -5.80
C GLY A 42 14.54 -4.94 -5.98
N GLY A 43 13.47 -4.20 -5.77
CA GLY A 43 13.52 -2.77 -5.85
C GLY A 43 14.04 -2.19 -4.57
N THR A 44 14.14 -0.90 -4.53
CA THR A 44 14.62 -0.22 -3.35
C THR A 44 13.56 -0.18 -2.26
N LEU A 45 13.95 0.28 -1.07
CA LEU A 45 13.05 0.49 0.01
C LEU A 45 12.01 1.51 -0.44
N GLN A 46 12.51 2.51 -1.17
CA GLN A 46 11.69 3.54 -1.78
C GLN A 46 10.68 2.92 -2.72
N GLU A 47 11.14 2.03 -3.61
CA GLU A 47 10.27 1.31 -4.55
C GLU A 47 9.19 0.53 -3.84
N ARG A 48 9.50 -0.10 -2.68
CA ARG A 48 8.51 -0.93 -2.02
C ARG A 48 7.33 -0.09 -1.58
N ALA A 49 7.64 1.05 -0.97
CA ALA A 49 6.63 1.97 -0.53
C ALA A 49 5.90 2.60 -1.69
N ALA A 50 6.63 2.94 -2.75
CA ALA A 50 6.05 3.66 -3.85
C ALA A 50 5.13 2.82 -4.69
N ARG A 51 5.54 1.61 -4.97
CA ARG A 51 4.72 0.70 -5.75
C ARG A 51 3.43 0.38 -5.00
N LEU A 52 3.54 0.18 -3.70
CA LEU A 52 2.39 -0.07 -2.86
C LEU A 52 1.48 1.18 -2.77
N PHE A 53 2.12 2.33 -2.69
CA PHE A 53 1.45 3.63 -2.59
C PHE A 53 0.63 3.90 -3.80
N SER A 54 1.22 3.66 -4.94
CA SER A 54 0.60 3.84 -6.24
C SER A 54 -0.69 3.03 -6.44
N VAL A 55 -0.90 2.00 -5.63
CA VAL A 55 -2.08 1.27 -5.72
C VAL A 55 -2.98 1.58 -4.52
N ARG A 56 -2.48 1.38 -3.31
CA ARG A 56 -3.22 1.66 -2.13
C ARG A 56 -3.32 3.15 -1.85
N GLY A 57 -4.42 3.73 -2.24
CA GLY A 57 -4.62 5.12 -2.02
C GLY A 57 -5.98 5.37 -1.44
N LEU A 58 -6.18 4.96 -0.22
CA LEU A 58 -7.46 5.11 0.42
C LEU A 58 -7.39 6.06 1.58
N ALA A 59 -8.27 7.04 1.56
CA ALA A 59 -8.40 7.96 2.66
C ALA A 59 -9.03 7.22 3.84
N LYS A 60 -8.86 7.75 5.03
CA LYS A 60 -9.32 7.10 6.25
C LYS A 60 -10.84 6.93 6.29
N GLU A 61 -11.54 7.88 5.73
CA GLU A 61 -12.99 7.81 5.62
C GLU A 61 -13.46 6.82 4.53
N GLN A 62 -12.52 6.27 3.77
CA GLN A 62 -12.86 5.33 2.71
C GLN A 62 -12.63 3.90 3.15
N ILE A 63 -12.17 3.72 4.36
CA ILE A 63 -11.88 2.39 4.86
C ILE A 63 -13.18 1.64 5.15
N ASP A 64 -13.26 0.45 4.61
CA ASP A 64 -14.43 -0.41 4.74
C ASP A 64 -14.35 -1.20 6.05
N PRO A 65 -15.50 -1.49 6.72
CA PRO A 65 -15.55 -2.24 8.01
C PRO A 65 -14.93 -3.64 7.95
N ALA A 66 -14.81 -4.19 6.76
CA ALA A 66 -14.21 -5.52 6.62
C ALA A 66 -12.74 -5.42 6.22
N LEU A 67 -12.32 -4.25 5.79
CA LEU A 67 -10.95 -4.03 5.31
C LEU A 67 -10.00 -3.92 6.52
N PHE A 68 -10.53 -3.49 7.63
CA PHE A 68 -9.78 -3.32 8.84
C PHE A 68 -10.75 -3.55 9.97
N ALA A 69 -10.27 -3.67 11.19
CA ALA A 69 -11.14 -3.78 12.34
C ALA A 69 -11.76 -2.41 12.60
N LYS A 70 -12.86 -2.16 11.97
CA LYS A 70 -13.52 -0.90 12.07
C LYS A 70 -15.02 -1.09 12.15
N PRO A 71 -15.64 -0.68 13.26
CA PRO A 71 -17.07 -0.72 13.39
C PRO A 71 -17.71 0.33 12.46
N LEU A 72 -18.27 -0.14 11.35
CA LEU A 72 -18.87 0.74 10.37
C LEU A 72 -19.97 -0.01 9.60
N LYS A 73 -20.55 -0.99 10.24
CA LYS A 73 -21.62 -1.76 9.63
C LYS A 73 -22.92 -0.98 9.74
N GLY A 74 -23.12 -0.39 10.87
CA GLY A 74 -24.29 0.41 11.12
C GLY A 74 -23.95 1.52 12.06
N LYS A 75 -22.94 2.27 11.71
CA LYS A 75 -22.45 3.31 12.56
C LYS A 75 -22.37 4.61 11.76
N LYS A 76 -23.37 5.43 11.94
CA LYS A 76 -23.44 6.69 11.24
C LYS A 76 -22.43 7.66 11.81
N LYS A 77 -22.41 7.75 13.10
CA LYS A 77 -21.49 8.62 13.79
C LYS A 77 -20.88 7.86 14.94
N GLY A 1 21.99 13.79 -3.84
CA GLY A 1 23.17 12.94 -3.67
C GLY A 1 23.49 12.75 -2.21
N PRO A 2 24.15 11.63 -1.84
CA PRO A 2 24.44 11.30 -0.43
C PRO A 2 25.30 12.36 0.30
N LEU A 3 26.20 12.98 -0.43
CA LEU A 3 27.07 14.00 0.17
C LEU A 3 26.57 15.39 -0.18
N GLY A 4 26.04 15.54 -1.38
CA GLY A 4 25.59 16.83 -1.85
C GLY A 4 24.32 17.31 -1.19
N SER A 5 23.42 16.41 -0.92
CA SER A 5 22.16 16.76 -0.33
C SER A 5 22.19 16.45 1.17
N ILE A 6 22.21 17.48 1.98
CA ILE A 6 22.25 17.32 3.43
C ILE A 6 21.02 17.95 4.11
N ASP A 7 20.21 18.60 3.32
CA ASP A 7 19.02 19.27 3.83
C ASP A 7 17.80 18.58 3.32
N LYS A 8 16.94 18.19 4.21
CA LYS A 8 15.68 17.58 3.85
C LYS A 8 14.56 18.24 4.64
N GLU A 9 13.37 18.11 4.15
CA GLU A 9 12.18 18.59 4.82
C GLU A 9 11.33 17.37 5.13
N THR A 10 10.35 17.50 5.98
CA THR A 10 9.48 16.39 6.27
C THR A 10 8.10 16.62 5.68
N ILE A 11 8.07 17.49 4.73
CA ILE A 11 6.85 17.85 4.07
C ILE A 11 6.83 17.23 2.69
N ASP A 12 6.03 16.21 2.52
CA ASP A 12 5.91 15.52 1.25
C ASP A 12 4.53 14.92 1.16
N LEU A 13 4.05 14.73 -0.03
CA LEU A 13 2.74 14.17 -0.25
C LEU A 13 2.75 12.68 0.10
N LEU A 14 3.93 12.09 0.06
CA LEU A 14 4.10 10.67 0.35
C LEU A 14 4.48 10.47 1.81
N ALA A 15 4.35 11.51 2.62
CA ALA A 15 4.68 11.42 4.04
C ALA A 15 3.47 11.74 4.92
N PHE A 16 2.33 11.95 4.27
CA PHE A 16 1.08 12.28 4.95
C PHE A 16 -0.05 11.61 4.20
N THR A 17 -0.90 10.87 4.94
CA THR A 17 -2.03 10.14 4.38
C THR A 17 -1.50 9.15 3.32
N SER A 18 -0.44 8.46 3.68
CA SER A 18 0.27 7.67 2.75
C SER A 18 0.76 6.36 3.37
N VAL A 19 1.38 5.55 2.55
CA VAL A 19 2.03 4.33 2.97
C VAL A 19 3.20 4.52 3.95
N ALA A 20 3.59 5.76 4.23
CA ALA A 20 4.70 6.01 5.16
C ALA A 20 4.29 5.54 6.55
N GLU A 21 3.03 5.73 6.82
CA GLU A 21 2.43 5.27 8.02
C GLU A 21 2.52 3.74 8.09
N LEU A 22 2.26 3.06 6.96
CA LEU A 22 2.38 1.59 6.92
C LEU A 22 3.86 1.18 6.99
N GLU A 23 4.70 2.07 6.45
CA GLU A 23 6.14 1.88 6.36
C GLU A 23 6.75 1.78 7.74
N LEU A 24 6.13 2.43 8.73
CA LEU A 24 6.72 2.41 10.06
C LEU A 24 6.45 1.08 10.81
N LEU A 25 5.70 0.17 10.15
CA LEU A 25 5.33 -1.12 10.74
C LEU A 25 6.54 -2.04 10.74
N GLY A 26 7.04 -2.32 9.55
CA GLY A 26 8.14 -3.19 9.36
C GLY A 26 8.60 -3.13 7.92
N LEU A 27 9.87 -3.25 7.70
CA LEU A 27 10.43 -3.13 6.35
C LEU A 27 10.18 -4.40 5.53
N GLU A 28 10.14 -5.55 6.22
CA GLU A 28 9.94 -6.83 5.57
C GLU A 28 8.55 -6.90 4.91
N LYS A 29 7.54 -6.36 5.60
CA LYS A 29 6.18 -6.24 5.08
C LYS A 29 6.14 -5.63 3.67
N LEU A 30 6.91 -4.57 3.48
CA LEU A 30 6.99 -3.86 2.24
C LEU A 30 7.63 -4.73 1.16
N LYS A 31 8.68 -5.43 1.56
CA LYS A 31 9.42 -6.32 0.67
C LYS A 31 8.47 -7.45 0.20
N CYS A 32 7.78 -8.03 1.17
CA CYS A 32 6.84 -9.12 0.93
C CYS A 32 5.69 -8.68 0.02
N GLU A 33 5.19 -7.46 0.24
CA GLU A 33 4.14 -6.89 -0.60
C GLU A 33 4.54 -6.93 -2.09
N LEU A 34 5.80 -6.56 -2.40
CA LEU A 34 6.28 -6.58 -3.76
C LEU A 34 6.37 -7.99 -4.30
N MET A 35 6.68 -8.94 -3.41
CA MET A 35 6.78 -10.34 -3.78
C MET A 35 5.44 -10.80 -4.32
N ALA A 36 4.39 -10.58 -3.51
CA ALA A 36 3.02 -10.91 -3.89
C ALA A 36 2.55 -10.18 -5.16
N LEU A 37 3.11 -9.00 -5.42
CA LEU A 37 2.77 -8.25 -6.63
C LEU A 37 3.40 -8.86 -7.88
N GLY A 38 4.40 -9.69 -7.69
CA GLY A 38 5.10 -10.27 -8.81
C GLY A 38 6.19 -9.34 -9.29
N LEU A 39 6.78 -8.65 -8.36
CA LEU A 39 7.83 -7.72 -8.62
C LEU A 39 9.11 -8.20 -8.00
N LYS A 40 10.19 -7.60 -8.40
CA LYS A 40 11.45 -7.91 -7.86
C LYS A 40 11.64 -7.04 -6.64
N CYS A 41 11.34 -7.60 -5.49
CA CYS A 41 11.39 -6.90 -4.20
C CYS A 41 12.79 -6.43 -3.77
N GLY A 42 13.79 -6.62 -4.63
CA GLY A 42 15.14 -6.23 -4.31
C GLY A 42 15.41 -4.77 -4.61
N GLY A 43 14.34 -4.02 -4.89
CA GLY A 43 14.46 -2.60 -5.14
C GLY A 43 14.69 -1.83 -3.87
N THR A 44 14.55 -0.55 -3.95
CA THR A 44 14.73 0.29 -2.81
C THR A 44 13.53 0.20 -1.89
N LEU A 45 13.74 0.57 -0.64
CA LEU A 45 12.65 0.65 0.31
C LEU A 45 11.68 1.72 -0.20
N GLN A 46 12.25 2.74 -0.88
CA GLN A 46 11.47 3.78 -1.52
C GLN A 46 10.53 3.14 -2.54
N GLU A 47 11.09 2.26 -3.41
CA GLU A 47 10.32 1.53 -4.42
C GLU A 47 9.19 0.74 -3.78
N ARG A 48 9.49 0.08 -2.65
CA ARG A 48 8.52 -0.78 -2.01
C ARG A 48 7.34 0.02 -1.49
N ALA A 49 7.63 1.14 -0.83
CA ALA A 49 6.61 2.05 -0.34
C ALA A 49 5.84 2.70 -1.47
N ALA A 50 6.54 3.08 -2.50
CA ALA A 50 5.93 3.81 -3.59
C ALA A 50 5.00 2.93 -4.37
N ARG A 51 5.41 1.72 -4.61
CA ARG A 51 4.59 0.76 -5.29
C ARG A 51 3.32 0.46 -4.47
N LEU A 52 3.46 0.33 -3.15
CA LEU A 52 2.33 0.09 -2.28
C LEU A 52 1.39 1.29 -2.28
N PHE A 53 1.97 2.47 -2.29
CA PHE A 53 1.20 3.69 -2.33
C PHE A 53 0.39 3.76 -3.59
N SER A 54 1.04 3.46 -4.64
CA SER A 54 0.46 3.46 -5.96
C SER A 54 -0.51 2.29 -6.24
N VAL A 55 -0.53 1.26 -5.36
CA VAL A 55 -1.42 0.16 -5.59
C VAL A 55 -2.86 0.59 -5.30
N ARG A 56 -2.99 1.67 -4.52
CA ARG A 56 -4.27 2.25 -4.22
C ARG A 56 -4.84 3.01 -5.44
N GLY A 57 -5.29 2.25 -6.41
CA GLY A 57 -5.95 2.80 -7.57
C GLY A 57 -4.99 3.18 -8.67
N LEU A 58 -4.23 4.21 -8.44
CA LEU A 58 -3.34 4.79 -9.44
C LEU A 58 -2.05 5.26 -8.80
N ALA A 59 -1.19 5.82 -9.62
CA ALA A 59 0.09 6.33 -9.19
C ALA A 59 0.20 7.77 -9.62
N LYS A 60 1.18 8.48 -9.09
CA LYS A 60 1.41 9.89 -9.44
C LYS A 60 1.66 10.05 -10.94
N GLU A 61 2.40 9.11 -11.53
CA GLU A 61 2.68 9.13 -12.96
C GLU A 61 1.47 8.69 -13.80
N GLN A 62 0.42 8.21 -13.15
CA GLN A 62 -0.80 7.80 -13.85
C GLN A 62 -1.88 8.85 -13.72
N ILE A 63 -1.67 9.79 -12.80
CA ILE A 63 -2.58 10.90 -12.61
C ILE A 63 -2.50 11.81 -13.82
N ASP A 64 -3.65 12.32 -14.26
CA ASP A 64 -3.73 13.23 -15.41
C ASP A 64 -2.74 14.37 -15.26
N PRO A 65 -1.97 14.68 -16.31
CA PRO A 65 -0.92 15.71 -16.29
C PRO A 65 -1.40 17.09 -15.82
N ALA A 66 -2.66 17.40 -16.07
CA ALA A 66 -3.18 18.71 -15.71
C ALA A 66 -3.80 18.67 -14.33
N LEU A 67 -4.27 17.50 -13.96
CA LEU A 67 -4.90 17.25 -12.68
C LEU A 67 -3.78 17.14 -11.62
N PHE A 68 -2.61 16.77 -12.08
CA PHE A 68 -1.44 16.62 -11.27
C PHE A 68 -0.90 17.99 -10.84
N ALA A 69 -0.34 18.04 -9.66
CA ALA A 69 0.20 19.23 -9.10
C ALA A 69 1.36 18.85 -8.23
N LYS A 70 2.28 19.75 -8.09
CA LYS A 70 3.42 19.55 -7.24
C LYS A 70 3.29 20.49 -6.03
N PRO A 71 2.83 19.97 -4.87
CA PRO A 71 2.62 20.77 -3.66
C PRO A 71 3.94 21.34 -3.12
N LEU A 72 3.88 22.56 -2.67
CA LEU A 72 5.03 23.28 -2.16
C LEU A 72 4.60 24.20 -1.02
N LYS A 73 5.53 24.87 -0.38
CA LYS A 73 5.19 25.77 0.71
C LYS A 73 4.62 27.07 0.14
N GLY A 74 3.31 27.14 0.12
CA GLY A 74 2.61 28.26 -0.46
C GLY A 74 1.78 27.77 -1.64
N LYS A 75 1.23 28.68 -2.41
CA LYS A 75 0.44 28.30 -3.56
C LYS A 75 1.13 28.73 -4.83
N LYS A 76 1.51 27.77 -5.64
CA LYS A 76 2.17 28.05 -6.89
C LYS A 76 1.81 27.00 -7.90
N LYS A 77 1.61 27.41 -9.12
CA LYS A 77 1.43 26.52 -10.21
C LYS A 77 2.73 26.57 -11.01
N GLY A 1 3.80 1.79 -24.88
CA GLY A 1 3.59 1.86 -26.32
C GLY A 1 4.11 0.64 -27.01
N PRO A 2 4.23 0.65 -28.35
CA PRO A 2 4.70 -0.50 -29.12
C PRO A 2 6.14 -0.89 -28.78
N LEU A 3 7.00 0.10 -28.69
CA LEU A 3 8.40 -0.12 -28.38
C LEU A 3 8.99 1.13 -27.78
N GLY A 4 10.09 0.99 -27.08
CA GLY A 4 10.78 2.13 -26.49
C GLY A 4 10.04 2.65 -25.28
N SER A 5 9.27 1.80 -24.68
CA SER A 5 8.48 2.17 -23.54
C SER A 5 9.19 1.77 -22.25
N ILE A 6 9.61 2.76 -21.51
CA ILE A 6 10.26 2.53 -20.24
C ILE A 6 9.38 3.14 -19.16
N ASP A 7 8.56 2.33 -18.53
CA ASP A 7 7.67 2.83 -17.52
C ASP A 7 7.98 2.21 -16.19
N LYS A 8 8.31 3.03 -15.24
CA LYS A 8 8.61 2.56 -13.90
C LYS A 8 8.13 3.63 -12.90
N GLU A 9 7.62 4.72 -13.42
CA GLU A 9 7.34 5.88 -12.58
C GLU A 9 5.87 6.25 -12.56
N THR A 10 5.04 5.31 -12.80
CA THR A 10 3.63 5.54 -12.77
C THR A 10 3.08 5.44 -11.37
N ILE A 11 3.06 6.58 -10.73
CA ILE A 11 2.57 6.75 -9.39
C ILE A 11 1.27 7.53 -9.48
N ASP A 12 0.34 7.28 -8.60
CA ASP A 12 -0.98 7.88 -8.68
C ASP A 12 -1.18 8.88 -7.54
N LEU A 13 -1.99 9.89 -7.78
CA LEU A 13 -2.24 10.96 -6.81
C LEU A 13 -3.51 10.72 -6.02
N LEU A 14 -4.42 9.94 -6.58
CA LEU A 14 -5.71 9.70 -5.97
C LEU A 14 -5.64 8.47 -5.08
N ALA A 15 -4.50 7.82 -5.14
CA ALA A 15 -4.24 6.65 -4.34
C ALA A 15 -4.07 7.04 -2.88
N PHE A 16 -5.11 6.84 -2.12
CA PHE A 16 -5.07 7.16 -0.73
C PHE A 16 -4.76 5.91 0.08
N THR A 17 -3.52 5.62 0.19
CA THR A 17 -3.01 4.54 0.92
C THR A 17 -1.61 4.93 1.32
N SER A 18 -1.55 5.69 2.38
CA SER A 18 -0.33 6.17 2.91
C SER A 18 0.54 5.05 3.46
N VAL A 19 1.35 4.49 2.60
CA VAL A 19 2.30 3.43 2.95
C VAL A 19 3.34 3.83 3.99
N ALA A 20 3.37 5.13 4.34
CA ALA A 20 4.24 5.63 5.39
C ALA A 20 3.87 4.97 6.71
N GLU A 21 2.60 4.62 6.81
CA GLU A 21 2.08 3.92 7.96
C GLU A 21 2.76 2.57 8.06
N LEU A 22 2.89 1.87 6.93
CA LEU A 22 3.51 0.55 6.88
C LEU A 22 4.98 0.68 7.14
N GLU A 23 5.54 1.76 6.62
CA GLU A 23 6.93 2.10 6.77
C GLU A 23 7.32 2.17 8.24
N LEU A 24 6.39 2.56 9.11
CA LEU A 24 6.68 2.66 10.53
C LEU A 24 6.68 1.28 11.21
N LEU A 25 6.07 0.28 10.56
CA LEU A 25 5.88 -1.04 11.15
C LEU A 25 7.18 -1.82 11.19
N GLY A 26 7.81 -1.90 10.03
CA GLY A 26 9.03 -2.63 9.86
C GLY A 26 9.44 -2.55 8.42
N LEU A 27 10.00 -3.60 7.89
CA LEU A 27 10.40 -3.62 6.49
C LEU A 27 9.88 -4.87 5.75
N GLU A 28 9.69 -5.97 6.47
CA GLU A 28 9.29 -7.22 5.86
C GLU A 28 7.91 -7.17 5.22
N LYS A 29 6.95 -6.51 5.88
CA LYS A 29 5.61 -6.33 5.31
C LYS A 29 5.66 -5.72 3.91
N LEU A 30 6.50 -4.70 3.76
CA LEU A 30 6.69 -4.01 2.53
C LEU A 30 7.26 -4.98 1.50
N LYS A 31 8.25 -5.73 1.93
CA LYS A 31 8.92 -6.69 1.08
C LYS A 31 7.97 -7.76 0.57
N CYS A 32 7.23 -8.34 1.49
CA CYS A 32 6.30 -9.39 1.17
C CYS A 32 5.20 -8.88 0.24
N GLU A 33 4.69 -7.70 0.53
CA GLU A 33 3.65 -7.10 -0.27
C GLU A 33 4.10 -6.89 -1.73
N LEU A 34 5.35 -6.48 -1.91
CA LEU A 34 5.92 -6.31 -3.26
C LEU A 34 6.08 -7.64 -3.93
N MET A 35 6.49 -8.63 -3.16
CA MET A 35 6.67 -9.99 -3.68
C MET A 35 5.33 -10.53 -4.17
N ALA A 36 4.30 -10.35 -3.35
CA ALA A 36 2.93 -10.71 -3.72
C ALA A 36 2.49 -10.05 -5.02
N LEU A 37 2.97 -8.82 -5.27
CA LEU A 37 2.65 -8.11 -6.52
C LEU A 37 3.31 -8.81 -7.71
N GLY A 38 4.39 -9.51 -7.43
CA GLY A 38 5.11 -10.20 -8.46
C GLY A 38 6.57 -9.84 -8.47
N LEU A 39 6.92 -8.87 -7.65
CA LEU A 39 8.29 -8.37 -7.56
C LEU A 39 9.11 -9.21 -6.59
N LYS A 40 10.39 -8.90 -6.48
CA LYS A 40 11.29 -9.61 -5.59
C LYS A 40 11.67 -8.69 -4.44
N CYS A 41 10.92 -7.62 -4.36
CA CYS A 41 11.02 -6.52 -3.37
C CYS A 41 12.33 -5.73 -3.51
N GLY A 42 12.99 -5.91 -4.63
CA GLY A 42 14.25 -5.27 -4.87
C GLY A 42 14.08 -3.84 -5.30
N GLY A 43 14.91 -2.99 -4.77
CA GLY A 43 14.86 -1.61 -5.07
C GLY A 43 15.17 -0.82 -3.84
N THR A 44 14.83 0.42 -3.85
CA THR A 44 15.04 1.27 -2.73
C THR A 44 13.79 1.27 -1.86
N LEU A 45 13.91 1.81 -0.66
CA LEU A 45 12.76 1.95 0.22
C LEU A 45 11.73 2.86 -0.47
N GLN A 46 12.25 3.86 -1.16
CA GLN A 46 11.41 4.79 -1.92
C GLN A 46 10.61 4.01 -2.96
N GLU A 47 11.30 3.16 -3.72
CA GLU A 47 10.70 2.28 -4.73
C GLU A 47 9.60 1.41 -4.12
N ARG A 48 9.89 0.85 -2.95
CA ARG A 48 8.96 -0.05 -2.30
C ARG A 48 7.70 0.67 -1.88
N ALA A 49 7.88 1.84 -1.29
CA ALA A 49 6.78 2.65 -0.83
C ALA A 49 5.93 3.16 -1.97
N ALA A 50 6.58 3.54 -3.06
CA ALA A 50 5.88 4.13 -4.17
C ALA A 50 5.00 3.13 -4.88
N ARG A 51 5.51 1.93 -5.09
CA ARG A 51 4.75 0.90 -5.77
C ARG A 51 3.52 0.47 -4.97
N LEU A 52 3.67 0.31 -3.67
CA LEU A 52 2.57 -0.08 -2.82
C LEU A 52 1.51 1.01 -2.71
N PHE A 53 1.98 2.23 -2.57
CA PHE A 53 1.11 3.39 -2.44
C PHE A 53 0.24 3.55 -3.66
N SER A 54 0.87 3.47 -4.78
CA SER A 54 0.21 3.63 -6.06
C SER A 54 -0.68 2.45 -6.48
N VAL A 55 -0.50 1.26 -5.88
CA VAL A 55 -1.19 0.10 -6.35
C VAL A 55 -2.66 0.08 -5.88
N ARG A 56 -3.04 1.05 -5.07
CA ARG A 56 -4.41 1.18 -4.62
C ARG A 56 -5.35 1.46 -5.80
N GLY A 57 -6.15 0.49 -6.13
CA GLY A 57 -7.09 0.62 -7.23
C GLY A 57 -6.56 -0.05 -8.48
N LEU A 58 -5.34 -0.50 -8.42
CA LEU A 58 -4.71 -1.14 -9.55
C LEU A 58 -4.55 -2.61 -9.29
N ALA A 59 -4.65 -3.37 -10.33
CA ALA A 59 -4.41 -4.78 -10.27
C ALA A 59 -2.93 -5.01 -10.54
N LYS A 60 -2.43 -6.16 -10.18
CA LYS A 60 -1.03 -6.50 -10.37
C LYS A 60 -0.67 -6.48 -11.87
N GLU A 61 -1.66 -6.81 -12.71
CA GLU A 61 -1.47 -6.78 -14.17
C GLU A 61 -1.45 -5.36 -14.74
N GLN A 62 -1.73 -4.37 -13.90
CA GLN A 62 -1.71 -2.99 -14.33
C GLN A 62 -0.34 -2.39 -14.04
N ILE A 63 0.47 -3.13 -13.33
CA ILE A 63 1.83 -2.74 -13.12
C ILE A 63 2.58 -3.17 -14.38
N ASP A 64 3.52 -2.37 -14.82
CA ASP A 64 4.20 -2.62 -16.09
C ASP A 64 4.91 -3.95 -16.07
N PRO A 65 4.66 -4.81 -17.05
CA PRO A 65 5.24 -6.15 -17.10
C PRO A 65 6.77 -6.12 -17.19
N ALA A 66 7.30 -5.05 -17.76
CA ALA A 66 8.74 -4.97 -17.96
C ALA A 66 9.42 -4.36 -16.75
N LEU A 67 8.60 -3.87 -15.84
CA LEU A 67 9.04 -3.32 -14.59
C LEU A 67 9.42 -4.48 -13.69
N PHE A 68 8.81 -5.64 -13.93
CA PHE A 68 9.12 -6.84 -13.22
C PHE A 68 10.40 -7.45 -13.79
N ALA A 69 11.50 -6.81 -13.50
CA ALA A 69 12.79 -7.26 -13.93
C ALA A 69 13.34 -8.21 -12.90
N LYS A 70 12.90 -8.03 -11.69
CA LYS A 70 13.24 -8.88 -10.60
C LYS A 70 11.95 -9.41 -9.99
N PRO A 71 11.45 -10.53 -10.51
CA PRO A 71 10.24 -11.15 -9.98
C PRO A 71 10.53 -12.11 -8.81
N LEU A 72 9.48 -12.70 -8.26
CA LEU A 72 9.58 -13.59 -7.07
C LEU A 72 10.20 -14.97 -7.40
N LYS A 73 10.89 -15.06 -8.50
CA LYS A 73 11.58 -16.27 -8.91
C LYS A 73 12.83 -16.42 -8.07
N GLY A 74 13.06 -17.60 -7.57
CA GLY A 74 14.17 -17.83 -6.69
C GLY A 74 13.83 -17.34 -5.30
N LYS A 75 12.60 -17.64 -4.90
CA LYS A 75 12.06 -17.18 -3.64
C LYS A 75 12.68 -17.93 -2.46
N LYS A 76 13.28 -17.17 -1.58
CA LYS A 76 13.97 -17.70 -0.42
C LYS A 76 13.56 -16.94 0.81
N LYS A 77 13.44 -17.62 1.91
CA LYS A 77 13.10 -16.99 3.14
C LYS A 77 14.38 -16.68 3.87
N GLY A 1 -16.60 8.30 13.57
CA GLY A 1 -16.19 9.03 14.76
C GLY A 1 -16.21 10.53 14.52
N PRO A 2 -15.81 11.34 15.51
CA PRO A 2 -15.78 12.79 15.38
C PRO A 2 -14.63 13.24 14.49
N LEU A 3 -14.96 13.48 13.26
CA LEU A 3 -14.01 13.89 12.26
C LEU A 3 -14.70 14.74 11.21
N GLY A 4 -13.94 15.32 10.30
CA GLY A 4 -14.50 16.18 9.30
C GLY A 4 -13.75 16.13 7.99
N SER A 5 -12.43 16.12 8.06
CA SER A 5 -11.60 16.04 6.87
C SER A 5 -11.77 14.67 6.22
N ILE A 6 -11.92 13.67 7.05
CA ILE A 6 -12.18 12.33 6.60
C ILE A 6 -13.69 12.23 6.39
N ASP A 7 -14.12 11.46 5.42
CA ASP A 7 -15.53 11.33 5.19
C ASP A 7 -16.06 10.23 6.08
N LYS A 8 -17.16 10.50 6.75
CA LYS A 8 -17.78 9.55 7.69
C LYS A 8 -18.29 8.30 6.98
N GLU A 9 -18.59 8.43 5.72
CA GLU A 9 -19.01 7.32 4.94
C GLU A 9 -17.86 6.81 4.15
N THR A 10 -17.60 5.54 4.26
CA THR A 10 -16.54 4.94 3.55
C THR A 10 -16.96 4.65 2.12
N ILE A 11 -16.68 5.60 1.29
CA ILE A 11 -16.86 5.49 -0.12
C ILE A 11 -15.49 5.25 -0.68
N ASP A 12 -14.58 6.07 -0.25
CA ASP A 12 -13.21 5.93 -0.58
C ASP A 12 -12.49 5.56 0.69
N LEU A 13 -11.50 4.74 0.59
CA LEU A 13 -10.83 4.26 1.73
C LEU A 13 -9.36 4.51 1.59
N LEU A 14 -8.86 5.44 2.37
CA LEU A 14 -7.44 5.82 2.39
C LEU A 14 -6.56 4.77 3.09
N ALA A 15 -7.15 3.66 3.48
CA ALA A 15 -6.42 2.59 4.12
C ALA A 15 -5.55 1.93 3.09
N PHE A 16 -4.33 1.63 3.48
CA PHE A 16 -3.32 1.00 2.63
C PHE A 16 -2.95 1.84 1.42
N THR A 17 -3.29 3.11 1.46
CA THR A 17 -2.97 4.01 0.44
C THR A 17 -1.68 4.72 0.82
N SER A 18 -1.70 5.37 1.97
CA SER A 18 -0.55 6.03 2.45
C SER A 18 0.35 5.03 3.17
N VAL A 19 1.19 4.40 2.39
CA VAL A 19 2.16 3.42 2.84
C VAL A 19 3.17 3.93 3.86
N ALA A 20 3.15 5.23 4.16
CA ALA A 20 4.02 5.81 5.16
C ALA A 20 3.78 5.16 6.52
N GLU A 21 2.53 4.77 6.74
CA GLU A 21 2.14 4.10 7.96
C GLU A 21 2.75 2.71 8.01
N LEU A 22 2.77 2.00 6.88
CA LEU A 22 3.35 0.66 6.82
C LEU A 22 4.85 0.76 6.97
N GLU A 23 5.39 1.82 6.42
CA GLU A 23 6.79 2.11 6.45
C GLU A 23 7.27 2.35 7.88
N LEU A 24 6.38 2.85 8.76
CA LEU A 24 6.73 3.05 10.16
C LEU A 24 6.67 1.71 10.90
N LEU A 25 5.94 0.77 10.30
CA LEU A 25 5.66 -0.50 10.88
C LEU A 25 6.90 -1.39 10.81
N GLY A 26 7.40 -1.55 9.60
CA GLY A 26 8.52 -2.39 9.37
C GLY A 26 8.85 -2.40 7.91
N LEU A 27 9.64 -3.35 7.48
CA LEU A 27 10.01 -3.46 6.08
C LEU A 27 9.62 -4.80 5.48
N GLU A 28 9.51 -5.82 6.31
CA GLU A 28 9.23 -7.17 5.85
C GLU A 28 7.84 -7.27 5.19
N LYS A 29 6.85 -6.63 5.82
CA LYS A 29 5.48 -6.58 5.29
C LYS A 29 5.48 -6.02 3.88
N LEU A 30 6.25 -4.98 3.72
CA LEU A 30 6.42 -4.24 2.52
C LEU A 30 7.06 -5.13 1.45
N LYS A 31 8.13 -5.80 1.83
CA LYS A 31 8.87 -6.67 0.93
C LYS A 31 8.01 -7.83 0.44
N CYS A 32 7.34 -8.49 1.35
CA CYS A 32 6.48 -9.61 0.98
C CYS A 32 5.35 -9.13 0.07
N GLU A 33 4.77 -7.99 0.41
CA GLU A 33 3.71 -7.37 -0.37
C GLU A 33 4.16 -7.17 -1.84
N LEU A 34 5.40 -6.68 -2.05
CA LEU A 34 5.93 -6.47 -3.37
C LEU A 34 6.16 -7.78 -4.08
N MET A 35 6.62 -8.78 -3.32
CA MET A 35 6.88 -10.10 -3.88
C MET A 35 5.59 -10.68 -4.45
N ALA A 36 4.54 -10.64 -3.66
CA ALA A 36 3.20 -11.09 -4.07
C ALA A 36 2.67 -10.31 -5.28
N LEU A 37 3.17 -9.09 -5.51
CA LEU A 37 2.79 -8.31 -6.69
C LEU A 37 3.47 -8.86 -7.95
N GLY A 38 4.42 -9.74 -7.75
CA GLY A 38 5.13 -10.33 -8.85
C GLY A 38 6.55 -9.82 -8.92
N LEU A 39 6.85 -8.86 -8.07
CA LEU A 39 8.16 -8.26 -8.02
C LEU A 39 9.05 -9.04 -7.07
N LYS A 40 10.29 -8.67 -6.99
CA LYS A 40 11.24 -9.37 -6.13
C LYS A 40 11.62 -8.45 -4.97
N CYS A 41 10.73 -7.50 -4.70
CA CYS A 41 10.83 -6.49 -3.62
C CYS A 41 12.15 -5.69 -3.68
N GLY A 42 12.68 -5.56 -4.87
CA GLY A 42 13.90 -4.86 -5.08
C GLY A 42 13.69 -3.38 -5.19
N GLY A 43 14.68 -2.70 -5.72
CA GLY A 43 14.61 -1.27 -5.84
C GLY A 43 15.12 -0.66 -4.57
N THR A 44 14.72 0.54 -4.29
CA THR A 44 15.11 1.18 -3.07
C THR A 44 13.93 1.16 -2.08
N LEU A 45 14.20 1.44 -0.80
CA LEU A 45 13.19 1.51 0.23
C LEU A 45 12.09 2.50 -0.19
N GLN A 46 12.52 3.62 -0.73
CA GLN A 46 11.64 4.67 -1.22
C GLN A 46 10.71 4.11 -2.31
N GLU A 47 11.29 3.45 -3.29
CA GLU A 47 10.57 2.87 -4.39
C GLU A 47 9.61 1.76 -3.97
N ARG A 48 9.94 1.02 -2.92
CA ARG A 48 9.06 -0.04 -2.46
C ARG A 48 7.76 0.57 -1.98
N ALA A 49 7.91 1.65 -1.24
CA ALA A 49 6.78 2.38 -0.75
C ALA A 49 5.96 2.97 -1.90
N ALA A 50 6.65 3.44 -2.92
CA ALA A 50 6.00 4.11 -4.03
C ALA A 50 5.09 3.18 -4.81
N ARG A 51 5.55 1.95 -5.07
CA ARG A 51 4.71 1.00 -5.78
C ARG A 51 3.50 0.60 -4.96
N LEU A 52 3.70 0.37 -3.67
CA LEU A 52 2.61 -0.04 -2.80
C LEU A 52 1.58 1.06 -2.61
N PHE A 53 2.06 2.27 -2.55
CA PHE A 53 1.23 3.46 -2.42
C PHE A 53 0.32 3.59 -3.63
N SER A 54 0.90 3.39 -4.77
CA SER A 54 0.20 3.41 -6.03
C SER A 54 -0.88 2.30 -6.18
N VAL A 55 -0.71 1.15 -5.52
CA VAL A 55 -1.61 0.08 -5.68
C VAL A 55 -2.37 -0.20 -4.38
N ARG A 56 -3.62 0.19 -4.33
CA ARG A 56 -4.42 -0.06 -3.16
C ARG A 56 -4.72 -1.54 -3.01
N GLY A 57 -4.10 -2.12 -2.02
CA GLY A 57 -4.28 -3.51 -1.76
C GLY A 57 -5.41 -3.73 -0.81
N LEU A 58 -6.59 -3.38 -1.23
CA LEU A 58 -7.77 -3.54 -0.42
C LEU A 58 -8.42 -4.88 -0.67
N ALA A 59 -8.36 -5.73 0.32
CA ALA A 59 -8.95 -7.05 0.26
C ALA A 59 -10.45 -6.96 0.54
N LYS A 60 -11.16 -8.04 0.29
CA LYS A 60 -12.62 -8.11 0.45
C LYS A 60 -13.02 -7.83 1.91
N GLU A 61 -12.16 -8.23 2.84
CA GLU A 61 -12.41 -8.04 4.26
C GLU A 61 -12.19 -6.57 4.68
N GLN A 62 -11.56 -5.80 3.82
CA GLN A 62 -11.25 -4.41 4.11
C GLN A 62 -12.23 -3.50 3.40
N ILE A 63 -12.97 -4.07 2.48
CA ILE A 63 -13.95 -3.34 1.71
C ILE A 63 -15.32 -3.58 2.30
N ASP A 64 -16.07 -2.51 2.49
CA ASP A 64 -17.44 -2.57 3.01
C ASP A 64 -18.29 -3.51 2.15
N PRO A 65 -19.12 -4.37 2.76
CA PRO A 65 -19.96 -5.34 2.05
C PRO A 65 -20.88 -4.70 1.01
N ALA A 66 -21.30 -3.47 1.27
CA ALA A 66 -22.21 -2.80 0.35
C ALA A 66 -21.41 -2.05 -0.70
N LEU A 67 -20.19 -1.69 -0.36
CA LEU A 67 -19.29 -0.96 -1.26
C LEU A 67 -18.76 -1.98 -2.29
N PHE A 68 -18.71 -3.24 -1.89
CA PHE A 68 -18.20 -4.32 -2.73
C PHE A 68 -19.31 -4.88 -3.60
N ALA A 69 -20.49 -4.39 -3.36
CA ALA A 69 -21.68 -4.84 -4.04
C ALA A 69 -21.87 -4.13 -5.37
N LYS A 70 -21.09 -3.09 -5.60
CA LYS A 70 -21.17 -2.34 -6.83
C LYS A 70 -20.58 -3.17 -7.97
N PRO A 71 -21.33 -3.37 -9.08
CA PRO A 71 -20.88 -4.19 -10.21
C PRO A 71 -19.89 -3.45 -11.13
N LEU A 72 -19.17 -2.54 -10.55
CA LEU A 72 -18.20 -1.74 -11.24
C LEU A 72 -17.03 -1.51 -10.31
N LYS A 73 -15.99 -2.25 -10.54
CA LYS A 73 -14.81 -2.22 -9.70
C LYS A 73 -13.56 -1.87 -10.51
N GLY A 74 -13.63 -2.09 -11.82
CA GLY A 74 -12.48 -1.89 -12.69
C GLY A 74 -12.21 -0.44 -12.98
N LYS A 75 -13.11 0.42 -12.52
CA LYS A 75 -12.97 1.85 -12.73
C LYS A 75 -11.92 2.43 -11.79
N LYS A 76 -11.64 1.74 -10.70
CA LYS A 76 -10.71 2.25 -9.73
C LYS A 76 -9.51 1.34 -9.59
N LYS A 77 -8.43 1.87 -9.08
CA LYS A 77 -7.22 1.12 -8.84
C LYS A 77 -6.78 1.36 -7.41
N GLY A 1 -1.42 6.72 17.56
CA GLY A 1 -0.19 6.14 18.05
C GLY A 1 0.86 7.22 18.22
N PRO A 2 1.87 7.03 19.07
CA PRO A 2 2.90 8.03 19.29
C PRO A 2 3.89 8.14 18.13
N LEU A 3 4.02 7.06 17.36
CA LEU A 3 4.95 7.03 16.24
C LEU A 3 4.23 7.25 14.91
N GLY A 4 2.92 7.23 14.95
CA GLY A 4 2.16 7.46 13.76
C GLY A 4 0.77 6.91 13.90
N SER A 5 0.14 6.55 12.80
CA SER A 5 -1.23 6.02 12.82
C SER A 5 -1.20 4.52 13.14
N ILE A 6 -0.03 4.04 13.46
CA ILE A 6 0.16 2.66 13.74
C ILE A 6 -0.24 2.36 15.16
N ASP A 7 -1.23 1.53 15.28
CA ASP A 7 -1.74 1.11 16.54
C ASP A 7 -2.17 -0.32 16.41
N LYS A 8 -1.97 -1.07 17.46
CA LYS A 8 -2.21 -2.48 17.45
C LYS A 8 -3.67 -2.84 17.74
N GLU A 9 -4.41 -1.95 18.38
CA GLU A 9 -5.78 -2.24 18.79
C GLU A 9 -6.71 -2.31 17.60
N THR A 10 -7.63 -3.27 17.65
CA THR A 10 -8.60 -3.56 16.61
C THR A 10 -7.91 -4.14 15.36
N ILE A 11 -8.11 -5.43 15.15
CA ILE A 11 -7.49 -6.14 14.05
C ILE A 11 -8.22 -5.81 12.75
N ASP A 12 -7.85 -4.68 12.23
CA ASP A 12 -8.38 -4.08 11.03
C ASP A 12 -7.31 -3.05 10.66
N LEU A 13 -7.64 -2.07 9.84
CA LEU A 13 -6.69 -1.03 9.43
C LEU A 13 -5.46 -1.66 8.77
N LEU A 14 -5.71 -2.35 7.70
CA LEU A 14 -4.68 -3.06 6.98
C LEU A 14 -4.19 -2.20 5.83
N ALA A 15 -4.97 -1.21 5.49
CA ALA A 15 -4.64 -0.32 4.42
C ALA A 15 -4.63 1.09 4.96
N PHE A 16 -3.62 1.82 4.61
CA PHE A 16 -3.46 3.18 5.03
C PHE A 16 -3.46 4.07 3.82
N THR A 17 -3.93 5.29 3.99
CA THR A 17 -3.98 6.26 2.95
C THR A 17 -2.55 6.64 2.52
N SER A 18 -1.67 6.79 3.49
CA SER A 18 -0.30 7.10 3.23
C SER A 18 0.54 5.86 3.53
N VAL A 19 1.13 5.26 2.50
CA VAL A 19 1.91 4.04 2.62
C VAL A 19 3.14 4.12 3.52
N ALA A 20 3.49 5.33 3.91
CA ALA A 20 4.60 5.55 4.84
C ALA A 20 4.24 4.93 6.20
N GLU A 21 2.94 4.85 6.47
CA GLU A 21 2.46 4.27 7.68
C GLU A 21 2.73 2.77 7.65
N LEU A 22 2.54 2.10 6.50
CA LEU A 22 2.79 0.66 6.40
C LEU A 22 4.27 0.41 6.53
N GLU A 23 5.03 1.37 6.05
CA GLU A 23 6.45 1.34 6.06
C GLU A 23 6.96 1.39 7.50
N LEU A 24 6.18 1.96 8.42
CA LEU A 24 6.62 2.07 9.82
C LEU A 24 6.49 0.72 10.58
N LEU A 25 6.00 -0.31 9.89
CA LEU A 25 5.82 -1.64 10.47
C LEU A 25 7.17 -2.33 10.64
N GLY A 26 8.05 -2.06 9.71
CA GLY A 26 9.34 -2.69 9.67
C GLY A 26 9.79 -2.73 8.25
N LEU A 27 10.47 -3.79 7.86
CA LEU A 27 10.90 -3.91 6.48
C LEU A 27 10.39 -5.20 5.88
N GLU A 28 10.39 -6.25 6.68
CA GLU A 28 10.06 -7.59 6.28
C GLU A 28 8.65 -7.69 5.69
N LYS A 29 7.70 -7.05 6.32
CA LYS A 29 6.32 -7.04 5.82
C LYS A 29 6.23 -6.35 4.46
N LEU A 30 6.96 -5.26 4.30
CA LEU A 30 6.97 -4.48 3.10
C LEU A 30 7.54 -5.29 1.96
N LYS A 31 8.58 -6.04 2.26
CA LYS A 31 9.18 -6.91 1.28
C LYS A 31 8.22 -7.97 0.80
N CYS A 32 7.54 -8.62 1.72
CA CYS A 32 6.56 -9.64 1.38
C CYS A 32 5.42 -9.03 0.57
N GLU A 33 4.97 -7.85 1.00
CA GLU A 33 3.94 -7.08 0.30
C GLU A 33 4.35 -6.90 -1.18
N LEU A 34 5.62 -6.52 -1.41
CA LEU A 34 6.12 -6.34 -2.76
C LEU A 34 6.22 -7.67 -3.50
N MET A 35 6.61 -8.72 -2.78
CA MET A 35 6.73 -10.06 -3.36
C MET A 35 5.37 -10.50 -3.90
N ALA A 36 4.34 -10.39 -3.07
CA ALA A 36 2.97 -10.73 -3.45
C ALA A 36 2.48 -9.90 -4.65
N LEU A 37 2.98 -8.68 -4.78
CA LEU A 37 2.62 -7.78 -5.89
C LEU A 37 3.21 -8.23 -7.22
N GLY A 38 4.08 -9.22 -7.19
CA GLY A 38 4.69 -9.68 -8.41
C GLY A 38 6.03 -9.02 -8.63
N LEU A 39 6.58 -8.47 -7.56
CA LEU A 39 7.87 -7.84 -7.60
C LEU A 39 8.84 -8.73 -6.85
N LYS A 40 10.11 -8.42 -6.91
CA LYS A 40 11.12 -9.26 -6.27
C LYS A 40 11.62 -8.60 -5.00
N CYS A 41 10.88 -7.59 -4.57
CA CYS A 41 11.12 -6.74 -3.38
C CYS A 41 12.53 -6.11 -3.37
N GLY A 42 13.17 -6.09 -4.53
CA GLY A 42 14.53 -5.61 -4.62
C GLY A 42 14.57 -4.17 -5.03
N GLY A 43 13.91 -3.34 -4.28
CA GLY A 43 13.90 -1.94 -4.55
C GLY A 43 14.30 -1.17 -3.35
N THR A 44 14.46 0.11 -3.51
CA THR A 44 14.81 0.98 -2.42
C THR A 44 13.60 1.20 -1.52
N LEU A 45 13.83 1.87 -0.40
CA LEU A 45 12.77 2.24 0.51
C LEU A 45 11.72 3.07 -0.25
N GLN A 46 12.23 3.95 -1.08
CA GLN A 46 11.43 4.82 -1.91
C GLN A 46 10.55 3.99 -2.84
N GLU A 47 11.16 3.03 -3.54
CA GLU A 47 10.46 2.15 -4.46
C GLU A 47 9.35 1.33 -3.78
N ARG A 48 9.57 0.91 -2.52
CA ARG A 48 8.56 0.13 -1.81
C ARG A 48 7.32 0.99 -1.64
N ALA A 49 7.55 2.22 -1.24
CA ALA A 49 6.50 3.18 -1.02
C ALA A 49 5.77 3.52 -2.30
N ALA A 50 6.51 3.63 -3.39
CA ALA A 50 5.95 4.11 -4.64
C ALA A 50 4.95 3.15 -5.23
N ARG A 51 5.27 1.87 -5.23
CA ARG A 51 4.32 0.89 -5.72
C ARG A 51 3.12 0.78 -4.82
N LEU A 52 3.31 0.80 -3.52
CA LEU A 52 2.20 0.68 -2.62
C LEU A 52 1.27 1.90 -2.70
N PHE A 53 1.86 3.06 -2.77
CA PHE A 53 1.10 4.30 -2.85
C PHE A 53 0.29 4.34 -4.12
N SER A 54 0.90 3.99 -5.19
CA SER A 54 0.25 3.95 -6.47
C SER A 54 -0.75 2.76 -6.62
N VAL A 55 -0.69 1.77 -5.74
CA VAL A 55 -1.56 0.63 -5.85
C VAL A 55 -2.85 0.82 -5.04
N ARG A 56 -2.96 1.99 -4.38
CA ARG A 56 -4.14 2.33 -3.61
C ARG A 56 -5.31 2.52 -4.55
N GLY A 57 -6.29 1.66 -4.44
CA GLY A 57 -7.45 1.75 -5.28
C GLY A 57 -8.41 2.77 -4.76
N LEU A 58 -8.63 2.74 -3.48
CA LEU A 58 -9.50 3.66 -2.81
C LEU A 58 -8.82 4.18 -1.57
N ALA A 59 -9.26 5.30 -1.13
CA ALA A 59 -8.77 5.88 0.09
C ALA A 59 -9.91 5.91 1.08
N LYS A 60 -9.61 6.04 2.36
CA LYS A 60 -10.65 6.00 3.40
C LYS A 60 -11.66 7.12 3.29
N GLU A 61 -11.28 8.23 2.67
CA GLU A 61 -12.21 9.34 2.44
C GLU A 61 -13.20 9.01 1.31
N GLN A 62 -12.88 7.98 0.53
CA GLN A 62 -13.75 7.55 -0.57
C GLN A 62 -14.61 6.40 -0.06
N ILE A 63 -14.38 6.05 1.18
CA ILE A 63 -15.09 5.00 1.87
C ILE A 63 -15.90 5.69 2.98
N ASP A 64 -16.93 5.03 3.47
CA ASP A 64 -17.74 5.60 4.53
C ASP A 64 -16.96 5.52 5.83
N PRO A 65 -16.97 6.58 6.63
CA PRO A 65 -16.22 6.63 7.88
C PRO A 65 -16.76 5.65 8.93
N ALA A 66 -18.02 5.25 8.80
CA ALA A 66 -18.62 4.34 9.78
C ALA A 66 -18.10 2.92 9.59
N LEU A 67 -17.56 2.65 8.42
CA LEU A 67 -17.00 1.42 8.10
C LEU A 67 -15.60 1.28 8.71
N PHE A 68 -15.14 2.33 9.35
CA PHE A 68 -13.88 2.35 10.03
C PHE A 68 -14.18 2.54 11.52
N ALA A 69 -13.68 1.65 12.36
CA ALA A 69 -14.00 1.64 13.79
C ALA A 69 -13.38 2.81 14.53
N LYS A 70 -12.16 3.11 14.20
CA LYS A 70 -11.47 4.21 14.82
C LYS A 70 -11.95 5.52 14.23
N PRO A 71 -11.83 6.64 14.95
CA PRO A 71 -12.21 7.93 14.43
C PRO A 71 -11.29 8.35 13.27
N LEU A 72 -11.83 8.31 12.06
CA LEU A 72 -11.11 8.74 10.89
C LEU A 72 -10.99 10.24 10.94
N LYS A 73 -12.13 10.90 10.99
CA LYS A 73 -12.17 12.35 11.16
C LYS A 73 -12.88 12.69 12.45
N GLY A 74 -13.56 11.70 12.99
CA GLY A 74 -14.25 11.86 14.23
C GLY A 74 -15.65 11.31 14.13
N LYS A 75 -16.01 10.44 15.04
CA LYS A 75 -17.33 9.83 15.03
C LYS A 75 -18.30 10.67 15.84
N LYS A 76 -17.77 11.47 16.74
CA LYS A 76 -18.61 12.34 17.55
C LYS A 76 -18.81 13.67 16.84
N LYS A 77 -19.65 13.67 15.83
CA LYS A 77 -19.89 14.85 15.01
C LYS A 77 -21.37 15.10 14.89
N GLY A 1 3.34 16.71 7.53
CA GLY A 1 2.84 17.44 8.68
C GLY A 1 1.65 18.26 8.30
N PRO A 2 0.59 18.29 9.14
CA PRO A 2 -0.70 18.96 8.83
C PRO A 2 -0.59 20.47 8.59
N LEU A 3 0.45 21.11 9.08
CA LEU A 3 0.61 22.55 8.88
C LEU A 3 1.38 22.81 7.59
N GLY A 4 2.04 21.78 7.12
CA GLY A 4 2.77 21.88 5.89
C GLY A 4 1.90 21.52 4.72
N SER A 5 1.31 20.34 4.79
CA SER A 5 0.44 19.82 3.76
C SER A 5 -0.47 18.77 4.38
N ILE A 6 -1.67 18.62 3.85
CA ILE A 6 -2.60 17.63 4.36
C ILE A 6 -2.16 16.24 3.87
N ASP A 7 -1.58 15.47 4.76
CA ASP A 7 -1.10 14.13 4.44
C ASP A 7 -2.27 13.17 4.32
N LYS A 8 -2.21 12.27 3.32
CA LYS A 8 -3.23 11.24 3.03
C LYS A 8 -4.52 11.83 2.45
N GLU A 9 -5.14 12.71 3.22
CA GLU A 9 -6.41 13.30 2.88
C GLU A 9 -6.24 14.49 1.94
N THR A 10 -5.25 14.40 1.11
CA THR A 10 -4.95 15.38 0.15
C THR A 10 -6.06 15.42 -0.90
N ILE A 11 -6.62 16.56 -1.12
CA ILE A 11 -7.61 16.72 -2.15
C ILE A 11 -6.88 16.85 -3.48
N ASP A 12 -6.61 15.72 -4.07
CA ASP A 12 -5.83 15.63 -5.29
C ASP A 12 -6.03 14.28 -5.94
N LEU A 13 -6.00 14.27 -7.26
CA LEU A 13 -6.21 13.09 -8.07
C LEU A 13 -5.12 12.01 -7.84
N LEU A 14 -3.90 12.44 -7.58
CA LEU A 14 -2.78 11.54 -7.46
C LEU A 14 -2.41 11.29 -6.01
N ALA A 15 -3.30 11.63 -5.10
CA ALA A 15 -3.09 11.34 -3.70
C ALA A 15 -3.50 9.90 -3.47
N PHE A 16 -2.67 9.14 -2.81
CA PHE A 16 -2.93 7.73 -2.67
C PHE A 16 -3.01 7.25 -1.20
N THR A 17 -2.96 5.92 -1.04
CA THR A 17 -3.12 5.16 0.20
C THR A 17 -2.16 5.56 1.35
N SER A 18 -1.09 6.27 1.02
CA SER A 18 -0.03 6.67 1.94
C SER A 18 0.50 5.49 2.77
N VAL A 19 1.20 4.59 2.09
CA VAL A 19 1.84 3.41 2.72
C VAL A 19 2.88 3.74 3.82
N ALA A 20 2.99 5.01 4.20
CA ALA A 20 3.88 5.45 5.24
C ALA A 20 3.51 4.78 6.56
N GLU A 21 2.21 4.47 6.71
CA GLU A 21 1.75 3.73 7.86
C GLU A 21 2.35 2.34 7.90
N LEU A 22 2.41 1.66 6.74
CA LEU A 22 3.00 0.32 6.67
C LEU A 22 4.49 0.43 6.86
N GLU A 23 5.04 1.51 6.34
CA GLU A 23 6.45 1.81 6.43
C GLU A 23 6.89 1.93 7.89
N LEU A 24 5.96 2.27 8.79
CA LEU A 24 6.27 2.39 10.21
C LEU A 24 6.40 1.01 10.86
N LEU A 25 5.98 -0.03 10.15
CA LEU A 25 6.00 -1.38 10.69
C LEU A 25 7.41 -1.89 10.73
N GLY A 26 8.07 -1.78 9.60
CA GLY A 26 9.39 -2.28 9.43
C GLY A 26 9.66 -2.39 7.95
N LEU A 27 10.45 -3.35 7.56
CA LEU A 27 10.79 -3.53 6.15
C LEU A 27 10.17 -4.82 5.61
N GLU A 28 10.03 -5.81 6.49
CA GLU A 28 9.60 -7.12 6.10
C GLU A 28 8.20 -7.13 5.50
N LYS A 29 7.28 -6.38 6.11
CA LYS A 29 5.92 -6.26 5.59
C LYS A 29 5.90 -5.78 4.13
N LEU A 30 6.69 -4.77 3.83
CA LEU A 30 6.81 -4.19 2.53
C LEU A 30 7.42 -5.19 1.56
N LYS A 31 8.41 -5.93 2.05
CA LYS A 31 9.02 -6.97 1.23
C LYS A 31 8.03 -8.04 0.83
N CYS A 32 7.26 -8.53 1.79
CA CYS A 32 6.22 -9.54 1.51
C CYS A 32 5.22 -8.95 0.54
N GLU A 33 4.84 -7.71 0.81
CA GLU A 33 3.99 -6.93 -0.06
C GLU A 33 4.47 -6.91 -1.51
N LEU A 34 5.75 -6.67 -1.72
CA LEU A 34 6.31 -6.66 -3.06
C LEU A 34 6.33 -8.06 -3.66
N MET A 35 6.62 -9.05 -2.84
CA MET A 35 6.68 -10.43 -3.32
C MET A 35 5.33 -10.88 -3.83
N ALA A 36 4.28 -10.56 -3.07
CA ALA A 36 2.89 -10.80 -3.48
C ALA A 36 2.56 -10.14 -4.82
N LEU A 37 3.17 -8.99 -5.08
CA LEU A 37 2.96 -8.28 -6.36
C LEU A 37 3.67 -8.98 -7.52
N GLY A 38 4.47 -9.96 -7.19
CA GLY A 38 5.22 -10.68 -8.20
C GLY A 38 6.58 -10.08 -8.39
N LEU A 39 6.98 -9.24 -7.47
CA LEU A 39 8.26 -8.59 -7.53
C LEU A 39 9.25 -9.37 -6.69
N LYS A 40 10.50 -9.06 -6.82
CA LYS A 40 11.56 -9.77 -6.10
C LYS A 40 11.93 -9.02 -4.83
N CYS A 41 10.99 -8.19 -4.39
CA CYS A 41 11.09 -7.33 -3.20
C CYS A 41 12.34 -6.43 -3.20
N GLY A 42 12.79 -6.11 -4.39
CA GLY A 42 13.95 -5.28 -4.56
C GLY A 42 13.58 -3.82 -4.71
N GLY A 43 14.54 -3.04 -5.11
CA GLY A 43 14.35 -1.63 -5.26
C GLY A 43 14.70 -0.92 -3.99
N THR A 44 14.74 0.37 -4.04
CA THR A 44 15.05 1.18 -2.90
C THR A 44 13.84 1.27 -1.98
N LEU A 45 14.04 1.81 -0.78
CA LEU A 45 12.99 2.06 0.15
C LEU A 45 11.90 2.89 -0.52
N GLN A 46 12.36 3.88 -1.26
CA GLN A 46 11.53 4.77 -2.01
C GLN A 46 10.68 4.01 -3.03
N GLU A 47 11.34 3.15 -3.83
CA GLU A 47 10.68 2.32 -4.84
C GLU A 47 9.60 1.43 -4.25
N ARG A 48 9.90 0.80 -3.10
CA ARG A 48 8.98 -0.14 -2.50
C ARG A 48 7.73 0.59 -2.07
N ALA A 49 7.94 1.73 -1.43
CA ALA A 49 6.86 2.55 -0.96
C ALA A 49 6.03 3.10 -2.11
N ALA A 50 6.69 3.48 -3.19
CA ALA A 50 6.00 4.12 -4.31
C ALA A 50 5.08 3.14 -5.03
N ARG A 51 5.58 1.94 -5.26
CA ARG A 51 4.78 0.93 -5.93
C ARG A 51 3.53 0.58 -5.11
N LEU A 52 3.70 0.44 -3.82
CA LEU A 52 2.61 0.15 -2.93
C LEU A 52 1.65 1.33 -2.77
N PHE A 53 2.19 2.51 -2.65
CA PHE A 53 1.41 3.72 -2.46
C PHE A 53 0.50 3.99 -3.62
N SER A 54 1.05 3.90 -4.78
CA SER A 54 0.32 4.14 -6.01
C SER A 54 -0.82 3.14 -6.32
N VAL A 55 -0.94 2.03 -5.59
CA VAL A 55 -2.02 1.17 -5.83
C VAL A 55 -3.13 1.48 -4.82
N ARG A 56 -4.12 2.19 -5.29
CA ARG A 56 -5.23 2.60 -4.49
C ARG A 56 -6.13 1.42 -4.16
N GLY A 57 -6.63 1.40 -2.96
CA GLY A 57 -7.47 0.32 -2.53
C GLY A 57 -7.03 -0.20 -1.21
N LEU A 58 -7.70 0.22 -0.16
CA LEU A 58 -7.40 -0.19 1.20
C LEU A 58 -7.69 -1.65 1.43
N ALA A 59 -6.67 -2.38 1.70
CA ALA A 59 -6.79 -3.78 2.01
C ALA A 59 -6.98 -3.93 3.51
N LYS A 60 -7.33 -5.12 3.96
CA LYS A 60 -7.57 -5.36 5.38
C LYS A 60 -6.24 -5.27 6.14
N GLU A 61 -5.16 -5.67 5.47
CA GLU A 61 -3.80 -5.57 6.02
C GLU A 61 -3.38 -4.09 6.18
N GLN A 62 -4.11 -3.20 5.54
CA GLN A 62 -3.79 -1.78 5.57
C GLN A 62 -4.62 -1.06 6.60
N ILE A 63 -5.45 -1.79 7.28
CA ILE A 63 -6.23 -1.23 8.33
C ILE A 63 -5.43 -1.36 9.61
N ASP A 64 -5.27 -0.26 10.31
CA ASP A 64 -4.55 -0.26 11.59
C ASP A 64 -5.36 -1.04 12.59
N PRO A 65 -4.71 -1.82 13.49
CA PRO A 65 -5.38 -2.63 14.52
C PRO A 65 -6.44 -1.85 15.31
N ALA A 66 -6.18 -0.58 15.54
CA ALA A 66 -7.09 0.23 16.32
C ALA A 66 -8.24 0.77 15.46
N LEU A 67 -8.01 0.87 14.17
CA LEU A 67 -8.95 1.36 13.24
C LEU A 67 -10.03 0.35 12.86
N PHE A 68 -9.97 -0.86 13.42
CA PHE A 68 -10.96 -1.90 13.14
C PHE A 68 -12.31 -1.64 13.85
N ALA A 69 -12.51 -0.42 14.27
CA ALA A 69 -13.75 0.04 14.84
C ALA A 69 -14.38 1.05 13.88
N LYS A 70 -13.69 1.26 12.78
CA LYS A 70 -14.09 2.18 11.75
C LYS A 70 -14.15 1.38 10.44
N PRO A 71 -15.20 1.55 9.65
CA PRO A 71 -15.27 0.92 8.34
C PRO A 71 -14.42 1.69 7.33
N LEU A 72 -13.30 1.13 6.94
CA LEU A 72 -12.42 1.79 5.97
C LEU A 72 -12.84 1.48 4.55
N LYS A 73 -13.64 2.34 4.00
CA LYS A 73 -14.09 2.22 2.63
C LYS A 73 -13.53 3.37 1.82
N GLY A 74 -13.83 3.42 0.55
CA GLY A 74 -13.36 4.49 -0.31
C GLY A 74 -14.36 5.61 -0.36
N LYS A 75 -14.88 5.95 0.78
CA LYS A 75 -15.90 6.95 0.94
C LYS A 75 -15.74 7.55 2.32
N LYS A 76 -15.87 8.84 2.42
CA LYS A 76 -15.74 9.50 3.70
C LYS A 76 -17.11 9.82 4.27
N LYS A 77 -18.04 10.18 3.41
CA LYS A 77 -19.40 10.47 3.83
C LYS A 77 -20.29 9.26 3.60
N GLY A 1 -2.75 15.38 -8.75
CA GLY A 1 -1.75 16.07 -9.55
C GLY A 1 -0.99 15.12 -10.42
N PRO A 2 -0.79 15.45 -11.73
CA PRO A 2 -0.05 14.60 -12.66
C PRO A 2 1.39 14.31 -12.23
N LEU A 3 2.02 15.26 -11.58
CA LEU A 3 3.38 15.07 -11.12
C LEU A 3 3.46 15.30 -9.61
N GLY A 4 4.35 14.58 -8.96
CA GLY A 4 4.48 14.70 -7.53
C GLY A 4 3.31 14.09 -6.82
N SER A 5 2.87 12.96 -7.32
CA SER A 5 1.74 12.27 -6.79
C SER A 5 2.08 11.59 -5.45
N ILE A 6 1.78 12.29 -4.40
CA ILE A 6 1.98 11.87 -3.05
C ILE A 6 1.15 12.79 -2.15
N ASP A 7 0.06 12.26 -1.68
CA ASP A 7 -0.84 13.01 -0.84
C ASP A 7 -0.76 12.45 0.55
N LYS A 8 -0.37 13.28 1.47
CA LYS A 8 -0.23 12.85 2.85
C LYS A 8 -1.36 13.44 3.70
N GLU A 9 -2.44 13.84 3.06
CA GLU A 9 -3.58 14.39 3.80
C GLU A 9 -4.58 13.29 4.06
N THR A 10 -4.07 12.11 4.15
CA THR A 10 -4.83 10.94 4.39
C THR A 10 -5.00 10.76 5.89
N ILE A 11 -6.16 10.37 6.30
CA ILE A 11 -6.42 10.07 7.66
C ILE A 11 -6.31 8.56 7.81
N ASP A 12 -5.15 8.11 8.18
CA ASP A 12 -4.89 6.71 8.27
C ASP A 12 -5.24 6.19 9.64
N LEU A 13 -6.40 5.59 9.73
CA LEU A 13 -6.86 4.99 10.95
C LEU A 13 -7.35 3.60 10.61
N LEU A 14 -6.53 2.62 10.91
CA LEU A 14 -6.75 1.23 10.66
C LEU A 14 -7.00 0.94 9.16
N ALA A 15 -6.55 1.84 8.32
CA ALA A 15 -6.79 1.78 6.88
C ALA A 15 -5.49 1.72 6.13
N PHE A 16 -5.57 1.83 4.82
CA PHE A 16 -4.40 1.81 3.98
C PHE A 16 -4.48 2.93 2.94
N THR A 17 -3.93 4.08 3.29
CA THR A 17 -3.88 5.19 2.36
C THR A 17 -2.44 5.75 2.18
N SER A 18 -1.79 6.17 3.24
CA SER A 18 -0.44 6.61 3.06
C SER A 18 0.49 5.49 3.51
N VAL A 19 1.21 4.91 2.56
CA VAL A 19 2.12 3.80 2.80
C VAL A 19 3.21 4.06 3.82
N ALA A 20 3.42 5.32 4.18
CA ALA A 20 4.39 5.70 5.18
C ALA A 20 4.01 5.10 6.53
N GLU A 21 2.70 4.95 6.73
CA GLU A 21 2.17 4.38 7.93
C GLU A 21 2.53 2.90 7.97
N LEU A 22 2.43 2.21 6.83
CA LEU A 22 2.77 0.79 6.73
C LEU A 22 4.26 0.64 6.89
N GLU A 23 4.93 1.55 6.22
CA GLU A 23 6.37 1.65 6.18
C GLU A 23 6.98 1.70 7.58
N LEU A 24 6.28 2.29 8.55
CA LEU A 24 6.85 2.42 9.88
C LEU A 24 6.77 1.10 10.70
N LEU A 25 6.22 0.04 10.08
CA LEU A 25 6.08 -1.26 10.73
C LEU A 25 7.44 -1.93 10.82
N GLY A 26 8.07 -2.06 9.68
CA GLY A 26 9.32 -2.72 9.57
C GLY A 26 9.68 -2.85 8.11
N LEU A 27 10.38 -3.89 7.75
CA LEU A 27 10.76 -4.08 6.36
C LEU A 27 10.14 -5.34 5.76
N GLU A 28 9.90 -6.36 6.60
CA GLU A 28 9.44 -7.64 6.12
C GLU A 28 8.06 -7.56 5.46
N LYS A 29 7.14 -6.83 6.09
CA LYS A 29 5.81 -6.59 5.54
C LYS A 29 5.88 -5.94 4.16
N LEU A 30 6.75 -4.96 4.04
CA LEU A 30 6.92 -4.20 2.84
C LEU A 30 7.45 -5.09 1.74
N LYS A 31 8.50 -5.82 2.05
CA LYS A 31 9.11 -6.72 1.09
C LYS A 31 8.16 -7.83 0.64
N CYS A 32 7.51 -8.49 1.58
CA CYS A 32 6.61 -9.59 1.26
C CYS A 32 5.43 -9.09 0.42
N GLU A 33 4.89 -7.93 0.80
CA GLU A 33 3.79 -7.29 0.08
C GLU A 33 4.15 -7.10 -1.41
N LEU A 34 5.37 -6.61 -1.68
CA LEU A 34 5.83 -6.41 -3.04
C LEU A 34 6.02 -7.73 -3.75
N MET A 35 6.49 -8.72 -3.02
CA MET A 35 6.71 -10.05 -3.58
C MET A 35 5.39 -10.64 -4.05
N ALA A 36 4.36 -10.51 -3.21
CA ALA A 36 2.99 -10.94 -3.55
C ALA A 36 2.45 -10.22 -4.81
N LEU A 37 2.94 -9.02 -5.08
CA LEU A 37 2.55 -8.29 -6.30
C LEU A 37 3.22 -8.88 -7.54
N GLY A 38 4.12 -9.81 -7.35
CA GLY A 38 4.83 -10.41 -8.47
C GLY A 38 6.14 -9.72 -8.70
N LEU A 39 6.59 -9.00 -7.70
CA LEU A 39 7.81 -8.25 -7.77
C LEU A 39 8.88 -8.92 -6.92
N LYS A 40 10.09 -8.47 -7.04
CA LYS A 40 11.20 -9.03 -6.27
C LYS A 40 11.56 -8.14 -5.10
N CYS A 41 10.65 -7.25 -4.78
CA CYS A 41 10.73 -6.28 -3.66
C CYS A 41 12.03 -5.46 -3.68
N GLY A 42 12.53 -5.24 -4.87
CA GLY A 42 13.78 -4.55 -5.03
C GLY A 42 13.61 -3.06 -5.14
N GLY A 43 14.66 -2.40 -5.52
CA GLY A 43 14.66 -0.97 -5.63
C GLY A 43 15.01 -0.35 -4.31
N THR A 44 14.72 0.88 -4.18
CA THR A 44 14.95 1.58 -2.97
C THR A 44 13.73 1.43 -2.06
N LEU A 45 13.89 1.74 -0.80
CA LEU A 45 12.77 1.74 0.13
C LEU A 45 11.77 2.80 -0.35
N GLN A 46 12.31 3.83 -0.99
CA GLN A 46 11.52 4.88 -1.62
C GLN A 46 10.60 4.25 -2.69
N GLU A 47 11.19 3.45 -3.58
CA GLU A 47 10.46 2.79 -4.65
C GLU A 47 9.44 1.79 -4.11
N ARG A 48 9.80 1.10 -3.03
CA ARG A 48 8.92 0.11 -2.45
C ARG A 48 7.64 0.76 -1.94
N ALA A 49 7.81 1.88 -1.28
CA ALA A 49 6.70 2.66 -0.77
C ALA A 49 5.86 3.18 -1.90
N ALA A 50 6.51 3.59 -2.98
CA ALA A 50 5.82 4.19 -4.09
C ALA A 50 4.94 3.18 -4.81
N ARG A 51 5.48 1.99 -5.03
CA ARG A 51 4.71 0.92 -5.66
C ARG A 51 3.44 0.59 -4.87
N LEU A 52 3.56 0.50 -3.56
CA LEU A 52 2.44 0.22 -2.72
C LEU A 52 1.44 1.38 -2.72
N PHE A 53 1.97 2.57 -2.67
CA PHE A 53 1.17 3.77 -2.64
C PHE A 53 0.36 3.92 -3.89
N SER A 54 0.98 3.70 -4.99
CA SER A 54 0.34 3.76 -6.28
C SER A 54 -0.63 2.58 -6.57
N VAL A 55 -0.51 1.46 -5.84
CA VAL A 55 -1.30 0.29 -6.12
C VAL A 55 -2.61 0.30 -5.29
N ARG A 56 -2.79 1.36 -4.51
CA ARG A 56 -3.95 1.55 -3.66
C ARG A 56 -5.26 1.45 -4.42
N GLY A 57 -6.23 0.85 -3.79
CA GLY A 57 -7.51 0.70 -4.41
C GLY A 57 -8.50 1.71 -3.91
N LEU A 58 -8.19 2.37 -2.81
CA LEU A 58 -9.09 3.33 -2.24
C LEU A 58 -8.46 4.70 -2.08
N ALA A 59 -9.25 5.69 -2.39
CA ALA A 59 -8.89 7.11 -2.32
C ALA A 59 -9.14 7.67 -0.92
N LYS A 60 -9.34 8.96 -0.83
CA LYS A 60 -9.78 9.59 0.41
C LYS A 60 -11.28 9.90 0.33
N GLU A 61 -11.75 10.27 -0.88
CA GLU A 61 -13.17 10.58 -1.12
C GLU A 61 -14.06 9.34 -0.96
N GLN A 62 -13.42 8.17 -0.87
CA GLN A 62 -14.09 6.91 -0.64
C GLN A 62 -14.68 6.85 0.76
N ILE A 63 -14.23 7.74 1.61
CA ILE A 63 -14.67 7.78 2.96
C ILE A 63 -15.89 8.68 3.06
N ASP A 64 -16.98 8.11 2.71
CA ASP A 64 -18.27 8.74 2.71
C ASP A 64 -19.12 7.98 3.68
N PRO A 65 -19.99 8.66 4.45
CA PRO A 65 -20.86 8.02 5.48
C PRO A 65 -21.64 6.80 4.98
N ALA A 66 -21.91 6.73 3.68
CA ALA A 66 -22.61 5.59 3.13
C ALA A 66 -21.69 4.68 2.32
N LEU A 67 -20.63 5.25 1.75
CA LEU A 67 -19.69 4.48 0.92
C LEU A 67 -18.73 3.71 1.85
N PHE A 68 -18.55 4.26 3.01
CA PHE A 68 -17.65 3.78 4.03
C PHE A 68 -18.45 3.72 5.33
N ALA A 69 -18.92 2.54 5.66
CA ALA A 69 -19.76 2.41 6.82
C ALA A 69 -19.18 1.44 7.83
N LYS A 70 -18.72 1.99 8.92
CA LYS A 70 -18.28 1.20 10.04
C LYS A 70 -19.33 1.28 11.13
N PRO A 71 -20.02 0.19 11.45
CA PRO A 71 -21.02 0.17 12.50
C PRO A 71 -20.41 -0.24 13.85
N LEU A 72 -20.20 0.73 14.74
CA LEU A 72 -19.65 0.46 16.07
C LEU A 72 -19.80 1.68 16.98
N LYS A 73 -19.42 2.84 16.49
CA LYS A 73 -19.47 4.08 17.28
C LYS A 73 -20.88 4.62 17.37
N GLY A 74 -21.66 4.37 16.34
CA GLY A 74 -22.97 4.93 16.25
C GLY A 74 -22.92 6.21 15.44
N LYS A 75 -21.80 6.38 14.77
CA LYS A 75 -21.51 7.53 13.94
C LYS A 75 -20.77 7.04 12.72
N LYS A 76 -20.91 7.73 11.62
CA LYS A 76 -20.25 7.34 10.40
C LYS A 76 -19.59 8.50 9.69
N LYS A 77 -18.44 8.88 10.22
CA LYS A 77 -17.55 9.89 9.68
C LYS A 77 -16.14 9.53 10.15
N GLY A 1 -1.36 20.98 -1.09
CA GLY A 1 -1.93 21.43 -2.35
C GLY A 1 -2.51 20.27 -3.12
N PRO A 2 -3.12 20.52 -4.30
CA PRO A 2 -3.77 19.45 -5.10
C PRO A 2 -2.77 18.48 -5.73
N LEU A 3 -1.51 18.89 -5.77
CA LEU A 3 -0.45 18.06 -6.31
C LEU A 3 0.43 17.59 -5.15
N GLY A 4 -0.16 17.57 -3.98
CA GLY A 4 0.55 17.16 -2.80
C GLY A 4 1.25 18.33 -2.16
N SER A 5 2.52 18.45 -2.44
CA SER A 5 3.34 19.54 -1.93
C SER A 5 4.20 20.08 -3.06
N ILE A 6 3.62 20.12 -4.26
CA ILE A 6 4.29 20.56 -5.48
C ILE A 6 5.29 19.53 -5.97
N ASP A 7 4.94 18.91 -7.07
CA ASP A 7 5.74 17.94 -7.79
C ASP A 7 5.00 17.74 -9.10
N LYS A 8 5.42 16.84 -9.93
CA LYS A 8 4.72 16.60 -11.18
C LYS A 8 3.69 15.50 -10.95
N GLU A 9 3.89 14.76 -9.88
CA GLU A 9 3.02 13.68 -9.52
C GLU A 9 2.49 13.93 -8.14
N THR A 10 1.47 13.24 -7.78
CA THR A 10 0.92 13.31 -6.48
C THR A 10 1.60 12.29 -5.57
N ILE A 11 2.74 12.66 -5.04
CA ILE A 11 3.49 11.78 -4.16
C ILE A 11 3.01 11.99 -2.74
N ASP A 12 2.77 13.23 -2.42
CA ASP A 12 2.28 13.58 -1.11
C ASP A 12 0.78 13.37 -1.05
N LEU A 13 0.31 12.96 0.09
CA LEU A 13 -1.06 12.69 0.31
C LEU A 13 -1.45 13.53 1.48
N LEU A 14 -2.40 14.39 1.26
CA LEU A 14 -2.89 15.34 2.26
C LEU A 14 -3.26 14.66 3.59
N ALA A 15 -4.01 13.59 3.52
CA ALA A 15 -4.31 12.81 4.71
C ALA A 15 -3.19 11.79 4.91
N PHE A 16 -2.81 11.53 6.14
CA PHE A 16 -1.73 10.59 6.37
C PHE A 16 -2.30 9.17 6.41
N THR A 17 -2.65 8.70 5.24
CA THR A 17 -3.17 7.40 5.01
C THR A 17 -2.24 6.71 3.96
N SER A 18 -1.02 7.20 3.89
CA SER A 18 -0.06 6.71 2.94
C SER A 18 0.64 5.45 3.47
N VAL A 19 1.27 4.70 2.58
CA VAL A 19 2.05 3.48 2.91
C VAL A 19 3.17 3.70 3.95
N ALA A 20 3.41 4.96 4.30
CA ALA A 20 4.43 5.30 5.26
C ALA A 20 4.03 4.76 6.64
N GLU A 21 2.71 4.63 6.85
CA GLU A 21 2.21 4.08 8.09
C GLU A 21 2.72 2.67 8.29
N LEU A 22 2.69 1.86 7.22
CA LEU A 22 3.13 0.48 7.29
C LEU A 22 4.63 0.41 7.47
N GLU A 23 5.30 1.37 6.87
CA GLU A 23 6.73 1.42 6.87
C GLU A 23 7.27 1.79 8.25
N LEU A 24 6.43 2.39 9.10
CA LEU A 24 6.85 2.74 10.45
C LEU A 24 6.84 1.48 11.32
N LEU A 25 6.07 0.50 10.87
CA LEU A 25 5.83 -0.73 11.60
C LEU A 25 7.04 -1.63 11.51
N GLY A 26 7.54 -1.77 10.30
CA GLY A 26 8.64 -2.62 10.00
C GLY A 26 8.92 -2.54 8.52
N LEU A 27 9.69 -3.47 8.00
CA LEU A 27 10.04 -3.48 6.58
C LEU A 27 9.64 -4.79 5.93
N GLU A 28 9.34 -5.79 6.74
CA GLU A 28 9.05 -7.14 6.27
C GLU A 28 7.78 -7.18 5.40
N LYS A 29 6.75 -6.47 5.86
CA LYS A 29 5.49 -6.41 5.14
C LYS A 29 5.66 -5.78 3.78
N LEU A 30 6.54 -4.80 3.69
CA LEU A 30 6.79 -4.08 2.50
C LEU A 30 7.39 -5.03 1.46
N LYS A 31 8.37 -5.79 1.89
CA LYS A 31 9.01 -6.77 1.04
C LYS A 31 8.04 -7.84 0.56
N CYS A 32 7.27 -8.41 1.49
CA CYS A 32 6.31 -9.44 1.17
C CYS A 32 5.24 -8.94 0.22
N GLU A 33 4.74 -7.75 0.49
CA GLU A 33 3.72 -7.13 -0.31
C GLU A 33 4.19 -6.93 -1.76
N LEU A 34 5.43 -6.50 -1.95
CA LEU A 34 5.97 -6.31 -3.29
C LEU A 34 6.13 -7.63 -3.99
N MET A 35 6.55 -8.64 -3.25
CA MET A 35 6.72 -9.96 -3.82
C MET A 35 5.39 -10.53 -4.29
N ALA A 36 4.35 -10.38 -3.47
CA ALA A 36 3.00 -10.80 -3.82
C ALA A 36 2.45 -10.04 -5.04
N LEU A 37 2.98 -8.83 -5.29
CA LEU A 37 2.62 -8.07 -6.50
C LEU A 37 3.29 -8.68 -7.72
N GLY A 38 4.26 -9.54 -7.50
CA GLY A 38 4.98 -10.14 -8.58
C GLY A 38 6.32 -9.48 -8.78
N LEU A 39 6.82 -8.87 -7.73
CA LEU A 39 8.12 -8.22 -7.76
C LEU A 39 9.09 -8.98 -6.90
N LYS A 40 10.34 -8.59 -6.94
CA LYS A 40 11.38 -9.25 -6.17
C LYS A 40 11.74 -8.37 -4.96
N CYS A 41 10.84 -7.43 -4.71
CA CYS A 41 10.89 -6.41 -3.63
C CYS A 41 12.18 -5.57 -3.67
N GLY A 42 12.80 -5.55 -4.84
CA GLY A 42 14.04 -4.87 -5.02
C GLY A 42 13.84 -3.41 -5.33
N GLY A 43 14.91 -2.69 -5.36
CA GLY A 43 14.84 -1.29 -5.58
C GLY A 43 15.12 -0.57 -4.31
N THR A 44 14.92 0.70 -4.33
CA THR A 44 15.14 1.49 -3.16
C THR A 44 13.93 1.45 -2.24
N LEU A 45 14.11 1.91 -1.03
CA LEU A 45 13.06 2.06 -0.07
C LEU A 45 11.97 2.96 -0.66
N GLN A 46 12.42 3.99 -1.39
CA GLN A 46 11.53 4.91 -2.10
C GLN A 46 10.67 4.12 -3.10
N GLU A 47 11.33 3.29 -3.92
CA GLU A 47 10.70 2.44 -4.92
C GLU A 47 9.63 1.55 -4.30
N ARG A 48 9.95 0.96 -3.14
CA ARG A 48 9.04 0.03 -2.50
C ARG A 48 7.77 0.73 -2.05
N ALA A 49 7.96 1.89 -1.45
CA ALA A 49 6.85 2.68 -0.95
C ALA A 49 5.96 3.14 -2.08
N ALA A 50 6.58 3.52 -3.18
CA ALA A 50 5.87 4.10 -4.29
C ALA A 50 4.98 3.09 -4.98
N ARG A 51 5.49 1.90 -5.18
CA ARG A 51 4.71 0.87 -5.84
C ARG A 51 3.50 0.47 -4.99
N LEU A 52 3.68 0.35 -3.69
CA LEU A 52 2.60 0.02 -2.80
C LEU A 52 1.58 1.15 -2.69
N PHE A 53 2.08 2.35 -2.65
CA PHE A 53 1.23 3.52 -2.55
C PHE A 53 0.36 3.64 -3.78
N SER A 54 0.96 3.47 -4.90
CA SER A 54 0.28 3.53 -6.17
C SER A 54 -0.65 2.32 -6.48
N VAL A 55 -0.55 1.21 -5.72
CA VAL A 55 -1.37 0.06 -6.00
C VAL A 55 -2.79 0.28 -5.45
N ARG A 56 -2.91 1.25 -4.55
CA ARG A 56 -4.16 1.60 -3.92
C ARG A 56 -5.18 2.06 -4.97
N GLY A 57 -6.27 1.32 -5.08
CA GLY A 57 -7.29 1.69 -6.02
C GLY A 57 -7.36 0.73 -7.19
N LEU A 58 -6.26 0.05 -7.42
CA LEU A 58 -6.17 -0.87 -8.52
C LEU A 58 -6.00 -2.26 -8.00
N ALA A 59 -6.52 -3.22 -8.72
CA ALA A 59 -6.30 -4.59 -8.38
C ALA A 59 -4.98 -5.00 -8.99
N LYS A 60 -4.36 -6.00 -8.44
CA LYS A 60 -3.03 -6.44 -8.87
C LYS A 60 -2.98 -6.83 -10.35
N GLU A 61 -4.01 -7.49 -10.86
CA GLU A 61 -4.08 -7.84 -12.27
C GLU A 61 -4.42 -6.65 -13.18
N GLN A 62 -4.75 -5.50 -12.60
CA GLN A 62 -5.08 -4.31 -13.40
C GLN A 62 -3.83 -3.55 -13.76
N ILE A 63 -2.73 -4.02 -13.27
CA ILE A 63 -1.45 -3.44 -13.55
C ILE A 63 -0.76 -4.37 -14.54
N ASP A 64 0.14 -3.86 -15.34
CA ASP A 64 0.75 -4.65 -16.39
C ASP A 64 1.75 -5.65 -15.82
N PRO A 65 1.66 -6.93 -16.25
CA PRO A 65 2.53 -8.01 -15.77
C PRO A 65 3.99 -7.81 -16.13
N ALA A 66 4.26 -7.05 -17.19
CA ALA A 66 5.64 -6.87 -17.66
C ALA A 66 6.38 -5.85 -16.80
N LEU A 67 5.63 -5.04 -16.07
CA LEU A 67 6.17 -4.11 -15.19
C LEU A 67 6.61 -4.82 -13.91
N PHE A 68 6.03 -5.97 -13.69
CA PHE A 68 6.38 -6.83 -12.62
C PHE A 68 7.31 -7.89 -13.19
N ALA A 69 7.41 -8.99 -12.51
CA ALA A 69 8.13 -10.14 -12.99
C ALA A 69 7.11 -11.26 -13.25
N LYS A 70 5.88 -10.86 -13.52
CA LYS A 70 4.79 -11.80 -13.76
C LYS A 70 4.85 -12.35 -15.17
N PRO A 71 4.38 -13.58 -15.39
CA PRO A 71 4.21 -14.13 -16.73
C PRO A 71 3.13 -13.33 -17.45
N LEU A 72 3.52 -12.64 -18.50
CA LEU A 72 2.61 -11.75 -19.22
C LEU A 72 1.48 -12.50 -19.92
N LYS A 73 0.32 -12.44 -19.33
CA LYS A 73 -0.87 -13.04 -19.91
C LYS A 73 -1.59 -11.98 -20.72
N GLY A 74 -1.57 -10.77 -20.21
CA GLY A 74 -2.17 -9.67 -20.89
C GLY A 74 -3.62 -9.49 -20.53
N LYS A 75 -4.05 -10.18 -19.51
CA LYS A 75 -5.42 -10.06 -19.09
C LYS A 75 -5.56 -9.19 -17.88
N LYS A 76 -5.83 -7.94 -18.13
CA LYS A 76 -6.10 -6.99 -17.07
C LYS A 76 -7.59 -7.05 -16.80
N LYS A 77 -8.31 -7.42 -17.84
CA LYS A 77 -9.73 -7.64 -17.79
C LYS A 77 -9.95 -9.12 -17.57
N GLY A 1 -12.34 -1.11 13.20
CA GLY A 1 -13.53 -1.23 14.04
C GLY A 1 -13.75 0.02 14.88
N PRO A 2 -14.98 0.59 14.88
CA PRO A 2 -15.30 1.80 15.67
C PRO A 2 -15.26 1.54 17.19
N LEU A 3 -15.43 0.28 17.57
CA LEU A 3 -15.42 -0.10 18.97
C LEU A 3 -14.05 -0.63 19.36
N GLY A 4 -13.11 -0.49 18.45
CA GLY A 4 -11.79 -0.96 18.69
C GLY A 4 -10.79 0.15 18.52
N SER A 5 -9.55 -0.17 18.73
CA SER A 5 -8.48 0.81 18.62
C SER A 5 -7.83 0.73 17.24
N ILE A 6 -8.17 -0.30 16.51
CA ILE A 6 -7.65 -0.52 15.19
C ILE A 6 -8.71 -0.15 14.16
N ASP A 7 -8.44 0.87 13.40
CA ASP A 7 -9.32 1.33 12.35
C ASP A 7 -8.53 2.23 11.43
N LYS A 8 -9.18 3.00 10.61
CA LYS A 8 -8.53 3.88 9.72
C LYS A 8 -8.76 5.35 10.10
N GLU A 9 -7.69 6.03 10.44
CA GLU A 9 -7.71 7.45 10.80
C GLU A 9 -7.23 8.23 9.59
N THR A 10 -7.44 7.63 8.47
CA THR A 10 -7.00 8.09 7.21
C THR A 10 -7.82 9.30 6.75
N ILE A 11 -7.24 10.09 5.87
CA ILE A 11 -7.93 11.22 5.28
C ILE A 11 -8.88 10.66 4.21
N ASP A 12 -8.46 9.58 3.60
CA ASP A 12 -9.26 8.85 2.63
C ASP A 12 -10.18 7.93 3.41
N LEU A 13 -11.43 7.92 3.08
CA LEU A 13 -12.41 7.15 3.84
C LEU A 13 -12.55 5.72 3.30
N LEU A 14 -11.84 5.43 2.25
CA LEU A 14 -11.96 4.14 1.63
C LEU A 14 -10.90 3.19 2.16
N ALA A 15 -9.63 3.58 2.08
CA ALA A 15 -8.57 2.68 2.47
C ALA A 15 -7.26 3.39 2.77
N PHE A 16 -6.37 2.64 3.42
CA PHE A 16 -5.03 3.10 3.74
C PHE A 16 -4.26 3.28 2.43
N THR A 17 -3.97 4.50 2.10
CA THR A 17 -3.29 4.81 0.90
C THR A 17 -1.82 5.20 1.17
N SER A 18 -1.59 5.98 2.22
CA SER A 18 -0.26 6.42 2.57
C SER A 18 0.54 5.34 3.26
N VAL A 19 1.15 4.51 2.44
CA VAL A 19 1.95 3.38 2.85
C VAL A 19 3.19 3.74 3.68
N ALA A 20 3.48 5.03 3.83
CA ALA A 20 4.61 5.47 4.66
C ALA A 20 4.33 5.08 6.11
N GLU A 21 3.06 5.11 6.43
CA GLU A 21 2.58 4.75 7.71
C GLU A 21 2.76 3.26 7.95
N LEU A 22 2.60 2.45 6.89
CA LEU A 22 2.80 1.01 6.93
C LEU A 22 4.28 0.75 7.10
N GLU A 23 5.03 1.55 6.39
CA GLU A 23 6.48 1.53 6.37
C GLU A 23 7.02 1.84 7.76
N LEU A 24 6.23 2.46 8.63
CA LEU A 24 6.68 2.72 10.00
C LEU A 24 6.60 1.44 10.86
N LEU A 25 5.92 0.41 10.33
CA LEU A 25 5.72 -0.82 11.07
C LEU A 25 7.00 -1.60 11.08
N GLY A 26 7.60 -1.69 9.92
CA GLY A 26 8.78 -2.43 9.67
C GLY A 26 9.06 -2.39 8.20
N LEU A 27 9.70 -3.39 7.67
CA LEU A 27 9.99 -3.43 6.24
C LEU A 27 9.73 -4.79 5.63
N GLU A 28 9.55 -5.79 6.47
CA GLU A 28 9.33 -7.16 6.02
C GLU A 28 8.00 -7.27 5.25
N LYS A 29 6.97 -6.64 5.80
CA LYS A 29 5.63 -6.62 5.21
C LYS A 29 5.67 -5.97 3.83
N LEU A 30 6.49 -4.97 3.72
CA LEU A 30 6.69 -4.20 2.55
C LEU A 30 7.32 -5.08 1.46
N LYS A 31 8.35 -5.84 1.83
CA LYS A 31 9.02 -6.75 0.91
C LYS A 31 8.09 -7.84 0.40
N CYS A 32 7.38 -8.47 1.31
CA CYS A 32 6.46 -9.54 0.96
C CYS A 32 5.39 -9.01 0.00
N GLU A 33 4.91 -7.81 0.28
CA GLU A 33 3.93 -7.14 -0.54
C GLU A 33 4.43 -7.00 -1.99
N LEU A 34 5.70 -6.65 -2.17
CA LEU A 34 6.28 -6.48 -3.48
C LEU A 34 6.35 -7.81 -4.19
N MET A 35 6.69 -8.85 -3.44
CA MET A 35 6.75 -10.18 -4.01
C MET A 35 5.38 -10.64 -4.45
N ALA A 36 4.38 -10.37 -3.62
CA ALA A 36 2.98 -10.66 -3.97
C ALA A 36 2.52 -9.86 -5.20
N LEU A 37 3.13 -8.71 -5.42
CA LEU A 37 2.85 -7.89 -6.61
C LEU A 37 3.63 -8.41 -7.83
N GLY A 38 4.48 -9.38 -7.59
CA GLY A 38 5.22 -10.01 -8.67
C GLY A 38 6.64 -9.53 -8.76
N LEU A 39 7.00 -8.61 -7.91
CA LEU A 39 8.33 -8.05 -7.91
C LEU A 39 9.26 -8.92 -7.07
N LYS A 40 10.55 -8.64 -7.13
CA LYS A 40 11.53 -9.47 -6.44
C LYS A 40 11.95 -8.80 -5.12
N CYS A 41 11.16 -7.81 -4.74
CA CYS A 41 11.30 -6.99 -3.51
C CYS A 41 12.70 -6.38 -3.34
N GLY A 42 13.41 -6.19 -4.44
CA GLY A 42 14.77 -5.69 -4.38
C GLY A 42 14.83 -4.20 -4.63
N GLY A 43 13.75 -3.52 -4.34
CA GLY A 43 13.71 -2.10 -4.52
C GLY A 43 14.07 -1.37 -3.25
N THR A 44 14.45 -0.13 -3.40
CA THR A 44 14.86 0.70 -2.28
C THR A 44 13.64 1.06 -1.43
N LEU A 45 13.89 1.68 -0.28
CA LEU A 45 12.86 2.07 0.62
C LEU A 45 11.83 2.96 -0.09
N GLN A 46 12.33 3.90 -0.90
CA GLN A 46 11.48 4.77 -1.70
C GLN A 46 10.62 3.95 -2.66
N GLU A 47 11.27 3.07 -3.42
CA GLU A 47 10.63 2.21 -4.40
C GLU A 47 9.55 1.32 -3.83
N ARG A 48 9.80 0.73 -2.66
CA ARG A 48 8.83 -0.17 -2.04
C ARG A 48 7.59 0.62 -1.70
N ALA A 49 7.82 1.79 -1.12
CA ALA A 49 6.76 2.68 -0.72
C ALA A 49 5.99 3.19 -1.93
N ALA A 50 6.68 3.46 -3.00
CA ALA A 50 6.06 4.01 -4.20
C ALA A 50 5.12 3.00 -4.84
N ARG A 51 5.57 1.76 -4.93
CA ARG A 51 4.77 0.71 -5.51
C ARG A 51 3.52 0.42 -4.70
N LEU A 52 3.66 0.36 -3.39
CA LEU A 52 2.55 0.06 -2.50
C LEU A 52 1.52 1.17 -2.47
N PHE A 53 2.01 2.38 -2.46
CA PHE A 53 1.17 3.56 -2.40
C PHE A 53 0.29 3.63 -3.60
N SER A 54 0.87 3.41 -4.73
CA SER A 54 0.17 3.47 -6.00
C SER A 54 -0.83 2.32 -6.25
N VAL A 55 -0.83 1.27 -5.44
CA VAL A 55 -1.75 0.21 -5.62
C VAL A 55 -2.74 0.16 -4.46
N ARG A 56 -4.01 0.26 -4.78
CA ARG A 56 -5.06 0.17 -3.80
C ARG A 56 -5.16 -1.27 -3.33
N GLY A 57 -5.17 -1.49 -2.05
CA GLY A 57 -5.31 -2.82 -1.55
C GLY A 57 -5.07 -2.92 -0.07
N LEU A 58 -6.14 -3.11 0.67
CA LEU A 58 -6.07 -3.30 2.10
C LEU A 58 -5.54 -4.68 2.41
N ALA A 59 -4.83 -4.80 3.50
CA ALA A 59 -4.37 -6.09 3.96
C ALA A 59 -5.53 -6.80 4.60
N LYS A 60 -5.46 -8.12 4.68
CA LYS A 60 -6.55 -8.93 5.23
C LYS A 60 -6.87 -8.51 6.68
N GLU A 61 -5.86 -8.08 7.40
CA GLU A 61 -6.02 -7.58 8.77
C GLU A 61 -6.69 -6.19 8.81
N GLN A 62 -6.62 -5.44 7.72
CA GLN A 62 -7.12 -4.06 7.68
C GLN A 62 -8.56 -3.99 7.21
N ILE A 63 -9.03 -5.07 6.63
CA ILE A 63 -10.39 -5.14 6.15
C ILE A 63 -11.29 -5.53 7.30
N ASP A 64 -12.42 -4.87 7.43
CA ASP A 64 -13.36 -5.16 8.51
C ASP A 64 -14.00 -6.54 8.28
N PRO A 65 -14.22 -7.33 9.35
CA PRO A 65 -14.84 -8.67 9.27
C PRO A 65 -16.19 -8.66 8.56
N ALA A 66 -16.92 -7.55 8.66
CA ALA A 66 -18.24 -7.46 8.04
C ALA A 66 -18.12 -7.32 6.53
N LEU A 67 -17.00 -6.77 6.08
CA LEU A 67 -16.71 -6.61 4.72
C LEU A 67 -16.27 -7.93 4.09
N PHE A 68 -15.83 -8.84 4.93
CA PHE A 68 -15.38 -10.11 4.46
C PHE A 68 -16.49 -11.03 4.04
N ALA A 69 -16.53 -11.26 2.77
CA ALA A 69 -17.39 -12.25 2.17
C ALA A 69 -16.57 -13.53 2.03
N LYS A 70 -15.25 -13.37 2.22
CA LYS A 70 -14.24 -14.41 2.17
C LYS A 70 -13.92 -14.90 0.77
N PRO A 71 -12.89 -14.31 0.17
CA PRO A 71 -12.45 -14.68 -1.15
C PRO A 71 -11.36 -15.74 -1.07
N LEU A 72 -10.59 -15.91 -2.13
CA LEU A 72 -9.57 -16.95 -2.17
C LEU A 72 -8.37 -16.62 -1.28
N LYS A 73 -7.86 -15.41 -1.37
CA LYS A 73 -6.71 -15.04 -0.55
C LYS A 73 -7.01 -13.90 0.44
N GLY A 74 -7.80 -12.94 0.01
CA GLY A 74 -8.13 -11.83 0.87
C GLY A 74 -8.20 -10.55 0.08
N LYS A 75 -7.14 -10.27 -0.64
CA LYS A 75 -7.09 -9.10 -1.47
C LYS A 75 -7.70 -9.38 -2.82
N LYS A 76 -8.18 -8.34 -3.45
CA LYS A 76 -8.76 -8.47 -4.76
C LYS A 76 -7.67 -8.29 -5.81
N LYS A 77 -7.06 -9.38 -6.19
CA LYS A 77 -6.05 -9.36 -7.21
C LYS A 77 -6.43 -10.39 -8.23
#